data_4YAJ
#
_entry.id   4YAJ
#
_cell.length_a   105.808
_cell.length_b   111.244
_cell.length_c   125.807
_cell.angle_alpha   90.00
_cell.angle_beta   90.00
_cell.angle_gamma   90.00
#
_symmetry.space_group_name_H-M   'P 21 21 21'
#
loop_
_entity.id
_entity.type
_entity.pdbx_description
1 polymer 'alpha subunit of Acetyl-coenzyme A synthetase (dinucleotide-forming) 3'
2 polymer 'beta subunit of Acetyl-coenzyme A synthetase (dinucleotide-forming) 3'
3 non-polymer 'SODIUM ION'
4 water water
#
loop_
_entity_poly.entity_id
_entity_poly.type
_entity_poly.pdbx_seq_one_letter_code
_entity_poly.pdbx_strand_id
1 'polypeptide(L)'
;MNDLERLFNPSAIAVVGASKDPSKIGSQILRNLLSYGFKGKVYPINPTADELMGLKCYPKVSDVPDKVDVAVISVPSDKV
LGVIDDCGKAGVKFAVVITSGFKEVGNEELEEELVRRAHSYGMRVLGPNIFGYLYAPARLNATFGPKDVLSGNVAFISQS
GALGIALMGYTVVENIGISSIVSVGNKADLDDVDLLDFFDKDPNTGVIMIYLEGIAPGRGRMFIDVASRVSLRKPIIVIK
AGRTEVGARAAASHTGSIAGSVAIYESAFKQSGILMAKSVEDAFDWTKALSWNPIPEGERLIVLTNGGGAGVQSTDTFAD
NGIYLSKPPESLIQEIKKFVPPFASFANPIDITGMAPDDWYYMGTLAALKNPDVDALTVLYCQTAVTTPIGVAKGIVDAI
KEAGNSKPVTVGMVGGPEVAEAVSFLNKQRIAAYPTPERASSAMSALYAYARARSYVMKSLAVR
;
A,C
2 'polypeptide(L)'
;MSSRDLLLKAKENGRKSLLEHEAKYFISSYGIPVTNIRLAKSEEEAVNFSREIGFPVVLKIVSPQVVHKSDVGGVKVNLR
SEEEVRKAYREIIENVKRNVPNAEIEGILVQEFAPPGVELIIGLLRDPQFGPTVMFGLGGVFVELFRDVSFRVAPLSEQD
AESMIKEVKAYKLLTGFRGMEPVDIEAIKDALIRAGRIGVENEEIAEMDLNPVIAYPKGIKVVDARIILR
;
B,D
#
loop_
_chem_comp.id
_chem_comp.type
_chem_comp.name
_chem_comp.formula
NA non-polymer 'SODIUM ION' 'Na 1'
#
# COMPACT_ATOMS: atom_id res chain seq x y z
N ASP A 3 -15.09 -3.34 36.62
CA ASP A 3 -13.84 -2.96 37.27
C ASP A 3 -12.88 -4.16 37.32
N LEU A 4 -11.75 -4.03 36.62
CA LEU A 4 -10.82 -5.14 36.48
C LEU A 4 -9.55 -4.93 37.30
N GLU A 5 -9.63 -4.06 38.30
CA GLU A 5 -8.51 -3.77 39.19
C GLU A 5 -8.02 -5.05 39.87
N ARG A 6 -8.96 -5.88 40.31
CA ARG A 6 -8.61 -7.08 41.06
C ARG A 6 -8.20 -8.22 40.14
N LEU A 7 -8.44 -8.06 38.85
CA LEU A 7 -7.98 -9.04 37.87
C LEU A 7 -6.49 -8.85 37.62
N PHE A 8 -6.08 -7.60 37.42
CA PHE A 8 -4.69 -7.32 37.10
C PHE A 8 -3.83 -7.20 38.35
N ASN A 9 -4.45 -6.82 39.47
CA ASN A 9 -3.76 -6.69 40.74
C ASN A 9 -4.43 -7.51 41.84
N PRO A 10 -4.43 -8.84 41.70
CA PRO A 10 -5.06 -9.71 42.70
C PRO A 10 -4.22 -9.90 43.95
N SER A 11 -4.88 -10.19 45.07
CA SER A 11 -4.20 -10.51 46.30
C SER A 11 -3.91 -12.01 46.35
N ALA A 12 -4.80 -12.79 45.73
CA ALA A 12 -4.69 -14.23 45.71
C ALA A 12 -5.14 -14.82 44.37
N ILE A 13 -4.35 -15.77 43.87
CA ILE A 13 -4.63 -16.44 42.61
C ILE A 13 -4.63 -17.95 42.82
N ALA A 14 -5.70 -18.61 42.37
CA ALA A 14 -5.76 -20.06 42.38
C ALA A 14 -5.41 -20.57 40.99
N VAL A 15 -4.65 -21.67 40.94
CA VAL A 15 -4.32 -22.34 39.69
C VAL A 15 -4.94 -23.73 39.70
N VAL A 16 -5.99 -23.91 38.90
CA VAL A 16 -6.69 -25.20 38.82
C VAL A 16 -6.22 -25.97 37.59
N GLY A 17 -5.66 -27.16 37.85
CA GLY A 17 -5.16 -28.01 36.78
C GLY A 17 -3.67 -28.26 36.88
N ALA A 18 -3.03 -27.67 37.89
CA ALA A 18 -1.61 -27.90 38.13
C ALA A 18 -1.40 -29.31 38.65
N SER A 19 -0.17 -29.80 38.49
CA SER A 19 0.15 -31.19 38.83
C SER A 19 1.65 -31.40 38.95
N LYS A 20 2.04 -32.56 39.46
CA LYS A 20 3.45 -32.92 39.53
C LYS A 20 4.01 -33.08 38.12
N ASP A 21 3.13 -33.38 37.17
CA ASP A 21 3.56 -33.52 35.79
C ASP A 21 3.89 -32.13 35.24
N PRO A 22 5.17 -31.89 34.90
CA PRO A 22 5.53 -30.55 34.42
C PRO A 22 5.11 -30.26 32.98
N SER A 23 4.49 -31.23 32.32
CA SER A 23 4.08 -31.03 30.93
C SER A 23 2.66 -30.45 30.86
N LYS A 24 1.93 -30.54 31.97
CA LYS A 24 0.57 -30.02 32.03
C LYS A 24 0.55 -28.50 31.95
N ILE A 25 -0.47 -27.96 31.29
CA ILE A 25 -0.62 -26.53 31.08
C ILE A 25 -0.66 -25.76 32.41
N GLY A 26 -1.46 -26.26 33.35
CA GLY A 26 -1.59 -25.63 34.64
C GLY A 26 -0.25 -25.55 35.35
N SER A 27 0.57 -26.58 35.18
CA SER A 27 1.89 -26.62 35.79
C SER A 27 2.80 -25.57 35.20
N GLN A 28 2.71 -25.38 33.89
CA GLN A 28 3.50 -24.37 33.20
C GLN A 28 3.12 -22.98 33.69
N ILE A 29 1.82 -22.76 33.87
CA ILE A 29 1.31 -21.49 34.37
C ILE A 29 1.82 -21.22 35.78
N LEU A 30 1.75 -22.25 36.63
CA LEU A 30 2.21 -22.13 38.00
C LEU A 30 3.69 -21.76 38.06
N ARG A 31 4.50 -22.41 37.23
CA ARG A 31 5.93 -22.11 37.19
C ARG A 31 6.20 -20.67 36.80
N ASN A 32 5.53 -20.20 35.75
CA ASN A 32 5.70 -18.83 35.31
C ASN A 32 5.32 -17.85 36.41
N LEU A 33 4.24 -18.15 37.13
CA LEU A 33 3.80 -17.30 38.23
C LEU A 33 4.88 -17.14 39.28
N LEU A 34 5.54 -18.23 39.65
CA LEU A 34 6.56 -18.19 40.69
C LEU A 34 7.85 -17.55 40.19
N SER A 35 8.26 -17.90 38.98
CA SER A 35 9.52 -17.43 38.44
C SER A 35 9.49 -15.92 38.13
N TYR A 36 8.31 -15.41 37.77
CA TYR A 36 8.16 -14.00 37.43
C TYR A 36 8.02 -13.13 38.69
N GLY A 37 7.82 -13.78 39.84
CA GLY A 37 7.91 -13.09 41.12
C GLY A 37 6.63 -12.51 41.67
N PHE A 38 5.50 -13.19 41.46
CA PHE A 38 4.25 -12.71 42.03
C PHE A 38 4.36 -12.68 43.56
N LYS A 39 4.00 -11.55 44.18
CA LYS A 39 4.19 -11.37 45.61
C LYS A 39 2.93 -11.67 46.41
N GLY A 40 1.79 -11.82 45.75
CA GLY A 40 0.57 -12.21 46.44
C GLY A 40 0.63 -13.68 46.78
N LYS A 41 -0.50 -14.24 47.20
CA LYS A 41 -0.56 -15.67 47.50
C LYS A 41 -1.03 -16.49 46.30
N VAL A 42 -0.36 -17.63 46.10
CA VAL A 42 -0.71 -18.56 45.03
C VAL A 42 -1.21 -19.87 45.63
N TYR A 43 -2.34 -20.33 45.13
CA TYR A 43 -2.98 -21.54 45.64
C TYR A 43 -3.15 -22.60 44.56
N PRO A 44 -2.22 -23.55 44.48
CA PRO A 44 -2.42 -24.66 43.54
C PRO A 44 -3.61 -25.51 43.95
N ILE A 45 -4.43 -25.91 42.97
CA ILE A 45 -5.60 -26.73 43.23
C ILE A 45 -5.45 -28.06 42.51
N ASN A 46 -5.57 -29.15 43.27
CA ASN A 46 -5.31 -30.49 42.78
C ASN A 46 -5.91 -31.51 43.74
N PRO A 47 -6.50 -32.60 43.22
CA PRO A 47 -7.19 -33.54 44.09
C PRO A 47 -6.32 -34.22 45.15
N THR A 48 -5.11 -34.61 44.76
CA THR A 48 -4.27 -35.46 45.60
C THR A 48 -3.11 -34.71 46.25
N ALA A 49 -2.29 -34.08 45.42
CA ALA A 49 -1.08 -33.39 45.89
C ALA A 49 -1.34 -32.56 47.14
N ASP A 50 -0.48 -32.71 48.14
CA ASP A 50 -0.54 -31.90 49.35
C ASP A 50 0.29 -30.65 49.17
N GLU A 51 1.19 -30.68 48.19
CA GLU A 51 2.08 -29.56 47.93
C GLU A 51 2.53 -29.56 46.47
N LEU A 52 2.61 -28.37 45.89
CA LEU A 52 3.16 -28.21 44.55
C LEU A 52 4.09 -27.00 44.52
N MET A 53 5.32 -27.23 44.08
CA MET A 53 6.35 -26.20 44.01
C MET A 53 6.52 -25.49 45.36
N GLY A 54 6.38 -26.26 46.44
CA GLY A 54 6.60 -25.75 47.77
C GLY A 54 5.42 -24.99 48.34
N LEU A 55 4.30 -25.01 47.62
CA LEU A 55 3.10 -24.29 48.04
C LEU A 55 2.00 -25.25 48.47
N LYS A 56 1.38 -24.95 49.61
CA LYS A 56 0.29 -25.77 50.11
C LYS A 56 -0.79 -25.91 49.04
N CYS A 57 -1.10 -27.14 48.68
CA CYS A 57 -2.10 -27.40 47.65
C CYS A 57 -3.44 -27.75 48.29
N TYR A 58 -4.52 -27.41 47.59
CA TYR A 58 -5.87 -27.70 48.07
C TYR A 58 -6.66 -28.49 47.02
N PRO A 59 -7.64 -29.29 47.46
CA PRO A 59 -8.41 -30.06 46.48
C PRO A 59 -9.47 -29.22 45.78
N LYS A 60 -9.87 -28.10 46.39
CA LYS A 60 -10.88 -27.22 45.80
C LYS A 60 -10.65 -25.77 46.22
N VAL A 61 -11.01 -24.85 45.34
CA VAL A 61 -10.85 -23.42 45.59
C VAL A 61 -11.63 -23.02 46.83
N SER A 62 -12.77 -23.67 47.04
CA SER A 62 -13.63 -23.39 48.19
C SER A 62 -12.93 -23.69 49.52
N ASP A 63 -11.96 -24.59 49.49
CA ASP A 63 -11.24 -24.98 50.69
C ASP A 63 -10.15 -23.97 51.07
N VAL A 64 -9.78 -23.10 50.14
CA VAL A 64 -8.75 -22.12 50.42
C VAL A 64 -9.19 -21.20 51.56
N PRO A 65 -8.40 -21.13 52.64
CA PRO A 65 -8.76 -20.22 53.73
C PRO A 65 -8.36 -18.79 53.40
N ASP A 66 -8.98 -18.22 52.38
CA ASP A 66 -8.63 -16.89 51.89
C ASP A 66 -9.54 -16.48 50.74
N LYS A 67 -9.75 -15.17 50.58
CA LYS A 67 -10.58 -14.65 49.49
C LYS A 67 -9.81 -14.66 48.18
N VAL A 68 -10.14 -15.60 47.31
CA VAL A 68 -9.48 -15.73 46.01
C VAL A 68 -10.09 -14.77 44.99
N ASP A 69 -9.24 -13.93 44.39
CA ASP A 69 -9.69 -12.96 43.40
C ASP A 69 -9.78 -13.57 42.01
N VAL A 70 -8.83 -14.44 41.70
CA VAL A 70 -8.68 -14.97 40.34
C VAL A 70 -8.41 -16.46 40.34
N ALA A 71 -9.21 -17.19 39.57
CA ALA A 71 -9.00 -18.64 39.37
C ALA A 71 -8.59 -18.93 37.93
N VAL A 72 -7.40 -19.46 37.76
CA VAL A 72 -6.87 -19.84 36.46
C VAL A 72 -7.19 -21.30 36.19
N ILE A 73 -8.16 -21.53 35.29
CA ILE A 73 -8.74 -22.86 35.09
C ILE A 73 -8.23 -23.54 33.81
N SER A 74 -7.56 -24.67 34.00
CA SER A 74 -6.95 -25.41 32.89
C SER A 74 -7.35 -26.87 32.89
N VAL A 75 -8.55 -27.18 33.41
CA VAL A 75 -9.04 -28.54 33.45
C VAL A 75 -9.76 -28.87 32.14
N PRO A 76 -10.06 -30.15 31.89
CA PRO A 76 -10.79 -30.45 30.65
C PRO A 76 -12.17 -29.78 30.61
N SER A 77 -12.66 -29.52 29.39
CA SER A 77 -13.86 -28.74 29.19
C SER A 77 -15.08 -29.32 29.92
N ASP A 78 -15.15 -30.64 30.00
CA ASP A 78 -16.28 -31.29 30.64
C ASP A 78 -16.23 -31.18 32.17
N LYS A 79 -15.18 -30.55 32.68
CA LYS A 79 -15.03 -30.34 34.12
C LYS A 79 -15.09 -28.87 34.49
N VAL A 80 -15.00 -28.00 33.48
CA VAL A 80 -14.94 -26.56 33.71
C VAL A 80 -16.13 -26.04 34.52
N LEU A 81 -17.35 -26.46 34.15
CA LEU A 81 -18.55 -25.99 34.82
C LEU A 81 -18.57 -26.32 36.30
N GLY A 82 -18.13 -27.52 36.64
CA GLY A 82 -18.03 -27.95 38.02
C GLY A 82 -17.12 -27.02 38.80
N VAL A 83 -16.00 -26.65 38.18
CA VAL A 83 -15.04 -25.77 38.82
C VAL A 83 -15.63 -24.36 38.96
N ILE A 84 -16.43 -23.94 37.98
CA ILE A 84 -17.07 -22.64 38.04
C ILE A 84 -18.00 -22.56 39.25
N ASP A 85 -18.74 -23.63 39.49
CA ASP A 85 -19.65 -23.67 40.63
C ASP A 85 -18.88 -23.54 41.93
N ASP A 86 -17.75 -24.24 42.01
CA ASP A 86 -16.92 -24.18 43.21
C ASP A 86 -16.35 -22.77 43.40
N CYS A 87 -15.86 -22.19 42.31
CA CYS A 87 -15.32 -20.83 42.35
C CYS A 87 -16.38 -19.83 42.79
N GLY A 88 -17.61 -20.04 42.33
CA GLY A 88 -18.72 -19.18 42.69
C GLY A 88 -18.98 -19.26 44.18
N LYS A 89 -19.06 -20.50 44.67
CA LYS A 89 -19.20 -20.77 46.09
C LYS A 89 -18.10 -20.08 46.90
N ALA A 90 -16.90 -20.00 46.33
CA ALA A 90 -15.76 -19.39 47.02
C ALA A 90 -15.73 -17.87 46.88
N GLY A 91 -16.58 -17.32 46.03
CA GLY A 91 -16.65 -15.88 45.85
C GLY A 91 -15.62 -15.36 44.87
N VAL A 92 -15.11 -16.22 44.01
CA VAL A 92 -14.12 -15.81 43.02
C VAL A 92 -14.72 -14.77 42.08
N LYS A 93 -13.99 -13.68 41.87
CA LYS A 93 -14.47 -12.58 41.05
C LYS A 93 -14.15 -12.78 39.58
N PHE A 94 -13.02 -13.43 39.28
CA PHE A 94 -12.60 -13.64 37.90
C PHE A 94 -12.19 -15.07 37.61
N ALA A 95 -12.77 -15.63 36.54
CA ALA A 95 -12.39 -16.96 36.06
C ALA A 95 -11.64 -16.84 34.73
N VAL A 96 -10.37 -17.20 34.76
CA VAL A 96 -9.53 -17.16 33.57
C VAL A 96 -9.47 -18.55 32.94
N VAL A 97 -10.31 -18.78 31.93
CA VAL A 97 -10.49 -20.12 31.39
C VAL A 97 -9.55 -20.41 30.23
N ILE A 98 -8.41 -21.02 30.54
CA ILE A 98 -7.43 -21.42 29.52
C ILE A 98 -8.04 -22.43 28.57
N THR A 99 -8.79 -23.35 29.14
CA THR A 99 -9.31 -24.51 28.44
C THR A 99 -10.01 -24.20 27.13
N SER A 100 -9.63 -24.94 26.09
CA SER A 100 -10.25 -24.84 24.77
C SER A 100 -11.32 -25.92 24.61
N GLY A 101 -11.98 -25.91 23.46
CA GLY A 101 -13.02 -26.87 23.17
C GLY A 101 -14.40 -26.33 23.47
N PHE A 102 -14.65 -25.09 23.05
CA PHE A 102 -15.94 -24.44 23.27
C PHE A 102 -16.51 -23.98 21.93
N LYS A 103 -16.87 -22.70 21.83
CA LYS A 103 -17.53 -22.18 20.64
C LYS A 103 -16.67 -22.37 19.40
N GLU A 104 -15.36 -22.33 19.56
CA GLU A 104 -14.45 -22.39 18.42
C GLU A 104 -14.42 -23.78 17.78
N VAL A 105 -14.94 -24.78 18.49
CA VAL A 105 -15.09 -26.12 17.94
C VAL A 105 -16.56 -26.49 17.79
N GLY A 106 -17.42 -25.49 17.88
CA GLY A 106 -18.85 -25.66 17.61
C GLY A 106 -19.70 -25.95 18.83
N ASN A 107 -19.14 -25.83 20.03
CA ASN A 107 -19.92 -26.04 21.25
C ASN A 107 -20.36 -24.71 21.84
N GLU A 108 -21.19 -24.00 21.09
CA GLU A 108 -21.67 -22.69 21.48
C GLU A 108 -22.51 -22.80 22.75
N GLU A 109 -23.22 -23.92 22.87
CA GLU A 109 -24.10 -24.14 24.02
C GLU A 109 -23.31 -24.23 25.32
N LEU A 110 -22.18 -24.93 25.28
CA LEU A 110 -21.36 -25.08 26.47
C LEU A 110 -20.77 -23.73 26.88
N GLU A 111 -20.35 -22.95 25.90
CA GLU A 111 -19.74 -21.65 26.18
C GLU A 111 -20.75 -20.69 26.80
N GLU A 112 -21.95 -20.65 26.24
CA GLU A 112 -23.00 -19.77 26.77
C GLU A 112 -23.37 -20.15 28.19
N GLU A 113 -23.37 -21.45 28.47
CA GLU A 113 -23.67 -21.94 29.82
C GLU A 113 -22.55 -21.55 30.79
N LEU A 114 -21.31 -21.65 30.33
CA LEU A 114 -20.16 -21.22 31.13
C LEU A 114 -20.35 -19.78 31.59
N VAL A 115 -20.69 -18.92 30.65
CA VAL A 115 -20.85 -17.50 30.95
C VAL A 115 -22.05 -17.27 31.87
N ARG A 116 -23.17 -17.94 31.57
CA ARG A 116 -24.40 -17.76 32.33
C ARG A 116 -24.20 -18.15 33.78
N ARG A 117 -23.53 -19.28 33.98
CA ARG A 117 -23.29 -19.79 35.32
C ARG A 117 -22.27 -18.93 36.05
N ALA A 118 -21.33 -18.34 35.32
CA ALA A 118 -20.37 -17.44 35.93
C ALA A 118 -21.07 -16.20 36.47
N HIS A 119 -21.94 -15.61 35.63
CA HIS A 119 -22.61 -14.36 35.98
C HIS A 119 -23.56 -14.54 37.16
N SER A 120 -24.15 -15.72 37.29
CA SER A 120 -25.06 -15.99 38.40
C SER A 120 -24.34 -15.83 39.75
N TYR A 121 -23.02 -15.95 39.74
CA TYR A 121 -22.22 -15.79 40.95
C TYR A 121 -21.56 -14.41 41.04
N GLY A 122 -21.81 -13.56 40.05
CA GLY A 122 -21.17 -12.26 39.99
C GLY A 122 -19.74 -12.38 39.52
N MET A 123 -19.48 -13.39 38.70
CA MET A 123 -18.13 -13.72 38.25
C MET A 123 -17.97 -13.37 36.79
N ARG A 124 -16.85 -12.76 36.43
CA ARG A 124 -16.57 -12.43 35.03
C ARG A 124 -15.64 -13.48 34.45
N VAL A 125 -15.72 -13.70 33.14
CA VAL A 125 -14.91 -14.72 32.48
C VAL A 125 -13.98 -14.14 31.41
N LEU A 126 -12.72 -14.56 31.49
CA LEU A 126 -11.75 -14.25 30.45
C LEU A 126 -11.54 -15.49 29.59
N GLY A 127 -11.78 -15.35 28.29
CA GLY A 127 -11.69 -16.47 27.36
C GLY A 127 -13.07 -17.00 27.03
N PRO A 128 -13.23 -18.34 26.93
CA PRO A 128 -12.22 -19.38 27.14
C PRO A 128 -11.23 -19.49 25.98
N ASN A 129 -10.47 -20.58 25.94
CA ASN A 129 -9.52 -20.81 24.85
C ASN A 129 -8.48 -19.71 24.76
N ILE A 130 -7.69 -19.56 25.81
CA ILE A 130 -6.68 -18.50 25.89
C ILE A 130 -5.38 -19.06 26.46
N PHE A 131 -4.30 -18.29 26.35
CA PHE A 131 -3.02 -18.72 26.93
C PHE A 131 -2.71 -17.95 28.21
N GLY A 132 -3.70 -17.22 28.72
CA GLY A 132 -3.58 -16.53 29.98
C GLY A 132 -3.33 -15.05 29.82
N TYR A 133 -2.78 -14.42 30.85
CA TYR A 133 -2.48 -12.99 30.81
C TYR A 133 -1.30 -12.67 31.73
N LEU A 134 -0.70 -11.51 31.50
CA LEU A 134 0.45 -11.04 32.25
C LEU A 134 0.32 -9.56 32.56
N TYR A 135 0.64 -9.18 33.79
CA TYR A 135 0.68 -7.77 34.20
C TYR A 135 1.99 -7.50 34.93
N ALA A 136 2.85 -6.71 34.29
CA ALA A 136 4.19 -6.47 34.81
C ALA A 136 4.22 -5.67 36.12
N PRO A 137 3.38 -4.62 36.23
CA PRO A 137 3.40 -3.83 37.47
C PRO A 137 3.07 -4.65 38.72
N ALA A 138 2.39 -5.78 38.54
CA ALA A 138 2.07 -6.65 39.67
C ALA A 138 2.93 -7.92 39.65
N ARG A 139 3.95 -7.93 38.79
CA ARG A 139 4.83 -9.08 38.64
C ARG A 139 4.03 -10.37 38.50
N LEU A 140 3.07 -10.35 37.59
CA LEU A 140 2.12 -11.43 37.41
C LEU A 140 2.24 -12.01 36.00
N ASN A 141 2.74 -13.23 35.91
CA ASN A 141 2.80 -13.96 34.64
C ASN A 141 1.95 -15.22 34.74
N ALA A 142 0.67 -15.09 34.42
CA ALA A 142 -0.26 -16.20 34.45
C ALA A 142 -0.52 -16.71 33.04
N THR A 143 0.57 -17.03 32.33
CA THR A 143 0.48 -17.61 31.00
C THR A 143 1.36 -18.84 30.95
N PHE A 144 1.21 -19.65 29.90
CA PHE A 144 2.18 -20.72 29.63
C PHE A 144 3.03 -20.34 28.43
N GLY A 145 3.32 -19.05 28.32
CA GLY A 145 4.22 -18.54 27.29
C GLY A 145 5.61 -18.36 27.85
N PRO A 146 6.42 -17.50 27.23
CA PRO A 146 7.74 -17.16 27.79
C PRO A 146 7.65 -16.75 29.25
N LYS A 147 8.70 -17.01 30.03
CA LYS A 147 8.65 -16.71 31.45
C LYS A 147 8.82 -15.22 31.72
N ASP A 148 9.32 -14.49 30.73
CA ASP A 148 9.73 -13.11 30.94
C ASP A 148 9.47 -12.20 29.73
N VAL A 149 9.28 -10.92 30.02
CA VAL A 149 9.21 -9.89 28.99
C VAL A 149 9.92 -8.65 29.51
N LEU A 150 10.36 -7.78 28.61
CA LEU A 150 10.94 -6.51 29.01
C LEU A 150 9.86 -5.62 29.62
N SER A 151 10.19 -4.89 30.67
CA SER A 151 9.22 -4.00 31.33
C SER A 151 9.00 -2.71 30.53
N GLY A 152 7.74 -2.28 30.44
CA GLY A 152 7.43 -1.04 29.74
C GLY A 152 5.96 -0.67 29.79
N ASN A 153 5.54 0.19 28.87
CA ASN A 153 4.22 0.80 28.92
C ASN A 153 3.25 0.31 27.83
N VAL A 154 3.58 -0.81 27.20
CA VAL A 154 2.77 -1.34 26.12
C VAL A 154 1.89 -2.50 26.58
N ALA A 155 0.58 -2.32 26.41
CA ALA A 155 -0.41 -3.36 26.69
C ALA A 155 -0.81 -4.03 25.39
N PHE A 156 -0.58 -5.33 25.31
CA PHE A 156 -0.85 -6.10 24.10
C PHE A 156 -2.01 -7.07 24.31
N ILE A 157 -3.09 -6.83 23.58
CA ILE A 157 -4.28 -7.66 23.63
C ILE A 157 -4.34 -8.49 22.35
N SER A 158 -4.51 -9.80 22.48
CA SER A 158 -4.54 -10.69 21.31
C SER A 158 -5.74 -11.61 21.35
N GLN A 159 -6.46 -11.66 20.23
CA GLN A 159 -7.59 -12.57 20.06
C GLN A 159 -7.08 -13.92 19.56
N SER A 160 -5.85 -13.93 19.06
CA SER A 160 -5.23 -15.16 18.54
C SER A 160 -4.36 -15.83 19.61
N GLY A 161 -4.33 -17.16 19.58
CA GLY A 161 -3.60 -17.91 20.58
C GLY A 161 -2.14 -18.13 20.24
N ALA A 162 -1.90 -18.91 19.19
CA ALA A 162 -0.54 -19.26 18.79
C ALA A 162 0.26 -18.03 18.39
N LEU A 163 -0.31 -17.22 17.51
CA LEU A 163 0.36 -16.00 17.08
C LEU A 163 0.57 -15.05 18.25
N GLY A 164 -0.43 -14.98 19.13
CA GLY A 164 -0.34 -14.14 20.31
C GLY A 164 0.82 -14.53 21.22
N ILE A 165 0.93 -15.81 21.52
CA ILE A 165 1.96 -16.29 22.43
C ILE A 165 3.34 -16.17 21.78
N ALA A 166 3.39 -16.27 20.45
CA ALA A 166 4.64 -16.12 19.73
C ALA A 166 5.07 -14.65 19.70
N LEU A 167 4.11 -13.76 19.50
CA LEU A 167 4.39 -12.34 19.46
C LEU A 167 4.85 -11.86 20.82
N MET A 168 4.35 -12.51 21.87
CA MET A 168 4.80 -12.23 23.23
C MET A 168 6.32 -12.35 23.31
N GLY A 169 6.87 -13.41 22.72
CA GLY A 169 8.31 -13.59 22.69
C GLY A 169 8.98 -12.59 21.78
N TYR A 170 8.32 -12.27 20.68
CA TYR A 170 8.88 -11.36 19.68
C TYR A 170 9.09 -9.94 20.24
N THR A 171 8.31 -9.54 21.23
CA THR A 171 8.48 -8.22 21.84
C THR A 171 9.87 -8.09 22.44
N VAL A 172 10.42 -9.21 22.93
CA VAL A 172 11.74 -9.20 23.53
C VAL A 172 12.78 -8.89 22.47
N VAL A 173 12.71 -9.61 21.35
CA VAL A 173 13.63 -9.44 20.24
C VAL A 173 13.55 -8.02 19.68
N GLU A 174 12.36 -7.43 19.73
CA GLU A 174 12.16 -6.09 19.19
C GLU A 174 12.29 -5.00 20.25
N ASN A 175 12.71 -5.37 21.45
CA ASN A 175 13.00 -4.40 22.51
C ASN A 175 11.77 -3.58 22.91
N ILE A 176 10.59 -4.20 22.84
CA ILE A 176 9.36 -3.51 23.23
C ILE A 176 9.05 -3.77 24.69
N GLY A 177 9.00 -2.70 25.48
CA GLY A 177 8.67 -2.79 26.88
C GLY A 177 7.18 -3.01 27.07
N ILE A 178 6.84 -4.02 27.86
CA ILE A 178 5.47 -4.45 28.04
C ILE A 178 4.95 -4.15 29.44
N SER A 179 3.76 -3.56 29.49
CA SER A 179 3.03 -3.42 30.75
C SER A 179 2.10 -4.63 30.91
N SER A 180 1.52 -5.09 29.81
CA SER A 180 0.56 -6.18 29.89
C SER A 180 0.41 -7.03 28.62
N ILE A 181 0.20 -8.31 28.83
CA ILE A 181 -0.21 -9.22 27.78
C ILE A 181 -1.56 -9.82 28.20
N VAL A 182 -2.55 -9.77 27.31
CA VAL A 182 -3.85 -10.36 27.61
C VAL A 182 -4.35 -11.21 26.45
N SER A 183 -4.49 -12.50 26.70
CA SER A 183 -5.13 -13.40 25.74
C SER A 183 -6.63 -13.41 26.01
N VAL A 184 -7.43 -13.06 25.01
CA VAL A 184 -8.88 -12.97 25.17
C VAL A 184 -9.61 -14.09 24.42
N GLY A 185 -8.92 -14.76 23.50
CA GLY A 185 -9.44 -15.93 22.82
C GLY A 185 -10.87 -15.80 22.30
N ASN A 186 -11.77 -16.61 22.84
CA ASN A 186 -13.15 -16.67 22.36
C ASN A 186 -13.99 -15.44 22.72
N LYS A 187 -13.50 -14.62 23.64
CA LYS A 187 -14.21 -13.40 24.04
C LYS A 187 -15.66 -13.67 24.45
N ALA A 188 -15.87 -14.73 25.21
CA ALA A 188 -17.23 -15.12 25.60
C ALA A 188 -17.86 -14.08 26.53
N ASP A 189 -17.02 -13.36 27.27
CA ASP A 189 -17.49 -12.36 28.21
C ASP A 189 -16.61 -11.10 28.16
N LEU A 190 -15.58 -11.04 29.00
CA LEU A 190 -14.65 -9.90 28.93
C LEU A 190 -14.09 -9.75 27.53
N ASP A 191 -14.09 -8.53 27.00
CA ASP A 191 -13.58 -8.27 25.66
C ASP A 191 -12.72 -7.01 25.60
N ASP A 192 -12.46 -6.55 24.37
CA ASP A 192 -11.59 -5.41 24.12
C ASP A 192 -12.10 -4.14 24.80
N VAL A 193 -13.41 -3.95 24.77
CA VAL A 193 -14.04 -2.78 25.38
C VAL A 193 -13.70 -2.70 26.86
N ASP A 194 -13.93 -3.82 27.56
CA ASP A 194 -13.67 -3.90 28.99
C ASP A 194 -12.21 -3.64 29.30
N LEU A 195 -11.33 -4.20 28.48
CA LEU A 195 -9.90 -4.07 28.70
C LEU A 195 -9.40 -2.67 28.42
N LEU A 196 -9.92 -2.05 27.36
CA LEU A 196 -9.56 -0.68 27.02
C LEU A 196 -9.94 0.26 28.14
N ASP A 197 -11.08 -0.01 28.77
CA ASP A 197 -11.54 0.80 29.88
C ASP A 197 -10.54 0.76 31.03
N PHE A 198 -9.97 -0.40 31.29
CA PHE A 198 -8.99 -0.55 32.35
C PHE A 198 -7.67 0.13 32.01
N PHE A 199 -7.20 -0.07 30.78
CA PHE A 199 -5.91 0.45 30.39
C PHE A 199 -5.93 1.97 30.24
N ASP A 200 -7.11 2.52 29.99
CA ASP A 200 -7.29 3.98 30.00
C ASP A 200 -6.87 4.54 31.35
N LYS A 201 -7.31 3.87 32.41
CA LYS A 201 -7.10 4.35 33.77
C LYS A 201 -5.74 3.91 34.33
N ASP A 202 -5.07 3.00 33.63
CA ASP A 202 -3.81 2.45 34.11
C ASP A 202 -2.67 3.43 33.86
N PRO A 203 -2.01 3.93 34.92
CA PRO A 203 -0.88 4.83 34.69
C PRO A 203 0.36 4.13 34.12
N ASN A 204 0.39 2.80 34.21
CA ASN A 204 1.53 2.03 33.72
C ASN A 204 1.49 1.81 32.20
N THR A 205 0.32 1.99 31.60
CA THR A 205 0.14 1.73 30.18
C THR A 205 0.02 3.04 29.40
N GLY A 206 0.84 3.16 28.35
CA GLY A 206 0.85 4.35 27.53
C GLY A 206 0.46 4.05 26.10
N VAL A 207 0.59 2.80 25.70
CA VAL A 207 0.25 2.38 24.34
C VAL A 207 -0.50 1.05 24.38
N ILE A 208 -1.47 0.89 23.48
CA ILE A 208 -2.28 -0.31 23.42
C ILE A 208 -2.27 -0.89 22.01
N MET A 209 -1.74 -2.11 21.89
CA MET A 209 -1.73 -2.84 20.62
C MET A 209 -2.72 -3.99 20.70
N ILE A 210 -3.56 -4.12 19.68
CA ILE A 210 -4.61 -5.14 19.67
C ILE A 210 -4.60 -5.95 18.38
N TYR A 211 -4.44 -7.26 18.52
CA TYR A 211 -4.69 -8.18 17.41
C TYR A 211 -6.14 -8.57 17.45
N LEU A 212 -6.90 -8.08 16.48
CA LEU A 212 -8.36 -8.18 16.50
C LEU A 212 -8.88 -8.93 15.29
N GLU A 213 -9.64 -9.99 15.53
CA GLU A 213 -10.28 -10.72 14.45
C GLU A 213 -11.64 -10.10 14.19
N GLY A 214 -12.39 -9.88 15.27
CA GLY A 214 -13.70 -9.27 15.15
C GLY A 214 -14.32 -8.99 16.50
N ILE A 215 -15.34 -8.13 16.52
CA ILE A 215 -16.08 -7.82 17.73
C ILE A 215 -17.50 -8.33 17.61
N ALA A 216 -18.11 -8.59 18.76
CA ALA A 216 -19.44 -9.19 18.82
C ALA A 216 -20.54 -8.26 18.29
N PRO A 217 -21.56 -8.84 17.63
CA PRO A 217 -22.72 -8.07 17.18
C PRO A 217 -23.31 -7.18 18.26
N GLY A 218 -23.52 -5.90 17.93
CA GLY A 218 -24.10 -4.96 18.86
C GLY A 218 -23.10 -4.36 19.83
N ARG A 219 -21.81 -4.64 19.62
CA ARG A 219 -20.76 -4.18 20.53
C ARG A 219 -19.95 -3.05 19.89
N GLY A 220 -20.15 -2.83 18.60
CA GLY A 220 -19.35 -1.89 17.83
C GLY A 220 -19.46 -0.44 18.26
N ARG A 221 -20.69 0.00 18.54
CA ARG A 221 -20.93 1.40 18.91
C ARG A 221 -20.20 1.74 20.20
N MET A 222 -20.30 0.85 21.18
CA MET A 222 -19.67 1.05 22.47
C MET A 222 -18.15 0.99 22.30
N PHE A 223 -17.70 0.14 21.38
CA PHE A 223 -16.28 0.03 21.08
C PHE A 223 -15.73 1.37 20.59
N ILE A 224 -16.46 2.02 19.69
CA ILE A 224 -16.05 3.31 19.18
C ILE A 224 -16.06 4.36 20.28
N ASP A 225 -17.08 4.33 21.13
CA ASP A 225 -17.21 5.30 22.20
C ASP A 225 -16.02 5.19 23.17
N VAL A 226 -15.62 3.97 23.48
CA VAL A 226 -14.54 3.76 24.43
C VAL A 226 -13.19 4.04 23.78
N ALA A 227 -12.98 3.50 22.59
CA ALA A 227 -11.69 3.62 21.90
C ALA A 227 -11.33 5.06 21.56
N SER A 228 -12.34 5.86 21.20
CA SER A 228 -12.10 7.26 20.86
C SER A 228 -11.60 8.02 22.08
N ARG A 229 -12.27 7.84 23.21
CA ARG A 229 -11.90 8.54 24.42
C ARG A 229 -10.51 8.10 24.89
N VAL A 230 -10.23 6.81 24.78
CA VAL A 230 -8.89 6.31 25.11
C VAL A 230 -7.87 6.99 24.21
N SER A 231 -8.20 7.08 22.93
CA SER A 231 -7.31 7.66 21.93
C SER A 231 -6.92 9.10 22.24
N LEU A 232 -7.75 9.81 23.01
CA LEU A 232 -7.43 11.20 23.35
C LEU A 232 -6.11 11.35 24.10
N ARG A 233 -5.69 10.30 24.82
CA ARG A 233 -4.48 10.36 25.62
C ARG A 233 -3.49 9.25 25.27
N LYS A 234 -3.97 8.15 24.72
CA LYS A 234 -3.13 6.99 24.45
C LYS A 234 -3.38 6.38 23.07
N PRO A 235 -2.31 6.23 22.27
CA PRO A 235 -2.49 5.63 20.94
C PRO A 235 -2.92 4.16 20.99
N ILE A 236 -3.83 3.81 20.08
CA ILE A 236 -4.27 2.43 19.91
C ILE A 236 -3.92 1.95 18.52
N ILE A 237 -3.13 0.88 18.45
CA ILE A 237 -2.78 0.24 17.20
C ILE A 237 -3.53 -1.08 17.07
N VAL A 238 -4.23 -1.26 15.97
CA VAL A 238 -4.95 -2.50 15.71
C VAL A 238 -4.37 -3.24 14.52
N ILE A 239 -4.02 -4.50 14.74
CA ILE A 239 -3.74 -5.43 13.66
C ILE A 239 -5.03 -6.18 13.37
N LYS A 240 -5.65 -5.89 12.23
CA LYS A 240 -6.94 -6.46 11.89
C LYS A 240 -6.75 -7.73 11.07
N ALA A 241 -7.22 -8.85 11.63
CA ALA A 241 -7.25 -10.11 10.90
C ALA A 241 -8.44 -10.08 9.95
N GLY A 242 -8.20 -10.43 8.69
CA GLY A 242 -9.24 -10.38 7.69
C GLY A 242 -9.61 -8.94 7.32
N ARG A 243 -8.62 -8.20 6.85
CA ARG A 243 -8.82 -6.81 6.43
C ARG A 243 -9.05 -6.75 4.92
N THR A 244 -9.02 -7.91 4.28
CA THR A 244 -9.39 -8.05 2.89
C THR A 244 -10.68 -8.86 2.83
N GLU A 245 -11.39 -8.76 1.71
CA GLU A 245 -12.62 -9.51 1.54
C GLU A 245 -12.32 -10.98 1.74
N VAL A 246 -11.28 -11.45 1.06
CA VAL A 246 -10.90 -12.86 1.05
C VAL A 246 -10.53 -13.34 2.44
N GLY A 247 -9.74 -12.55 3.16
CA GLY A 247 -9.28 -12.95 4.48
C GLY A 247 -10.37 -12.89 5.52
N ALA A 248 -11.36 -12.03 5.32
CA ALA A 248 -12.44 -11.89 6.29
C ALA A 248 -13.22 -13.20 6.38
N ARG A 249 -13.43 -13.83 5.24
CA ARG A 249 -14.16 -15.10 5.20
C ARG A 249 -13.38 -16.20 5.91
N ALA A 250 -12.07 -16.24 5.67
CA ALA A 250 -11.23 -17.26 6.29
C ALA A 250 -11.25 -17.13 7.82
N ALA A 251 -11.17 -15.89 8.29
CA ALA A 251 -11.13 -15.63 9.72
C ALA A 251 -12.49 -15.84 10.38
N ALA A 252 -13.53 -16.05 9.59
CA ALA A 252 -14.85 -16.30 10.15
C ALA A 252 -15.03 -17.77 10.50
N SER A 253 -14.09 -18.60 10.06
CA SER A 253 -14.13 -20.03 10.35
C SER A 253 -13.39 -20.35 11.64
N HIS A 254 -12.29 -19.64 11.87
CA HIS A 254 -11.42 -19.89 13.02
C HIS A 254 -12.08 -19.51 14.34
N THR A 255 -13.16 -18.72 14.25
CA THR A 255 -13.89 -18.28 15.44
C THR A 255 -15.28 -18.90 15.48
N GLY A 256 -15.85 -19.12 14.30
CA GLY A 256 -17.20 -19.64 14.19
C GLY A 256 -18.22 -18.51 14.17
N SER A 257 -18.16 -17.69 13.13
CA SER A 257 -19.04 -16.53 13.02
C SER A 257 -19.27 -16.17 11.54
N ILE A 258 -19.65 -14.91 11.30
CA ILE A 258 -19.87 -14.43 9.93
C ILE A 258 -18.98 -13.22 9.65
N ALA A 259 -18.54 -13.10 8.40
CA ALA A 259 -17.60 -12.05 8.00
C ALA A 259 -18.21 -10.66 8.09
N GLY A 260 -17.65 -9.83 8.97
CA GLY A 260 -18.07 -8.44 9.10
C GLY A 260 -17.57 -7.57 7.96
N SER A 261 -18.21 -6.44 7.73
CA SER A 261 -17.86 -5.58 6.60
C SER A 261 -16.50 -4.92 6.81
N VAL A 262 -15.59 -5.17 5.86
CA VAL A 262 -14.26 -4.58 5.88
C VAL A 262 -14.29 -3.05 5.90
N ALA A 263 -15.05 -2.46 4.97
CA ALA A 263 -15.09 -1.01 4.82
C ALA A 263 -15.64 -0.32 6.06
N ILE A 264 -16.58 -0.97 6.74
CA ILE A 264 -17.21 -0.36 7.90
C ILE A 264 -16.30 -0.49 9.11
N TYR A 265 -15.57 -1.60 9.21
CA TYR A 265 -14.56 -1.74 10.25
C TYR A 265 -13.50 -0.64 10.11
N GLU A 266 -13.10 -0.36 8.87
CA GLU A 266 -12.11 0.67 8.61
C GLU A 266 -12.61 2.03 9.08
N SER A 267 -13.87 2.33 8.76
CA SER A 267 -14.50 3.57 9.16
C SER A 267 -14.60 3.68 10.68
N ALA A 268 -14.97 2.58 11.32
CA ALA A 268 -15.09 2.52 12.76
C ALA A 268 -13.76 2.82 13.43
N PHE A 269 -12.68 2.31 12.84
CA PHE A 269 -11.35 2.54 13.37
C PHE A 269 -10.95 4.00 13.22
N LYS A 270 -11.30 4.61 12.09
CA LYS A 270 -11.02 6.02 11.86
C LYS A 270 -11.75 6.90 12.88
N GLN A 271 -13.01 6.57 13.12
CA GLN A 271 -13.82 7.33 14.06
C GLN A 271 -13.35 7.13 15.50
N SER A 272 -12.59 6.07 15.72
CA SER A 272 -12.04 5.77 17.04
C SER A 272 -10.63 6.35 17.23
N GLY A 273 -10.07 6.90 16.15
CA GLY A 273 -8.73 7.44 16.19
C GLY A 273 -7.67 6.36 16.21
N ILE A 274 -8.04 5.15 15.79
CA ILE A 274 -7.16 3.99 15.85
C ILE A 274 -6.28 3.88 14.61
N LEU A 275 -5.01 3.53 14.84
CA LEU A 275 -4.08 3.26 13.74
C LEU A 275 -4.13 1.79 13.36
N MET A 276 -4.48 1.51 12.11
CA MET A 276 -4.53 0.15 11.62
C MET A 276 -3.23 -0.27 10.94
N ALA A 277 -2.59 -1.30 11.49
CA ALA A 277 -1.39 -1.86 10.90
C ALA A 277 -1.75 -3.05 10.03
N LYS A 278 -1.16 -3.12 8.84
CA LYS A 278 -1.42 -4.21 7.91
C LYS A 278 -0.52 -5.40 8.17
N SER A 279 0.46 -5.23 9.06
CA SER A 279 1.43 -6.28 9.34
C SER A 279 1.97 -6.21 10.76
N VAL A 280 2.49 -7.34 11.23
CA VAL A 280 3.13 -7.41 12.54
C VAL A 280 4.30 -6.44 12.62
N GLU A 281 5.10 -6.38 11.55
CA GLU A 281 6.28 -5.53 11.54
C GLU A 281 5.92 -4.06 11.69
N ASP A 282 4.93 -3.60 10.93
CA ASP A 282 4.48 -2.22 11.03
C ASP A 282 3.94 -1.95 12.42
N ALA A 283 3.15 -2.88 12.94
CA ALA A 283 2.56 -2.73 14.26
C ALA A 283 3.63 -2.55 15.33
N PHE A 284 4.68 -3.36 15.27
CA PHE A 284 5.74 -3.29 16.26
C PHE A 284 6.61 -2.05 16.07
N ASP A 285 6.90 -1.72 14.81
CA ASP A 285 7.69 -0.53 14.49
C ASP A 285 7.01 0.75 14.99
N TRP A 286 5.69 0.82 14.81
CA TRP A 286 4.93 1.99 15.25
C TRP A 286 4.80 2.04 16.75
N THR A 287 4.56 0.88 17.36
CA THR A 287 4.41 0.77 18.81
C THR A 287 5.66 1.26 19.50
N LYS A 288 6.83 0.88 18.96
CA LYS A 288 8.10 1.31 19.51
C LYS A 288 8.19 2.84 19.57
N ALA A 289 7.94 3.49 18.45
CA ALA A 289 8.03 4.94 18.35
C ALA A 289 7.02 5.64 19.26
N LEU A 290 5.78 5.14 19.26
CA LEU A 290 4.73 5.75 20.05
C LEU A 290 4.99 5.55 21.54
N SER A 291 5.67 4.47 21.87
CA SER A 291 6.00 4.15 23.25
C SER A 291 7.09 5.05 23.80
N TRP A 292 8.03 5.45 22.95
CA TRP A 292 9.23 6.15 23.41
C TRP A 292 9.28 7.61 23.02
N ASN A 293 8.18 8.14 22.48
CA ASN A 293 8.16 9.53 22.03
C ASN A 293 6.82 10.20 22.32
N PRO A 294 6.84 11.51 22.60
CA PRO A 294 5.60 12.29 22.66
C PRO A 294 5.15 12.63 21.25
N ILE A 295 3.92 13.08 21.06
CA ILE A 295 3.46 13.42 19.72
C ILE A 295 4.06 14.76 19.27
N PRO A 296 4.37 14.88 17.98
CA PRO A 296 4.90 16.17 17.51
C PRO A 296 3.92 17.31 17.75
N GLU A 297 4.44 18.45 18.21
CA GLU A 297 3.61 19.61 18.50
C GLU A 297 3.29 20.40 17.23
N GLY A 298 3.93 20.02 16.12
CA GLY A 298 3.69 20.68 14.86
C GLY A 298 4.24 19.90 13.69
N GLU A 299 4.20 20.49 12.50
CA GLU A 299 4.50 19.75 11.27
C GLU A 299 5.92 20.01 10.78
N ARG A 300 6.68 20.82 11.52
CA ARG A 300 8.03 21.17 11.09
C ARG A 300 9.00 20.03 11.38
N LEU A 301 8.98 19.04 10.50
CA LEU A 301 9.81 17.85 10.62
C LEU A 301 11.11 18.02 9.85
N ILE A 302 12.21 17.71 10.52
CA ILE A 302 13.53 17.76 9.90
C ILE A 302 14.03 16.35 9.67
N VAL A 303 14.63 16.14 8.51
CA VAL A 303 15.33 14.89 8.21
C VAL A 303 16.79 15.23 8.04
N LEU A 304 17.65 14.43 8.67
CA LEU A 304 19.10 14.63 8.62
C LEU A 304 19.71 13.39 8.00
N THR A 305 20.66 13.55 7.08
CA THR A 305 21.26 12.41 6.40
C THR A 305 22.66 12.71 5.88
N ASN A 306 23.53 11.72 5.93
CA ASN A 306 24.85 11.82 5.33
C ASN A 306 24.85 11.29 3.90
N GLY A 307 23.73 11.48 3.20
CA GLY A 307 23.61 11.03 1.83
C GLY A 307 22.23 11.23 1.25
N GLY A 308 22.19 11.76 0.03
CA GLY A 308 20.94 12.06 -0.64
C GLY A 308 20.07 10.84 -0.88
N GLY A 309 20.70 9.69 -1.10
CA GLY A 309 19.99 8.45 -1.40
C GLY A 309 18.99 8.08 -0.33
N ALA A 310 19.45 8.02 0.92
CA ALA A 310 18.58 7.69 2.04
C ALA A 310 17.50 8.76 2.23
N GLY A 311 17.90 10.01 2.03
CA GLY A 311 17.00 11.14 2.16
C GLY A 311 15.85 11.09 1.17
N VAL A 312 16.10 10.58 -0.03
CA VAL A 312 15.06 10.48 -1.05
C VAL A 312 14.11 9.34 -0.72
N GLN A 313 14.65 8.22 -0.24
CA GLN A 313 13.83 7.11 0.21
C GLN A 313 12.92 7.57 1.35
N SER A 314 13.47 8.43 2.20
CA SER A 314 12.72 8.97 3.32
C SER A 314 11.61 9.89 2.85
N THR A 315 11.94 10.76 1.89
CA THR A 315 10.98 11.70 1.32
C THR A 315 9.81 10.95 0.68
N ASP A 316 10.14 9.94 -0.14
CA ASP A 316 9.12 9.15 -0.80
C ASP A 316 8.22 8.46 0.21
N THR A 317 8.82 7.90 1.26
CA THR A 317 8.07 7.19 2.28
C THR A 317 7.18 8.14 3.06
N PHE A 318 7.70 9.32 3.39
CA PHE A 318 6.90 10.33 4.07
C PHE A 318 5.76 10.81 3.18
N ALA A 319 6.02 10.90 1.88
CA ALA A 319 5.00 11.38 0.94
C ALA A 319 3.85 10.38 0.86
N ASP A 320 4.19 9.09 0.86
CA ASP A 320 3.18 8.04 0.82
C ASP A 320 2.25 8.11 2.03
N ASN A 321 2.71 8.74 3.11
CA ASN A 321 1.92 8.88 4.33
C ASN A 321 1.32 10.26 4.48
N GLY A 322 1.29 11.03 3.40
CA GLY A 322 0.73 12.37 3.44
C GLY A 322 1.51 13.29 4.36
N ILE A 323 2.83 13.13 4.35
CA ILE A 323 3.72 14.00 5.11
C ILE A 323 4.73 14.65 4.18
N TYR A 324 4.69 15.98 4.13
CA TYR A 324 5.53 16.73 3.20
C TYR A 324 6.47 17.66 3.96
N LEU A 325 7.74 17.60 3.61
CA LEU A 325 8.77 18.39 4.28
C LEU A 325 8.80 19.82 3.77
N SER A 326 9.22 20.74 4.64
CA SER A 326 9.32 22.15 4.28
C SER A 326 10.71 22.68 4.64
N LYS A 327 11.07 23.83 4.08
CA LYS A 327 12.39 24.41 4.28
C LYS A 327 12.75 24.55 5.75
N PRO A 328 14.01 24.22 6.12
CA PRO A 328 14.39 24.37 7.53
C PRO A 328 14.51 25.83 7.96
N PRO A 329 14.35 26.10 9.26
CA PRO A 329 14.57 27.47 9.73
C PRO A 329 15.98 27.96 9.39
N GLU A 330 16.09 29.21 8.99
CA GLU A 330 17.36 29.80 8.60
C GLU A 330 18.38 29.72 9.73
N SER A 331 17.90 29.82 10.96
CA SER A 331 18.76 29.72 12.13
C SER A 331 19.43 28.35 12.17
N LEU A 332 18.68 27.32 11.82
CA LEU A 332 19.22 25.96 11.83
C LEU A 332 20.24 25.80 10.71
N ILE A 333 19.93 26.34 9.53
CA ILE A 333 20.85 26.26 8.40
C ILE A 333 22.18 26.92 8.74
N GLN A 334 22.13 28.07 9.40
CA GLN A 334 23.34 28.80 9.78
C GLN A 334 24.20 27.97 10.71
N GLU A 335 23.57 27.44 11.76
CA GLU A 335 24.26 26.57 12.70
C GLU A 335 24.98 25.43 11.98
N ILE A 336 24.27 24.76 11.08
CA ILE A 336 24.84 23.61 10.38
C ILE A 336 25.98 24.04 9.47
N LYS A 337 25.85 25.24 8.90
CA LYS A 337 26.85 25.77 7.98
C LYS A 337 28.17 26.08 8.68
N LYS A 338 28.15 26.08 10.01
CA LYS A 338 29.39 26.30 10.76
C LYS A 338 30.44 25.22 10.48
N PHE A 339 29.99 24.02 10.11
CA PHE A 339 30.90 22.89 9.90
C PHE A 339 30.69 22.12 8.60
N VAL A 340 29.55 22.33 7.93
CA VAL A 340 29.23 21.55 6.74
C VAL A 340 29.88 22.14 5.47
N PRO A 341 30.26 21.29 4.50
CA PRO A 341 30.88 21.76 3.25
C PRO A 341 29.93 22.60 2.37
N PRO A 342 30.48 23.24 1.33
CA PRO A 342 29.66 24.12 0.48
C PRO A 342 28.66 23.41 -0.44
N PHE A 343 28.93 22.16 -0.80
CA PHE A 343 28.06 21.44 -1.74
C PHE A 343 27.02 20.60 -1.01
N ALA A 344 26.63 21.04 0.18
CA ALA A 344 25.63 20.36 0.98
C ALA A 344 24.25 20.94 0.72
N SER A 345 23.22 20.08 0.74
CA SER A 345 21.84 20.50 0.52
C SER A 345 21.13 20.81 1.83
N PHE A 346 20.37 21.89 1.83
CA PHE A 346 19.59 22.31 3.01
C PHE A 346 18.12 22.43 2.68
N ALA A 347 17.69 21.73 1.64
CA ALA A 347 16.29 21.79 1.19
C ALA A 347 15.35 21.06 2.14
N ASN A 348 15.93 20.27 3.05
CA ASN A 348 15.20 19.32 3.89
C ASN A 348 14.68 18.16 3.04
N PRO A 349 15.27 16.95 3.20
CA PRO A 349 16.31 16.56 4.17
C PRO A 349 17.59 17.38 4.06
N ILE A 350 18.22 17.61 5.22
CA ILE A 350 19.50 18.28 5.28
C ILE A 350 20.59 17.25 5.03
N ASP A 351 21.29 17.41 3.92
CA ASP A 351 22.30 16.45 3.50
C ASP A 351 23.68 16.94 3.91
N ILE A 352 24.21 16.37 4.99
CA ILE A 352 25.54 16.74 5.49
C ILE A 352 26.63 15.96 4.77
N THR A 353 26.25 15.25 3.70
CA THR A 353 27.15 14.52 2.80
C THR A 353 27.80 13.30 3.45
N GLY A 354 28.22 12.37 2.60
CA GLY A 354 28.88 11.15 3.03
C GLY A 354 30.25 11.37 3.64
N MET A 355 30.75 12.60 3.57
CA MET A 355 32.03 12.92 4.17
C MET A 355 31.88 13.17 5.67
N ALA A 356 30.64 13.20 6.14
CA ALA A 356 30.37 13.54 7.53
C ALA A 356 31.01 12.57 8.54
N PRO A 357 31.92 13.07 9.39
CA PRO A 357 32.38 12.25 10.51
C PRO A 357 31.35 12.17 11.65
N ASP A 358 31.64 11.33 12.64
CA ASP A 358 30.72 11.07 13.75
C ASP A 358 30.24 12.35 14.45
N ASP A 359 31.17 13.27 14.66
CA ASP A 359 30.89 14.45 15.47
C ASP A 359 29.82 15.34 14.85
N TRP A 360 29.70 15.28 13.52
CA TRP A 360 28.71 16.08 12.83
C TRP A 360 27.30 15.63 13.15
N TYR A 361 27.13 14.33 13.40
CA TYR A 361 25.82 13.82 13.77
C TYR A 361 25.41 14.33 15.13
N TYR A 362 26.38 14.47 16.03
CA TYR A 362 26.12 15.06 17.33
C TYR A 362 25.72 16.53 17.19
N MET A 363 26.52 17.31 16.47
CA MET A 363 26.28 18.74 16.34
C MET A 363 24.99 19.04 15.60
N GLY A 364 24.74 18.32 14.51
CA GLY A 364 23.53 18.50 13.73
C GLY A 364 22.29 18.17 14.52
N THR A 365 22.29 17.02 15.17
CA THR A 365 21.16 16.58 15.98
C THR A 365 20.89 17.57 17.11
N LEU A 366 21.95 18.02 17.77
CA LEU A 366 21.82 18.97 18.87
C LEU A 366 21.21 20.28 18.38
N ALA A 367 21.76 20.81 17.29
CA ALA A 367 21.28 22.06 16.72
C ALA A 367 19.80 21.95 16.36
N ALA A 368 19.42 20.84 15.76
CA ALA A 368 18.05 20.63 15.33
C ALA A 368 17.11 20.59 16.53
N LEU A 369 17.41 19.73 17.49
CA LEU A 369 16.54 19.55 18.64
C LEU A 369 16.41 20.83 19.45
N LYS A 370 17.50 21.57 19.58
CA LYS A 370 17.49 22.82 20.34
C LYS A 370 16.67 23.90 19.64
N ASN A 371 16.66 23.90 18.31
CA ASN A 371 15.97 24.94 17.57
C ASN A 371 14.48 24.98 17.92
N PRO A 372 13.95 26.17 18.31
CA PRO A 372 12.53 26.23 18.68
C PRO A 372 11.54 25.98 17.55
N ASP A 373 11.98 26.14 16.30
CA ASP A 373 11.10 25.96 15.14
C ASP A 373 11.23 24.56 14.53
N VAL A 374 11.77 23.62 15.30
CA VAL A 374 11.83 22.22 14.89
C VAL A 374 10.96 21.39 15.82
N ASP A 375 10.06 20.62 15.24
CA ASP A 375 9.10 19.84 16.01
C ASP A 375 9.44 18.36 16.08
N ALA A 376 10.17 17.87 15.10
CA ALA A 376 10.53 16.44 15.07
C ALA A 376 11.78 16.21 14.21
N LEU A 377 12.48 15.12 14.48
CA LEU A 377 13.72 14.81 13.79
C LEU A 377 13.85 13.34 13.42
N THR A 378 14.12 13.08 12.14
CA THR A 378 14.49 11.75 11.70
C THR A 378 15.94 11.79 11.27
N VAL A 379 16.76 10.95 11.91
CA VAL A 379 18.19 10.92 11.65
C VAL A 379 18.54 9.68 10.85
N LEU A 380 19.11 9.90 9.68
CA LEU A 380 19.47 8.83 8.76
C LEU A 380 20.98 8.73 8.64
N TYR A 381 21.47 7.49 8.64
CA TYR A 381 22.90 7.24 8.59
C TYR A 381 23.22 6.08 7.67
N CYS A 382 24.19 6.30 6.80
CA CYS A 382 24.72 5.27 5.92
C CYS A 382 26.18 5.00 6.30
N GLN A 383 26.50 3.75 6.61
CA GLN A 383 27.83 3.45 7.11
C GLN A 383 28.87 3.74 6.03
N THR A 384 29.90 4.48 6.45
CA THR A 384 31.05 4.79 5.59
C THR A 384 32.33 4.50 6.35
N ALA A 385 33.46 4.57 5.65
CA ALA A 385 34.76 4.32 6.27
C ALA A 385 35.16 5.50 7.16
N VAL A 386 34.49 6.63 6.94
CA VAL A 386 34.82 7.87 7.64
C VAL A 386 34.20 7.91 9.04
N THR A 387 33.32 6.95 9.32
CA THR A 387 32.58 6.93 10.58
C THR A 387 32.62 5.59 11.28
N THR A 388 32.13 5.57 12.52
CA THR A 388 31.81 4.33 13.21
C THR A 388 30.33 4.39 13.59
N PRO A 389 29.57 3.32 13.31
CA PRO A 389 28.14 3.32 13.66
C PRO A 389 27.88 3.58 15.14
N ILE A 390 28.66 2.96 16.01
CA ILE A 390 28.46 3.14 17.45
C ILE A 390 28.80 4.57 17.85
N GLY A 391 29.77 5.16 17.16
CA GLY A 391 30.17 6.52 17.41
C GLY A 391 29.06 7.48 17.05
N VAL A 392 28.36 7.18 15.96
CA VAL A 392 27.22 7.98 15.52
C VAL A 392 26.07 7.84 16.51
N ALA A 393 25.82 6.61 16.94
CA ALA A 393 24.73 6.33 17.87
C ALA A 393 24.93 7.09 19.17
N LYS A 394 26.15 7.05 19.70
CA LYS A 394 26.45 7.75 20.94
C LYS A 394 26.32 9.26 20.78
N GLY A 395 26.66 9.77 19.61
CA GLY A 395 26.52 11.19 19.33
C GLY A 395 25.06 11.59 19.39
N ILE A 396 24.19 10.76 18.83
CA ILE A 396 22.77 11.02 18.86
C ILE A 396 22.24 10.96 20.29
N VAL A 397 22.71 9.99 21.06
CA VAL A 397 22.30 9.86 22.45
C VAL A 397 22.69 11.11 23.25
N ASP A 398 23.94 11.54 23.09
CA ASP A 398 24.44 12.71 23.78
C ASP A 398 23.67 13.96 23.38
N ALA A 399 23.34 14.07 22.09
CA ALA A 399 22.61 15.22 21.59
C ALA A 399 21.21 15.27 22.20
N ILE A 400 20.55 14.12 22.28
CA ILE A 400 19.21 14.05 22.84
C ILE A 400 19.22 14.45 24.31
N LYS A 401 20.24 14.00 25.03
CA LYS A 401 20.36 14.32 26.45
C LYS A 401 20.60 15.81 26.65
N GLU A 402 21.58 16.35 25.95
CA GLU A 402 21.96 17.75 26.13
C GLU A 402 20.89 18.70 25.64
N ALA A 403 20.11 18.25 24.65
CA ALA A 403 18.98 19.03 24.15
C ALA A 403 18.05 19.38 25.30
N GLY A 404 17.97 18.48 26.27
CA GLY A 404 17.21 18.72 27.48
C GLY A 404 15.71 18.81 27.27
N ASN A 405 15.24 18.36 26.11
CA ASN A 405 13.81 18.32 25.83
C ASN A 405 13.36 16.94 25.36
N SER A 406 12.06 16.82 25.14
CA SER A 406 11.48 15.60 24.60
C SER A 406 10.78 15.91 23.29
N LYS A 407 11.54 15.82 22.20
CA LYS A 407 10.98 15.93 20.86
C LYS A 407 11.07 14.58 20.18
N PRO A 408 10.08 14.24 19.34
CA PRO A 408 10.10 12.94 18.66
C PRO A 408 11.35 12.75 17.82
N VAL A 409 12.02 11.61 18.00
CA VAL A 409 13.18 11.27 17.19
C VAL A 409 13.07 9.83 16.72
N THR A 410 13.33 9.60 15.44
CA THR A 410 13.54 8.25 14.93
C THR A 410 14.87 8.18 14.19
N VAL A 411 15.48 7.00 14.19
CA VAL A 411 16.78 6.81 13.58
C VAL A 411 16.76 5.66 12.58
N GLY A 412 17.36 5.90 11.41
CA GLY A 412 17.55 4.87 10.42
C GLY A 412 19.02 4.71 10.10
N MET A 413 19.53 3.50 10.32
CA MET A 413 20.94 3.20 10.07
C MET A 413 21.06 2.04 9.10
N VAL A 414 21.89 2.23 8.07
CA VAL A 414 22.12 1.23 7.04
C VAL A 414 23.59 0.82 7.03
N GLY A 415 23.84 -0.48 7.11
CA GLY A 415 25.20 -0.98 7.04
C GLY A 415 25.33 -2.42 7.51
N GLY A 416 26.57 -2.81 7.82
CA GLY A 416 26.88 -4.17 8.20
C GLY A 416 26.60 -4.49 9.66
N PRO A 417 27.27 -5.53 10.19
CA PRO A 417 27.08 -5.99 11.57
C PRO A 417 27.26 -4.90 12.62
N GLU A 418 28.16 -3.95 12.36
CA GLU A 418 28.39 -2.86 13.30
C GLU A 418 27.14 -1.99 13.41
N VAL A 419 26.47 -1.78 12.29
CA VAL A 419 25.21 -1.03 12.29
C VAL A 419 24.15 -1.82 13.05
N ALA A 420 24.15 -3.14 12.87
CA ALA A 420 23.21 -3.98 13.60
C ALA A 420 23.40 -3.80 15.10
N GLU A 421 24.65 -3.75 15.53
CA GLU A 421 24.96 -3.53 16.94
C GLU A 421 24.52 -2.14 17.40
N ALA A 422 24.78 -1.13 16.57
CA ALA A 422 24.46 0.25 16.91
C ALA A 422 22.95 0.47 17.04
N VAL A 423 22.18 -0.12 16.13
CA VAL A 423 20.73 -0.03 16.16
C VAL A 423 20.20 -0.66 17.45
N SER A 424 20.77 -1.81 17.81
CA SER A 424 20.38 -2.51 19.02
C SER A 424 20.69 -1.67 20.25
N PHE A 425 21.86 -1.04 20.25
CA PHE A 425 22.27 -0.13 21.33
C PHE A 425 21.25 0.97 21.53
N LEU A 426 20.84 1.60 20.42
CA LEU A 426 19.89 2.71 20.49
C LEU A 426 18.53 2.26 21.01
N ASN A 427 18.06 1.11 20.55
CA ASN A 427 16.76 0.61 20.96
C ASN A 427 16.75 0.19 22.43
N LYS A 428 17.91 -0.23 22.93
CA LYS A 428 18.03 -0.54 24.36
C LYS A 428 18.13 0.75 25.17
N GLN A 429 18.40 1.85 24.49
CA GLN A 429 18.34 3.18 25.10
C GLN A 429 16.93 3.77 24.99
N ARG A 430 15.99 2.98 24.46
CA ARG A 430 14.63 3.44 24.18
C ARG A 430 14.64 4.62 23.22
N ILE A 431 15.53 4.54 22.24
CA ILE A 431 15.53 5.44 21.10
C ILE A 431 15.17 4.62 19.86
N ALA A 432 14.06 4.97 19.21
CA ALA A 432 13.54 4.19 18.10
C ALA A 432 14.50 4.16 16.93
N ALA A 433 15.17 3.04 16.75
CA ALA A 433 16.15 2.87 15.67
C ALA A 433 15.78 1.69 14.77
N TYR A 434 16.01 1.85 13.48
CA TYR A 434 15.62 0.86 12.48
C TYR A 434 16.72 0.67 11.45
N PRO A 435 16.79 -0.52 10.84
CA PRO A 435 17.89 -0.83 9.91
C PRO A 435 17.70 -0.27 8.50
N THR A 436 16.62 0.47 8.26
CA THR A 436 16.43 1.13 6.97
C THR A 436 15.79 2.51 7.11
N PRO A 437 16.06 3.39 6.13
CA PRO A 437 15.47 4.74 6.17
C PRO A 437 13.95 4.71 6.05
N GLU A 438 13.42 3.75 5.29
CA GLU A 438 11.97 3.66 5.09
C GLU A 438 11.25 3.31 6.39
N ARG A 439 11.83 2.41 7.17
CA ARG A 439 11.20 2.00 8.42
C ARG A 439 11.29 3.11 9.46
N ALA A 440 12.42 3.82 9.48
CA ALA A 440 12.56 4.96 10.40
C ALA A 440 11.50 6.02 10.09
N SER A 441 11.28 6.26 8.80
CA SER A 441 10.35 7.30 8.38
C SER A 441 8.90 6.85 8.51
N SER A 442 8.65 5.56 8.40
CA SER A 442 7.31 5.03 8.63
C SER A 442 6.97 5.14 10.12
N ALA A 443 7.97 4.89 10.96
CA ALA A 443 7.78 5.02 12.40
C ALA A 443 7.44 6.47 12.75
N MET A 444 8.21 7.41 12.21
CA MET A 444 7.93 8.82 12.42
C MET A 444 6.55 9.19 11.86
N SER A 445 6.20 8.58 10.73
CA SER A 445 4.88 8.79 10.14
C SER A 445 3.77 8.35 11.08
N ALA A 446 4.02 7.27 11.83
CA ALA A 446 3.04 6.75 12.78
C ALA A 446 2.75 7.77 13.87
N LEU A 447 3.80 8.46 14.31
CA LEU A 447 3.64 9.51 15.32
C LEU A 447 2.70 10.61 14.80
N TYR A 448 2.91 11.02 13.55
CA TYR A 448 2.05 12.04 12.97
C TYR A 448 0.65 11.51 12.68
N ALA A 449 0.55 10.23 12.33
CA ALA A 449 -0.74 9.60 12.09
C ALA A 449 -1.58 9.62 13.37
N TYR A 450 -0.94 9.36 14.50
CA TYR A 450 -1.65 9.37 15.77
C TYR A 450 -2.07 10.78 16.14
N ALA A 451 -1.19 11.76 15.90
CA ALA A 451 -1.52 13.15 16.15
C ALA A 451 -2.74 13.56 15.33
N ARG A 452 -2.79 13.14 14.08
CA ARG A 452 -3.90 13.48 13.20
C ARG A 452 -5.18 12.72 13.58
N ALA A 453 -5.04 11.45 13.96
CA ALA A 453 -6.18 10.66 14.39
C ALA A 453 -6.81 11.26 15.63
N ARG A 454 -5.95 11.66 16.56
CA ARG A 454 -6.38 12.26 17.81
C ARG A 454 -7.10 13.59 17.54
N SER A 455 -6.57 14.35 16.59
CA SER A 455 -7.21 15.60 16.19
C SER A 455 -8.59 15.33 15.57
N TYR A 456 -8.68 14.25 14.81
CA TYR A 456 -9.95 13.83 14.21
C TYR A 456 -10.99 13.61 15.30
N VAL A 457 -10.62 12.85 16.32
CA VAL A 457 -11.54 12.53 17.40
C VAL A 457 -11.95 13.80 18.14
N MET A 458 -10.99 14.69 18.41
CA MET A 458 -11.27 15.95 19.08
C MET A 458 -12.31 16.78 18.33
N LYS A 459 -12.09 16.95 17.02
CA LYS A 459 -13.01 17.71 16.21
C LYS A 459 -14.38 17.04 16.20
N SER A 460 -14.37 15.71 16.14
CA SER A 460 -15.60 14.94 16.11
C SER A 460 -16.40 15.11 17.40
N LEU A 461 -15.69 15.40 18.50
CA LEU A 461 -16.33 15.58 19.80
C LEU A 461 -16.60 17.06 20.11
N ALA A 462 -16.31 17.94 19.17
CA ALA A 462 -16.55 19.38 19.38
C ALA A 462 -17.99 19.65 19.78
N VAL A 463 -18.19 20.70 20.57
CA VAL A 463 -19.52 21.06 21.06
C VAL A 463 -20.25 21.89 20.01
N SER B 2 -47.26 13.32 15.23
CA SER B 2 -45.87 12.91 15.04
C SER B 2 -45.68 12.25 13.68
N SER B 3 -44.48 12.43 13.12
CA SER B 3 -44.14 11.77 11.87
C SER B 3 -44.04 10.27 12.07
N ARG B 4 -43.88 9.86 13.32
CA ARG B 4 -43.82 8.44 13.64
C ARG B 4 -45.16 7.78 13.36
N ASP B 5 -46.21 8.58 13.25
CA ASP B 5 -47.53 8.04 12.90
C ASP B 5 -47.48 7.35 11.56
N LEU B 6 -46.64 7.84 10.65
CA LEU B 6 -46.48 7.22 9.34
C LEU B 6 -45.95 5.79 9.50
N LEU B 7 -44.92 5.65 10.33
CA LEU B 7 -44.31 4.35 10.58
C LEU B 7 -45.29 3.40 11.26
N LEU B 8 -45.99 3.92 12.26
CA LEU B 8 -46.95 3.12 13.02
C LEU B 8 -48.10 2.67 12.13
N LYS B 9 -48.58 3.57 11.29
CA LYS B 9 -49.66 3.26 10.36
C LYS B 9 -49.25 2.16 9.39
N ALA B 10 -48.05 2.27 8.84
CA ALA B 10 -47.56 1.28 7.90
C ALA B 10 -47.45 -0.09 8.57
N LYS B 11 -46.97 -0.08 9.81
CA LYS B 11 -46.78 -1.32 10.55
C LYS B 11 -48.12 -1.98 10.91
N GLU B 12 -49.10 -1.16 11.29
CA GLU B 12 -50.40 -1.67 11.70
C GLU B 12 -51.13 -2.34 10.54
N ASN B 13 -50.83 -1.92 9.32
CA ASN B 13 -51.41 -2.52 8.13
C ASN B 13 -50.50 -3.59 7.54
N GLY B 14 -49.47 -3.94 8.30
CA GLY B 14 -48.57 -5.01 7.92
C GLY B 14 -47.72 -4.75 6.69
N ARG B 15 -47.39 -3.49 6.44
CA ARG B 15 -46.55 -3.15 5.30
C ARG B 15 -45.09 -3.10 5.74
N LYS B 16 -44.19 -3.53 4.87
CA LYS B 16 -42.76 -3.57 5.17
C LYS B 16 -42.02 -2.37 4.59
N SER B 17 -42.77 -1.43 4.02
CA SER B 17 -42.17 -0.22 3.45
C SER B 17 -43.13 0.94 3.50
N LEU B 18 -42.60 2.16 3.52
CA LEU B 18 -43.41 3.36 3.43
C LEU B 18 -43.66 3.69 1.98
N LEU B 19 -44.85 4.20 1.67
CA LEU B 19 -45.15 4.65 0.33
C LEU B 19 -44.24 5.81 -0.06
N GLU B 20 -44.19 6.11 -1.35
CA GLU B 20 -43.27 7.12 -1.87
C GLU B 20 -43.46 8.47 -1.19
N HIS B 21 -44.71 8.92 -1.10
CA HIS B 21 -45.00 10.22 -0.55
C HIS B 21 -44.79 10.24 0.96
N GLU B 22 -45.09 9.12 1.62
CA GLU B 22 -44.89 9.01 3.06
C GLU B 22 -43.42 9.09 3.42
N ALA B 23 -42.58 8.48 2.59
CA ALA B 23 -41.15 8.50 2.82
C ALA B 23 -40.64 9.92 2.75
N LYS B 24 -41.12 10.67 1.76
CA LYS B 24 -40.71 12.06 1.60
C LYS B 24 -41.18 12.95 2.75
N TYR B 25 -42.42 12.78 3.18
CA TYR B 25 -42.94 13.52 4.32
C TYR B 25 -42.07 13.28 5.55
N PHE B 26 -41.75 12.01 5.79
CA PHE B 26 -40.95 11.61 6.93
C PHE B 26 -39.54 12.21 6.88
N ILE B 27 -38.94 12.17 5.70
CA ILE B 27 -37.62 12.76 5.46
C ILE B 27 -37.65 14.28 5.63
N SER B 28 -38.73 14.89 5.18
CA SER B 28 -38.88 16.33 5.25
C SER B 28 -38.97 16.80 6.70
N SER B 29 -39.65 16.02 7.54
CA SER B 29 -39.87 16.42 8.92
C SER B 29 -38.59 16.38 9.75
N TYR B 30 -37.56 15.73 9.22
CA TYR B 30 -36.25 15.72 9.88
C TYR B 30 -35.36 16.82 9.35
N GLY B 31 -35.89 17.63 8.43
CA GLY B 31 -35.16 18.77 7.92
C GLY B 31 -34.27 18.44 6.74
N ILE B 32 -34.60 17.35 6.03
CA ILE B 32 -33.89 17.03 4.80
C ILE B 32 -34.72 17.49 3.60
N PRO B 33 -34.15 18.37 2.75
CA PRO B 33 -34.93 18.91 1.63
C PRO B 33 -35.34 17.86 0.60
N VAL B 34 -36.53 18.02 0.04
CA VAL B 34 -37.06 17.13 -0.97
C VAL B 34 -37.70 17.93 -2.10
N THR B 35 -37.82 17.34 -3.28
CA THR B 35 -38.57 18.02 -4.33
C THR B 35 -40.02 18.08 -3.87
N ASN B 36 -40.65 19.24 -4.05
CA ASN B 36 -41.97 19.47 -3.52
C ASN B 36 -43.01 18.50 -4.07
N ILE B 37 -43.92 18.04 -3.22
CA ILE B 37 -44.98 17.11 -3.64
C ILE B 37 -46.30 17.33 -2.90
N ARG B 38 -47.39 16.89 -3.52
CA ARG B 38 -48.72 16.94 -2.91
C ARG B 38 -49.52 15.69 -3.25
N LEU B 39 -50.32 15.22 -2.30
CA LEU B 39 -51.21 14.09 -2.55
C LEU B 39 -52.58 14.60 -2.93
N ALA B 40 -52.99 14.33 -4.16
CA ALA B 40 -54.27 14.80 -4.68
C ALA B 40 -55.38 13.78 -4.44
N LYS B 41 -56.43 14.22 -3.75
CA LYS B 41 -57.57 13.37 -3.45
C LYS B 41 -58.71 13.62 -4.45
N SER B 42 -58.60 14.70 -5.22
CA SER B 42 -59.59 15.03 -6.23
C SER B 42 -58.92 15.67 -7.44
N GLU B 43 -59.64 15.71 -8.57
CA GLU B 43 -59.12 16.36 -9.77
C GLU B 43 -58.89 17.84 -9.52
N GLU B 44 -59.81 18.46 -8.78
CA GLU B 44 -59.69 19.88 -8.48
C GLU B 44 -58.49 20.15 -7.58
N GLU B 45 -58.18 19.20 -6.70
CA GLU B 45 -57.03 19.34 -5.83
C GLU B 45 -55.75 19.12 -6.62
N ALA B 46 -55.80 18.19 -7.57
CA ALA B 46 -54.66 17.94 -8.43
C ALA B 46 -54.32 19.20 -9.23
N VAL B 47 -55.34 19.89 -9.72
CA VAL B 47 -55.15 21.14 -10.45
C VAL B 47 -54.62 22.24 -9.55
N ASN B 48 -55.26 22.44 -8.40
CA ASN B 48 -54.83 23.46 -7.45
C ASN B 48 -53.39 23.24 -7.00
N PHE B 49 -53.04 21.98 -6.76
CA PHE B 49 -51.71 21.63 -6.29
C PHE B 49 -50.70 21.85 -7.42
N SER B 50 -51.12 21.59 -8.65
CA SER B 50 -50.25 21.80 -9.79
C SER B 50 -49.86 23.27 -9.89
N ARG B 51 -50.83 24.16 -9.69
CA ARG B 51 -50.52 25.60 -9.69
C ARG B 51 -49.63 25.95 -8.51
N GLU B 52 -49.86 25.27 -7.39
CA GLU B 52 -49.09 25.50 -6.16
C GLU B 52 -47.63 25.15 -6.39
N ILE B 53 -47.40 23.99 -6.99
CA ILE B 53 -46.05 23.44 -7.13
C ILE B 53 -45.33 24.00 -8.35
N GLY B 54 -46.11 24.48 -9.33
CA GLY B 54 -45.54 25.12 -10.50
C GLY B 54 -45.31 24.10 -11.60
N PHE B 55 -45.48 24.53 -12.85
CA PHE B 55 -45.30 23.62 -13.98
C PHE B 55 -43.85 23.62 -14.43
N PRO B 56 -43.39 22.52 -15.05
CA PRO B 56 -44.18 21.30 -15.30
C PRO B 56 -44.19 20.38 -14.08
N VAL B 57 -45.23 19.55 -13.97
CA VAL B 57 -45.34 18.59 -12.88
C VAL B 57 -45.48 17.18 -13.41
N VAL B 58 -45.21 16.22 -12.54
CA VAL B 58 -45.38 14.80 -12.85
C VAL B 58 -46.50 14.25 -11.99
N LEU B 59 -47.31 13.38 -12.57
CA LEU B 59 -48.40 12.73 -11.86
C LEU B 59 -48.17 11.24 -11.77
N LYS B 60 -48.40 10.66 -10.59
CA LYS B 60 -48.31 9.21 -10.42
C LYS B 60 -49.41 8.68 -9.52
N ILE B 61 -49.74 7.41 -9.71
CA ILE B 61 -50.75 6.76 -8.88
C ILE B 61 -50.13 6.45 -7.53
N VAL B 62 -50.91 6.53 -6.47
CA VAL B 62 -50.45 6.17 -5.14
C VAL B 62 -51.28 5.00 -4.62
N SER B 63 -50.67 3.82 -4.59
CA SER B 63 -51.32 2.62 -4.11
C SER B 63 -50.29 1.59 -3.66
N PRO B 64 -50.50 0.95 -2.49
CA PRO B 64 -49.60 -0.08 -1.97
C PRO B 64 -49.37 -1.26 -2.92
N GLN B 65 -50.34 -1.51 -3.79
CA GLN B 65 -50.28 -2.68 -4.66
C GLN B 65 -49.38 -2.38 -5.86
N VAL B 66 -49.40 -1.15 -6.34
CA VAL B 66 -48.56 -0.79 -7.47
C VAL B 66 -47.09 -0.79 -7.05
N VAL B 67 -46.23 -1.35 -7.90
CA VAL B 67 -44.79 -1.36 -7.66
C VAL B 67 -44.05 -0.69 -8.83
N HIS B 68 -44.61 -0.82 -10.03
CA HIS B 68 -44.07 -0.17 -11.22
C HIS B 68 -45.14 0.70 -11.88
N LYS B 69 -45.18 1.98 -11.51
CA LYS B 69 -46.25 2.86 -11.98
C LYS B 69 -46.21 3.06 -13.49
N SER B 70 -45.01 3.14 -14.08
CA SER B 70 -44.91 3.36 -15.52
C SER B 70 -45.50 2.18 -16.29
N ASP B 71 -45.11 0.97 -15.90
CA ASP B 71 -45.61 -0.25 -16.53
C ASP B 71 -47.13 -0.31 -16.51
N VAL B 72 -47.73 0.12 -15.42
CA VAL B 72 -49.18 0.01 -15.26
C VAL B 72 -49.90 1.21 -15.90
N GLY B 73 -49.13 2.14 -16.46
CA GLY B 73 -49.71 3.30 -17.11
C GLY B 73 -50.26 4.29 -16.09
N GLY B 74 -49.51 4.45 -15.00
CA GLY B 74 -49.90 5.32 -13.90
C GLY B 74 -48.88 6.41 -13.66
N VAL B 75 -48.14 6.80 -14.70
CA VAL B 75 -47.23 7.95 -14.64
C VAL B 75 -47.41 8.85 -15.85
N LYS B 76 -47.87 10.07 -15.60
CA LYS B 76 -47.99 11.08 -16.64
C LYS B 76 -46.93 12.16 -16.43
N VAL B 77 -46.13 12.41 -17.46
CA VAL B 77 -44.95 13.28 -17.36
C VAL B 77 -45.14 14.60 -18.11
N ASN B 78 -44.49 15.64 -17.58
CA ASN B 78 -44.44 16.94 -18.24
C ASN B 78 -45.81 17.57 -18.45
N LEU B 79 -46.61 17.66 -17.38
CA LEU B 79 -47.90 18.33 -17.48
C LEU B 79 -47.63 19.80 -17.23
N ARG B 80 -48.13 20.63 -18.14
CA ARG B 80 -47.78 22.04 -18.18
C ARG B 80 -48.96 22.97 -17.97
N SER B 81 -50.18 22.44 -18.09
CA SER B 81 -51.38 23.25 -18.00
C SER B 81 -52.46 22.56 -17.19
N GLU B 82 -53.40 23.36 -16.69
CA GLU B 82 -54.56 22.87 -15.98
C GLU B 82 -55.31 21.83 -16.81
N GLU B 83 -55.42 22.09 -18.10
CA GLU B 83 -56.09 21.18 -19.02
C GLU B 83 -55.37 19.86 -19.11
N GLU B 84 -54.04 19.91 -19.22
CA GLU B 84 -53.25 18.70 -19.31
C GLU B 84 -53.34 17.90 -18.01
N VAL B 85 -53.48 18.60 -16.88
CA VAL B 85 -53.52 17.92 -15.58
C VAL B 85 -54.86 17.19 -15.44
N ARG B 86 -55.94 17.83 -15.88
CA ARG B 86 -57.25 17.20 -15.83
C ARG B 86 -57.28 15.94 -16.69
N LYS B 87 -56.59 15.99 -17.82
CA LYS B 87 -56.49 14.84 -18.70
C LYS B 87 -55.69 13.71 -18.07
N ALA B 88 -54.50 14.04 -17.58
CA ALA B 88 -53.61 13.06 -16.97
C ALA B 88 -54.25 12.38 -15.78
N TYR B 89 -54.96 13.19 -14.98
CA TYR B 89 -55.65 12.69 -13.80
C TYR B 89 -56.58 11.54 -14.14
N ARG B 90 -57.44 11.78 -15.13
CA ARG B 90 -58.44 10.80 -15.52
C ARG B 90 -57.83 9.64 -16.31
N GLU B 91 -56.80 9.94 -17.09
CA GLU B 91 -56.09 8.92 -17.84
C GLU B 91 -55.49 7.89 -16.88
N ILE B 92 -54.97 8.39 -15.76
CA ILE B 92 -54.33 7.53 -14.77
C ILE B 92 -55.37 6.71 -14.00
N ILE B 93 -56.47 7.34 -13.60
CA ILE B 93 -57.53 6.61 -12.90
C ILE B 93 -58.02 5.47 -13.76
N GLU B 94 -58.26 5.75 -15.04
CA GLU B 94 -58.79 4.74 -15.95
C GLU B 94 -57.78 3.63 -16.17
N ASN B 95 -56.56 4.00 -16.54
CA ASN B 95 -55.51 3.03 -16.86
C ASN B 95 -55.24 2.06 -15.73
N VAL B 96 -55.02 2.59 -14.53
CA VAL B 96 -54.71 1.72 -13.39
C VAL B 96 -55.95 0.94 -12.99
N LYS B 97 -57.12 1.55 -13.08
CA LYS B 97 -58.37 0.90 -12.67
C LYS B 97 -58.72 -0.30 -13.55
N ARG B 98 -58.05 -0.44 -14.69
CA ARG B 98 -58.29 -1.57 -15.59
C ARG B 98 -57.03 -2.37 -15.91
N ASN B 99 -55.92 -2.04 -15.25
CA ASN B 99 -54.68 -2.80 -15.38
C ASN B 99 -54.31 -3.44 -14.04
N VAL B 100 -54.80 -2.84 -12.97
CA VAL B 100 -54.73 -3.42 -11.64
C VAL B 100 -56.09 -3.15 -11.00
N PRO B 101 -57.12 -3.88 -11.46
CA PRO B 101 -58.51 -3.60 -11.09
C PRO B 101 -58.75 -3.55 -9.59
N ASN B 102 -58.40 -4.62 -8.88
CA ASN B 102 -58.59 -4.66 -7.43
C ASN B 102 -57.52 -3.86 -6.68
N ALA B 103 -57.53 -2.54 -6.89
CA ALA B 103 -56.51 -1.65 -6.33
C ALA B 103 -57.12 -0.63 -5.38
N GLU B 104 -56.52 -0.52 -4.21
CA GLU B 104 -56.93 0.45 -3.21
C GLU B 104 -56.09 1.71 -3.35
N ILE B 105 -56.64 2.73 -4.02
CA ILE B 105 -55.85 3.92 -4.32
C ILE B 105 -55.96 4.89 -3.15
N GLU B 106 -54.84 5.48 -2.78
CA GLU B 106 -54.77 6.48 -1.73
C GLU B 106 -54.93 7.88 -2.30
N GLY B 107 -54.58 8.03 -3.56
CA GLY B 107 -54.66 9.31 -4.23
C GLY B 107 -53.71 9.37 -5.40
N ILE B 108 -53.51 10.56 -5.96
CA ILE B 108 -52.56 10.77 -7.05
C ILE B 108 -51.53 11.82 -6.62
N LEU B 109 -50.27 11.50 -6.88
CA LEU B 109 -49.15 12.32 -6.45
C LEU B 109 -48.76 13.37 -7.48
N VAL B 110 -48.69 14.63 -7.05
CA VAL B 110 -48.24 15.73 -7.90
C VAL B 110 -46.83 16.11 -7.50
N GLN B 111 -45.88 15.94 -8.42
CA GLN B 111 -44.47 16.13 -8.09
C GLN B 111 -43.82 17.28 -8.87
N GLU B 112 -43.05 18.08 -8.15
CA GLU B 112 -42.28 19.17 -8.71
C GLU B 112 -41.22 18.69 -9.69
N PHE B 113 -40.86 19.53 -10.66
CA PHE B 113 -39.79 19.22 -11.59
C PHE B 113 -38.44 19.48 -10.92
N ALA B 114 -37.48 18.61 -11.16
CA ALA B 114 -36.15 18.74 -10.55
C ALA B 114 -35.11 19.19 -11.58
N PRO B 115 -34.68 20.46 -11.51
CA PRO B 115 -33.65 20.90 -12.44
C PRO B 115 -32.41 20.00 -12.37
N PRO B 116 -31.76 19.72 -13.51
CA PRO B 116 -30.60 18.83 -13.49
C PRO B 116 -29.46 19.36 -12.62
N GLY B 117 -28.63 18.44 -12.13
CA GLY B 117 -27.49 18.81 -11.30
C GLY B 117 -26.59 17.61 -11.07
N VAL B 118 -25.75 17.69 -10.04
CA VAL B 118 -24.88 16.58 -9.68
C VAL B 118 -25.63 15.60 -8.78
N GLU B 119 -25.72 14.35 -9.21
CA GLU B 119 -26.49 13.36 -8.47
C GLU B 119 -25.67 12.73 -7.34
N LEU B 120 -26.32 12.51 -6.21
CA LEU B 120 -25.69 11.92 -5.03
C LEU B 120 -26.50 10.73 -4.53
N ILE B 121 -25.83 9.82 -3.83
CA ILE B 121 -26.48 8.74 -3.11
C ILE B 121 -26.23 8.91 -1.62
N ILE B 122 -27.30 8.95 -0.82
CA ILE B 122 -27.19 8.90 0.63
C ILE B 122 -27.96 7.71 1.16
N GLY B 123 -27.25 6.78 1.78
CA GLY B 123 -27.84 5.55 2.28
C GLY B 123 -27.78 5.41 3.78
N LEU B 124 -28.63 4.53 4.30
CA LEU B 124 -28.60 4.15 5.70
C LEU B 124 -28.86 2.66 5.81
N LEU B 125 -27.95 1.94 6.46
CA LEU B 125 -28.07 0.51 6.66
C LEU B 125 -27.79 0.18 8.12
N ARG B 126 -28.03 -1.07 8.49
CA ARG B 126 -27.77 -1.54 9.84
C ARG B 126 -26.74 -2.67 9.82
N ASP B 127 -25.55 -2.37 10.32
CA ASP B 127 -24.46 -3.34 10.37
C ASP B 127 -24.53 -4.14 11.66
N PRO B 128 -24.32 -5.47 11.59
CA PRO B 128 -24.41 -6.31 12.79
C PRO B 128 -23.57 -5.84 13.97
N GLN B 129 -22.36 -5.35 13.70
CA GLN B 129 -21.49 -4.88 14.77
C GLN B 129 -21.80 -3.47 15.21
N PHE B 130 -21.86 -2.55 14.25
CA PHE B 130 -21.82 -1.13 14.56
C PHE B 130 -23.18 -0.43 14.48
N GLY B 131 -24.23 -1.19 14.17
CA GLY B 131 -25.57 -0.63 14.10
C GLY B 131 -25.71 0.37 12.96
N PRO B 132 -26.60 1.37 13.12
CA PRO B 132 -26.90 2.30 12.03
C PRO B 132 -25.67 3.00 11.44
N THR B 133 -25.50 2.84 10.12
CA THR B 133 -24.34 3.37 9.41
C THR B 133 -24.79 4.13 8.18
N VAL B 134 -24.15 5.28 7.94
CA VAL B 134 -24.51 6.13 6.80
C VAL B 134 -23.56 5.87 5.63
N MET B 135 -24.13 5.81 4.43
CA MET B 135 -23.36 5.62 3.22
C MET B 135 -23.48 6.86 2.32
N PHE B 136 -22.37 7.24 1.70
CA PHE B 136 -22.36 8.35 0.75
C PHE B 136 -21.63 7.97 -0.52
N GLY B 137 -22.09 8.55 -1.64
CA GLY B 137 -21.42 8.37 -2.91
C GLY B 137 -22.02 9.23 -4.00
N LEU B 138 -21.32 9.34 -5.12
CA LEU B 138 -21.85 10.05 -6.28
C LEU B 138 -22.75 9.11 -7.08
N GLY B 139 -23.74 9.67 -7.75
CA GLY B 139 -24.74 8.88 -8.43
C GLY B 139 -24.25 8.30 -9.74
N GLY B 140 -25.19 7.73 -10.49
CA GLY B 140 -24.88 7.11 -11.76
C GLY B 140 -23.94 5.92 -11.64
N VAL B 141 -22.95 5.89 -12.53
CA VAL B 141 -22.02 4.77 -12.61
C VAL B 141 -21.14 4.68 -11.36
N PHE B 142 -20.92 5.81 -10.71
CA PHE B 142 -19.91 5.89 -9.67
C PHE B 142 -20.24 4.99 -8.48
N VAL B 143 -21.52 4.88 -8.14
CA VAL B 143 -21.94 3.89 -7.15
C VAL B 143 -22.33 2.59 -7.84
N GLU B 144 -23.19 2.68 -8.85
CA GLU B 144 -23.76 1.49 -9.48
C GLU B 144 -22.71 0.57 -10.08
N LEU B 145 -21.66 1.16 -10.65
CA LEU B 145 -20.67 0.40 -11.39
C LEU B 145 -19.34 0.32 -10.67
N PHE B 146 -18.85 1.45 -10.18
CA PHE B 146 -17.53 1.50 -9.55
C PHE B 146 -17.59 1.25 -8.05
N ARG B 147 -18.80 1.29 -7.47
CA ARG B 147 -18.98 1.06 -6.04
C ARG B 147 -18.15 2.02 -5.19
N ASP B 148 -17.97 3.24 -5.68
CA ASP B 148 -17.20 4.25 -4.95
C ASP B 148 -18.01 4.87 -3.82
N VAL B 149 -17.93 4.29 -2.62
CA VAL B 149 -18.76 4.73 -1.49
C VAL B 149 -17.93 4.88 -0.23
N SER B 150 -18.39 5.74 0.68
CA SER B 150 -17.79 5.89 2.00
C SER B 150 -18.81 5.59 3.09
N PHE B 151 -18.33 5.17 4.25
CA PHE B 151 -19.20 4.83 5.37
C PHE B 151 -18.80 5.55 6.64
N ARG B 152 -19.79 5.91 7.45
CA ARG B 152 -19.57 6.42 8.79
C ARG B 152 -20.64 5.89 9.74
N VAL B 153 -20.22 5.41 10.90
CA VAL B 153 -21.15 4.90 11.90
C VAL B 153 -21.85 6.05 12.60
N ALA B 154 -23.16 5.96 12.72
CA ALA B 154 -23.96 7.04 13.30
C ALA B 154 -23.94 6.97 14.83
N PRO B 155 -24.15 8.10 15.51
CA PRO B 155 -24.43 9.45 14.97
C PRO B 155 -23.22 10.11 14.32
N LEU B 156 -23.47 10.92 13.30
CA LEU B 156 -22.40 11.60 12.56
C LEU B 156 -22.10 12.98 13.12
N SER B 157 -20.83 13.26 13.32
CA SER B 157 -20.38 14.61 13.64
C SER B 157 -20.18 15.38 12.34
N GLU B 158 -19.96 16.69 12.45
CA GLU B 158 -19.63 17.49 11.28
C GLU B 158 -18.33 16.99 10.66
N GLN B 159 -17.40 16.59 11.52
CA GLN B 159 -16.11 16.06 11.07
C GLN B 159 -16.29 14.72 10.34
N ASP B 160 -17.23 13.91 10.80
CA ASP B 160 -17.52 12.65 10.12
C ASP B 160 -18.07 12.89 8.73
N ALA B 161 -19.03 13.79 8.63
CA ALA B 161 -19.69 14.08 7.35
C ALA B 161 -18.71 14.67 6.35
N GLU B 162 -17.94 15.67 6.78
CA GLU B 162 -17.01 16.34 5.88
C GLU B 162 -15.97 15.35 5.34
N SER B 163 -15.36 14.58 6.23
CA SER B 163 -14.30 13.67 5.85
C SER B 163 -14.80 12.55 4.95
N MET B 164 -16.01 12.06 5.19
CA MET B 164 -16.53 10.96 4.38
C MET B 164 -16.90 11.46 2.99
N ILE B 165 -17.26 12.73 2.87
CA ILE B 165 -17.50 13.33 1.56
C ILE B 165 -16.20 13.44 0.78
N LYS B 166 -15.18 14.03 1.40
CA LYS B 166 -13.90 14.22 0.72
C LYS B 166 -13.19 12.91 0.44
N GLU B 167 -13.63 11.84 1.08
CA GLU B 167 -12.93 10.56 1.01
C GLU B 167 -13.15 9.82 -0.31
N VAL B 168 -14.31 9.98 -0.92
CA VAL B 168 -14.65 9.22 -2.12
C VAL B 168 -13.83 9.68 -3.34
N LYS B 169 -13.55 8.73 -4.22
CA LYS B 169 -12.68 8.96 -5.37
C LYS B 169 -13.25 9.96 -6.36
N ALA B 170 -14.57 10.07 -6.41
CA ALA B 170 -15.25 10.97 -7.34
C ALA B 170 -15.54 12.32 -6.67
N TYR B 171 -14.78 12.65 -5.64
CA TYR B 171 -14.98 13.88 -4.89
C TYR B 171 -14.97 15.12 -5.79
N LYS B 172 -14.03 15.16 -6.73
CA LYS B 172 -13.84 16.35 -7.57
C LYS B 172 -15.11 16.79 -8.30
N LEU B 173 -16.07 15.88 -8.45
CA LEU B 173 -17.32 16.23 -9.13
C LEU B 173 -18.18 17.21 -8.33
N LEU B 174 -17.78 17.48 -7.09
CA LEU B 174 -18.52 18.38 -6.22
C LEU B 174 -17.88 19.75 -6.13
N THR B 175 -16.67 19.87 -6.69
CA THR B 175 -15.88 21.09 -6.53
C THR B 175 -15.67 21.85 -7.85
N GLY B 176 -16.47 21.53 -8.86
CA GLY B 176 -16.43 22.25 -10.12
C GLY B 176 -15.63 21.56 -11.21
N PHE B 177 -16.29 21.34 -12.34
CA PHE B 177 -15.65 20.76 -13.52
C PHE B 177 -16.34 21.28 -14.77
N ARG B 178 -15.88 20.84 -15.94
CA ARG B 178 -16.38 21.36 -17.22
C ARG B 178 -17.90 21.41 -17.29
N GLY B 179 -18.44 22.62 -17.28
CA GLY B 179 -19.87 22.84 -17.48
C GLY B 179 -20.68 22.62 -16.22
N MET B 180 -20.04 22.73 -15.06
CA MET B 180 -20.72 22.50 -13.79
C MET B 180 -20.02 23.25 -12.65
N GLU B 181 -20.78 24.10 -11.96
CA GLU B 181 -20.26 24.85 -10.84
C GLU B 181 -20.13 23.97 -9.61
N PRO B 182 -19.34 24.42 -8.61
CA PRO B 182 -19.28 23.71 -7.33
C PRO B 182 -20.65 23.65 -6.65
N VAL B 183 -20.93 22.59 -5.91
CA VAL B 183 -22.23 22.42 -5.25
C VAL B 183 -22.13 22.69 -3.76
N ASP B 184 -23.28 22.74 -3.10
CA ASP B 184 -23.35 23.09 -1.67
C ASP B 184 -22.92 21.93 -0.77
N ILE B 185 -21.63 21.88 -0.46
CA ILE B 185 -21.07 20.84 0.39
C ILE B 185 -21.71 20.84 1.77
N GLU B 186 -21.99 22.03 2.28
CA GLU B 186 -22.58 22.18 3.61
C GLU B 186 -23.96 21.53 3.66
N ALA B 187 -24.72 21.69 2.58
CA ALA B 187 -26.03 21.07 2.48
C ALA B 187 -25.91 19.56 2.53
N ILE B 188 -24.89 19.03 1.85
CA ILE B 188 -24.68 17.58 1.82
C ILE B 188 -24.30 17.07 3.20
N LYS B 189 -23.41 17.78 3.89
CA LYS B 189 -22.99 17.39 5.23
C LYS B 189 -24.19 17.36 6.16
N ASP B 190 -25.01 18.39 6.05
CA ASP B 190 -26.20 18.54 6.88
C ASP B 190 -27.14 17.36 6.68
N ALA B 191 -27.33 16.97 5.42
CA ALA B 191 -28.24 15.88 5.11
C ALA B 191 -27.69 14.54 5.61
N LEU B 192 -26.39 14.34 5.50
CA LEU B 192 -25.75 13.12 5.98
C LEU B 192 -25.95 12.97 7.49
N ILE B 193 -25.74 14.07 8.21
CA ILE B 193 -25.87 14.05 9.66
C ILE B 193 -27.29 13.72 10.07
N ARG B 194 -28.27 14.27 9.36
CA ARG B 194 -29.67 14.02 9.68
C ARG B 194 -30.10 12.62 9.29
N ALA B 195 -29.51 12.08 8.22
CA ALA B 195 -29.78 10.71 7.82
C ALA B 195 -29.34 9.77 8.94
N GLY B 196 -28.19 10.07 9.54
CA GLY B 196 -27.69 9.29 10.65
C GLY B 196 -28.62 9.35 11.84
N ARG B 197 -29.16 10.54 12.12
CA ARG B 197 -30.07 10.73 13.23
C ARG B 197 -31.35 9.92 13.05
N ILE B 198 -31.84 9.88 11.82
CA ILE B 198 -33.00 9.06 11.48
C ILE B 198 -32.73 7.60 11.85
N GLY B 199 -31.54 7.13 11.51
CA GLY B 199 -31.17 5.75 11.78
C GLY B 199 -31.02 5.44 13.27
N VAL B 200 -30.52 6.40 14.02
CA VAL B 200 -30.30 6.18 15.45
C VAL B 200 -31.63 6.18 16.20
N GLU B 201 -32.52 7.10 15.86
CA GLU B 201 -33.73 7.33 16.63
C GLU B 201 -34.88 6.38 16.30
N ASN B 202 -34.92 5.89 15.07
CA ASN B 202 -36.02 5.04 14.62
C ASN B 202 -35.60 3.59 14.45
N GLU B 203 -35.76 2.82 15.53
CA GLU B 203 -35.34 1.42 15.56
C GLU B 203 -36.00 0.59 14.47
N GLU B 204 -37.25 0.93 14.15
CA GLU B 204 -38.04 0.14 13.23
C GLU B 204 -37.67 0.37 11.76
N ILE B 205 -36.80 1.34 11.50
CA ILE B 205 -36.30 1.54 10.15
C ILE B 205 -35.07 0.65 9.93
N ALA B 206 -35.23 -0.31 9.03
CA ALA B 206 -34.17 -1.27 8.74
C ALA B 206 -33.18 -0.74 7.73
N GLU B 207 -33.69 0.06 6.78
CA GLU B 207 -32.87 0.53 5.68
C GLU B 207 -33.52 1.76 5.04
N MET B 208 -32.69 2.68 4.58
CA MET B 208 -33.17 3.87 3.89
C MET B 208 -32.26 4.20 2.71
N ASP B 209 -32.89 4.53 1.59
CA ASP B 209 -32.16 4.87 0.38
C ASP B 209 -32.66 6.19 -0.17
N LEU B 210 -31.79 7.21 -0.13
CA LEU B 210 -32.07 8.50 -0.74
C LEU B 210 -31.37 8.53 -2.08
N ASN B 211 -32.14 8.34 -3.15
CA ASN B 211 -31.56 8.12 -4.47
C ASN B 211 -32.60 8.26 -5.59
N PRO B 212 -32.40 9.21 -6.50
CA PRO B 212 -31.29 10.17 -6.57
C PRO B 212 -31.47 11.36 -5.64
N VAL B 213 -30.34 11.94 -5.23
CA VAL B 213 -30.32 13.23 -4.55
C VAL B 213 -29.55 14.18 -5.44
N ILE B 214 -30.07 15.39 -5.64
CA ILE B 214 -29.45 16.35 -6.55
C ILE B 214 -28.85 17.52 -5.78
N ALA B 215 -27.56 17.74 -6.00
CA ALA B 215 -26.84 18.85 -5.39
C ALA B 215 -26.75 20.01 -6.37
N TYR B 216 -27.05 21.21 -5.87
CA TYR B 216 -26.96 22.44 -6.65
C TYR B 216 -25.93 23.35 -6.01
N PRO B 217 -25.58 24.46 -6.70
CA PRO B 217 -24.69 25.44 -6.09
C PRO B 217 -25.21 25.96 -4.75
N LYS B 218 -26.52 25.80 -4.53
CA LYS B 218 -27.13 26.17 -3.26
C LYS B 218 -28.20 25.15 -2.87
N GLY B 219 -27.93 24.40 -1.80
CA GLY B 219 -28.87 23.42 -1.29
C GLY B 219 -28.86 22.12 -2.08
N ILE B 220 -29.63 21.15 -1.59
CA ILE B 220 -29.80 19.87 -2.27
C ILE B 220 -31.29 19.51 -2.26
N LYS B 221 -31.68 18.56 -3.12
CA LYS B 221 -33.06 18.08 -3.12
C LYS B 221 -33.18 16.57 -3.36
N VAL B 222 -33.69 15.86 -2.37
CA VAL B 222 -33.96 14.44 -2.54
C VAL B 222 -35.12 14.27 -3.51
N VAL B 223 -34.88 13.58 -4.63
CA VAL B 223 -35.93 13.37 -5.62
C VAL B 223 -36.75 12.12 -5.29
N ASP B 224 -36.08 11.05 -4.89
CA ASP B 224 -36.74 9.81 -4.52
C ASP B 224 -36.19 9.27 -3.21
N ALA B 225 -37.08 8.76 -2.37
CA ALA B 225 -36.71 8.22 -1.06
C ALA B 225 -37.39 6.88 -0.84
N ARG B 226 -36.62 5.92 -0.37
CA ARG B 226 -37.11 4.59 -0.08
C ARG B 226 -36.80 4.24 1.37
N ILE B 227 -37.84 3.84 2.11
CA ILE B 227 -37.67 3.47 3.51
C ILE B 227 -38.27 2.07 3.73
N ILE B 228 -37.44 1.17 4.24
CA ILE B 228 -37.86 -0.20 4.54
C ILE B 228 -38.01 -0.36 6.05
N LEU B 229 -39.08 -1.05 6.46
CA LEU B 229 -39.39 -1.25 7.87
C LEU B 229 -39.05 -2.66 8.34
N ARG B 230 -38.96 -2.81 9.66
CA ARG B 230 -38.81 -4.12 10.29
C ARG B 230 -39.62 -4.17 11.58
N ASP C 3 31.63 -4.31 -24.79
CA ASP C 3 32.10 -5.52 -24.13
C ASP C 3 32.89 -5.17 -22.87
N LEU C 4 32.36 -5.58 -21.72
CA LEU C 4 32.93 -5.21 -20.44
C LEU C 4 33.64 -6.39 -19.76
N GLU C 5 33.99 -7.38 -20.56
CA GLU C 5 34.69 -8.57 -20.06
C GLU C 5 35.98 -8.17 -19.33
N ARG C 6 36.70 -7.23 -19.91
CA ARG C 6 38.01 -6.85 -19.37
C ARG C 6 37.87 -5.86 -18.21
N LEU C 7 36.67 -5.31 -18.02
CA LEU C 7 36.42 -4.46 -16.88
C LEU C 7 36.24 -5.30 -15.63
N PHE C 8 35.45 -6.36 -15.75
CA PHE C 8 35.15 -7.21 -14.61
C PHE C 8 36.21 -8.30 -14.39
N ASN C 9 36.90 -8.68 -15.46
CA ASN C 9 37.95 -9.69 -15.38
C ASN C 9 39.26 -9.19 -16.00
N PRO C 10 39.87 -8.16 -15.39
CA PRO C 10 41.12 -7.58 -15.89
C PRO C 10 42.36 -8.40 -15.55
N SER C 11 43.40 -8.26 -16.36
CA SER C 11 44.69 -8.87 -16.07
C SER C 11 45.53 -7.94 -15.21
N ALA C 12 45.35 -6.64 -15.41
CA ALA C 12 46.11 -5.63 -14.67
C ALA C 12 45.25 -4.42 -14.33
N ILE C 13 45.40 -3.95 -13.10
CA ILE C 13 44.68 -2.79 -12.60
C ILE C 13 45.65 -1.77 -12.03
N ALA C 14 45.51 -0.52 -12.48
CA ALA C 14 46.28 0.58 -11.92
C ALA C 14 45.43 1.32 -10.90
N VAL C 15 46.04 1.73 -9.80
CA VAL C 15 45.37 2.54 -8.79
C VAL C 15 46.04 3.90 -8.72
N VAL C 16 45.37 4.92 -9.26
CA VAL C 16 45.92 6.27 -9.27
C VAL C 16 45.32 7.08 -8.14
N GLY C 17 46.18 7.55 -7.24
CA GLY C 17 45.76 8.33 -6.09
C GLY C 17 46.12 7.65 -4.78
N ALA C 18 46.75 6.48 -4.87
CA ALA C 18 47.21 5.78 -3.69
C ALA C 18 48.40 6.51 -3.08
N SER C 19 48.65 6.27 -1.80
CA SER C 19 49.67 7.01 -1.07
C SER C 19 50.08 6.31 0.21
N LYS C 20 51.15 6.79 0.83
CA LYS C 20 51.58 6.26 2.12
C LYS C 20 50.52 6.58 3.17
N ASP C 21 49.76 7.63 2.93
CA ASP C 21 48.69 8.00 3.85
C ASP C 21 47.56 6.99 3.70
N PRO C 22 47.27 6.20 4.76
CA PRO C 22 46.24 5.18 4.60
C PRO C 22 44.81 5.72 4.62
N SER C 23 44.64 7.03 4.81
CA SER C 23 43.31 7.63 4.87
C SER C 23 42.83 8.07 3.49
N LYS C 24 43.74 8.13 2.53
CA LYS C 24 43.40 8.52 1.16
C LYS C 24 42.52 7.46 0.53
N ILE C 25 41.60 7.90 -0.33
CA ILE C 25 40.65 7.01 -0.99
C ILE C 25 41.37 5.94 -1.82
N GLY C 26 42.35 6.36 -2.61
CA GLY C 26 43.11 5.43 -3.42
C GLY C 26 43.79 4.37 -2.58
N SER C 27 44.26 4.78 -1.40
CA SER C 27 44.94 3.86 -0.50
C SER C 27 43.97 2.82 0.06
N GLN C 28 42.75 3.26 0.37
CA GLN C 28 41.73 2.33 0.85
C GLN C 28 41.36 1.31 -0.24
N ILE C 29 41.27 1.80 -1.47
CA ILE C 29 40.96 0.94 -2.60
C ILE C 29 42.06 -0.11 -2.80
N LEU C 30 43.30 0.34 -2.74
CA LEU C 30 44.45 -0.55 -2.89
C LEU C 30 44.42 -1.64 -1.83
N ARG C 31 44.12 -1.24 -0.60
CA ARG C 31 44.05 -2.17 0.51
C ARG C 31 42.98 -3.23 0.27
N ASN C 32 41.79 -2.81 -0.12
CA ASN C 32 40.71 -3.75 -0.40
C ASN C 32 41.08 -4.70 -1.52
N LEU C 33 41.71 -4.18 -2.57
CA LEU C 33 42.14 -5.02 -3.69
C LEU C 33 43.03 -6.16 -3.24
N LEU C 34 43.97 -5.86 -2.35
CA LEU C 34 44.91 -6.88 -1.91
C LEU C 34 44.26 -7.87 -0.94
N SER C 35 43.49 -7.36 0.02
CA SER C 35 42.93 -8.22 1.04
C SER C 35 41.87 -9.15 0.47
N TYR C 36 41.19 -8.71 -0.57
CA TYR C 36 40.14 -9.51 -1.17
C TYR C 36 40.72 -10.59 -2.06
N GLY C 37 42.01 -10.47 -2.39
CA GLY C 37 42.74 -11.52 -3.07
C GLY C 37 42.78 -11.42 -4.58
N PHE C 38 42.89 -10.21 -5.12
CA PHE C 38 43.01 -10.06 -6.57
C PHE C 38 44.26 -10.78 -7.05
N LYS C 39 44.09 -11.60 -8.08
CA LYS C 39 45.12 -12.51 -8.55
C LYS C 39 45.89 -11.96 -9.74
N GLY C 40 45.37 -10.90 -10.35
CA GLY C 40 46.07 -10.21 -11.43
C GLY C 40 47.18 -9.32 -10.91
N LYS C 41 47.69 -8.44 -11.78
CA LYS C 41 48.73 -7.50 -11.39
C LYS C 41 48.11 -6.19 -10.92
N VAL C 42 48.64 -5.66 -9.82
CA VAL C 42 48.18 -4.38 -9.28
C VAL C 42 49.32 -3.38 -9.36
N TYR C 43 49.05 -2.21 -9.91
CA TYR C 43 50.07 -1.19 -10.10
C TYR C 43 49.70 0.13 -9.43
N PRO C 44 50.20 0.35 -8.21
CA PRO C 44 49.97 1.66 -7.57
C PRO C 44 50.67 2.77 -8.33
N ILE C 45 49.99 3.90 -8.50
CA ILE C 45 50.54 5.04 -9.23
C ILE C 45 50.65 6.24 -8.29
N ASN C 46 51.86 6.80 -8.21
CA ASN C 46 52.16 7.87 -7.28
C ASN C 46 53.48 8.53 -7.66
N PRO C 47 53.57 9.87 -7.53
CA PRO C 47 54.76 10.56 -8.03
C PRO C 47 56.07 10.15 -7.35
N THR C 48 56.04 9.96 -6.04
CA THR C 48 57.27 9.78 -5.26
C THR C 48 57.51 8.34 -4.84
N ALA C 49 56.54 7.76 -4.12
CA ALA C 49 56.69 6.41 -3.58
C ALA C 49 57.25 5.45 -4.62
N ASP C 50 58.26 4.68 -4.22
CA ASP C 50 58.82 3.63 -5.08
C ASP C 50 58.09 2.31 -4.81
N GLU C 51 57.39 2.24 -3.67
CA GLU C 51 56.66 1.03 -3.31
C GLU C 51 55.48 1.38 -2.39
N LEU C 52 54.36 0.70 -2.61
CA LEU C 52 53.20 0.82 -1.73
C LEU C 52 52.61 -0.55 -1.43
N MET C 53 52.45 -0.84 -0.16
CA MET C 53 51.94 -2.13 0.31
C MET C 53 52.73 -3.29 -0.30
N GLY C 54 54.03 -3.08 -0.44
CA GLY C 54 54.92 -4.12 -0.92
C GLY C 54 54.91 -4.28 -2.43
N LEU C 55 54.23 -3.37 -3.13
CA LEU C 55 54.13 -3.42 -4.58
C LEU C 55 54.91 -2.30 -5.23
N LYS C 56 55.70 -2.63 -6.26
CA LYS C 56 56.44 -1.63 -7.00
C LYS C 56 55.48 -0.55 -7.50
N CYS C 57 55.77 0.70 -7.14
CA CYS C 57 54.94 1.83 -7.52
C CYS C 57 55.55 2.56 -8.72
N TYR C 58 54.69 3.18 -9.53
CA TYR C 58 55.14 3.93 -10.71
C TYR C 58 54.59 5.35 -10.67
N PRO C 59 55.29 6.30 -11.31
CA PRO C 59 54.79 7.68 -11.31
C PRO C 59 53.68 7.93 -12.32
N LYS C 60 53.58 7.09 -13.35
CA LYS C 60 52.54 7.23 -14.36
C LYS C 60 52.17 5.87 -14.93
N VAL C 61 50.90 5.74 -15.33
CA VAL C 61 50.40 4.49 -15.90
C VAL C 61 51.17 4.12 -17.16
N SER C 62 51.57 5.14 -17.93
CA SER C 62 52.31 4.92 -19.16
C SER C 62 53.66 4.27 -18.89
N ASP C 63 54.17 4.45 -17.68
CA ASP C 63 55.46 3.88 -17.32
C ASP C 63 55.34 2.41 -16.95
N VAL C 64 54.12 1.95 -16.67
CA VAL C 64 53.92 0.56 -16.29
C VAL C 64 54.35 -0.35 -17.45
N PRO C 65 55.31 -1.25 -17.21
CA PRO C 65 55.70 -2.16 -18.30
C PRO C 65 54.72 -3.32 -18.46
N ASP C 66 53.49 -3.01 -18.86
CA ASP C 66 52.42 -4.02 -18.95
C ASP C 66 51.14 -3.39 -19.47
N LYS C 67 50.31 -4.17 -20.14
CA LYS C 67 49.04 -3.66 -20.65
C LYS C 67 48.03 -3.54 -19.52
N VAL C 68 47.77 -2.31 -19.10
CA VAL C 68 46.80 -2.06 -18.02
C VAL C 68 45.38 -2.02 -18.58
N ASP C 69 44.51 -2.86 -18.01
CA ASP C 69 43.12 -2.94 -18.45
C ASP C 69 42.25 -1.87 -17.80
N VAL C 70 42.51 -1.61 -16.52
CA VAL C 70 41.64 -0.74 -15.72
C VAL C 70 42.44 0.21 -14.84
N ALA C 71 42.13 1.50 -14.93
CA ALA C 71 42.72 2.51 -14.07
C ALA C 71 41.68 3.09 -13.11
N VAL C 72 41.89 2.89 -11.82
CA VAL C 72 41.02 3.42 -10.79
C VAL C 72 41.54 4.78 -10.33
N ILE C 73 40.85 5.84 -10.74
CA ILE C 73 41.35 7.20 -10.59
C ILE C 73 40.67 7.93 -9.43
N SER C 74 41.47 8.31 -8.43
CA SER C 74 40.96 8.98 -7.24
C SER C 74 41.71 10.27 -6.93
N VAL C 75 42.24 10.92 -7.97
CA VAL C 75 42.99 12.17 -7.80
C VAL C 75 42.01 13.34 -7.81
N PRO C 76 42.46 14.54 -7.43
CA PRO C 76 41.53 15.68 -7.48
C PRO C 76 41.03 15.97 -8.90
N SER C 77 39.84 16.55 -9.00
CA SER C 77 39.16 16.73 -10.27
C SER C 77 40.01 17.49 -11.29
N ASP C 78 40.77 18.46 -10.81
CA ASP C 78 41.58 19.29 -11.70
C ASP C 78 42.80 18.54 -12.22
N LYS C 79 42.97 17.29 -11.80
CA LYS C 79 44.05 16.43 -12.27
C LYS C 79 43.52 15.26 -13.10
N VAL C 80 42.21 15.02 -13.03
CA VAL C 80 41.61 13.86 -13.68
C VAL C 80 41.91 13.81 -15.18
N LEU C 81 41.72 14.93 -15.88
CA LEU C 81 41.92 14.97 -17.32
C LEU C 81 43.35 14.61 -17.69
N GLY C 82 44.30 15.11 -16.91
CA GLY C 82 45.70 14.81 -17.12
C GLY C 82 45.95 13.31 -17.02
N VAL C 83 45.31 12.68 -16.05
CA VAL C 83 45.48 11.24 -15.86
C VAL C 83 44.81 10.48 -17.00
N ILE C 84 43.71 11.02 -17.52
CA ILE C 84 43.01 10.39 -18.63
C ILE C 84 43.89 10.34 -19.87
N ASP C 85 44.60 11.43 -20.14
CA ASP C 85 45.49 11.48 -21.31
C ASP C 85 46.60 10.44 -21.19
N ASP C 86 47.14 10.30 -19.98
CA ASP C 86 48.20 9.33 -19.74
C ASP C 86 47.68 7.91 -19.92
N CYS C 87 46.51 7.64 -19.36
CA CYS C 87 45.88 6.33 -19.49
C CYS C 87 45.59 6.01 -20.95
N GLY C 88 45.17 7.02 -21.70
CA GLY C 88 44.89 6.86 -23.11
C GLY C 88 46.15 6.50 -23.87
N LYS C 89 47.21 7.27 -23.64
CA LYS C 89 48.51 6.98 -24.22
C LYS C 89 48.95 5.56 -23.91
N ALA C 90 48.61 5.08 -22.72
CA ALA C 90 49.02 3.74 -22.29
C ALA C 90 48.09 2.64 -22.81
N GLY C 91 46.98 3.04 -23.42
CA GLY C 91 46.04 2.08 -23.99
C GLY C 91 45.05 1.50 -22.99
N VAL C 92 44.85 2.19 -21.87
CA VAL C 92 43.89 1.73 -20.88
C VAL C 92 42.50 1.70 -21.48
N LYS C 93 41.80 0.58 -21.31
CA LYS C 93 40.48 0.40 -21.89
C LYS C 93 39.37 0.96 -21.01
N PHE C 94 39.54 0.90 -19.70
CA PHE C 94 38.51 1.38 -18.78
C PHE C 94 39.07 2.30 -17.71
N ALA C 95 38.45 3.47 -17.58
CA ALA C 95 38.79 4.44 -16.54
C ALA C 95 37.68 4.50 -15.50
N VAL C 96 37.99 4.06 -14.28
CA VAL C 96 37.02 4.07 -13.19
C VAL C 96 37.22 5.32 -12.33
N VAL C 97 36.44 6.35 -12.61
CA VAL C 97 36.68 7.65 -12.01
C VAL C 97 35.94 7.82 -10.69
N ILE C 98 36.65 7.51 -9.61
CA ILE C 98 36.11 7.64 -8.26
C ILE C 98 35.75 9.08 -7.96
N THR C 99 36.64 9.97 -8.38
CA THR C 99 36.59 11.39 -8.05
C THR C 99 35.26 12.08 -8.31
N SER C 100 34.80 12.84 -7.31
CA SER C 100 33.59 13.64 -7.42
C SER C 100 33.93 15.08 -7.81
N GLY C 101 32.91 15.91 -7.98
CA GLY C 101 33.09 17.31 -8.34
C GLY C 101 32.95 17.54 -9.82
N PHE C 102 31.92 16.94 -10.42
CA PHE C 102 31.64 17.07 -11.84
C PHE C 102 30.21 17.58 -12.05
N LYS C 103 29.41 16.84 -12.82
CA LYS C 103 28.06 17.27 -13.15
C LYS C 103 27.20 17.48 -11.91
N GLU C 104 27.45 16.70 -10.87
CA GLU C 104 26.61 16.75 -9.68
C GLU C 104 26.84 18.04 -8.89
N VAL C 105 27.92 18.75 -9.18
CA VAL C 105 28.16 20.06 -8.58
C VAL C 105 28.08 21.17 -9.63
N GLY C 106 27.54 20.85 -10.80
CA GLY C 106 27.28 21.86 -11.81
C GLY C 106 28.36 22.03 -12.86
N ASN C 107 29.36 21.16 -12.87
CA ASN C 107 30.43 21.25 -13.86
C ASN C 107 30.20 20.29 -15.02
N GLU C 108 29.14 20.56 -15.77
CA GLU C 108 28.76 19.71 -16.89
C GLU C 108 29.81 19.71 -17.98
N GLU C 109 30.47 20.84 -18.15
CA GLU C 109 31.49 20.99 -19.18
C GLU C 109 32.68 20.08 -18.90
N LEU C 110 33.10 20.02 -17.64
CA LEU C 110 34.24 19.19 -17.26
C LEU C 110 33.91 17.72 -17.48
N GLU C 111 32.69 17.33 -17.13
CA GLU C 111 32.29 15.93 -17.28
C GLU C 111 32.24 15.52 -18.75
N GLU C 112 31.67 16.37 -19.59
CA GLU C 112 31.58 16.08 -21.01
C GLU C 112 32.98 16.01 -21.64
N GLU C 113 33.89 16.86 -21.15
CA GLU C 113 35.25 16.87 -21.66
C GLU C 113 35.97 15.58 -21.26
N LEU C 114 35.72 15.15 -20.03
CA LEU C 114 36.27 13.88 -19.54
C LEU C 114 35.88 12.75 -20.47
N VAL C 115 34.60 12.67 -20.82
CA VAL C 115 34.12 11.58 -21.66
C VAL C 115 34.67 11.64 -23.08
N ARG C 116 34.66 12.81 -23.71
CA ARG C 116 35.12 12.92 -25.08
C ARG C 116 36.61 12.57 -25.18
N ARG C 117 37.38 13.02 -24.19
CA ARG C 117 38.82 12.78 -24.18
C ARG C 117 39.09 11.30 -23.94
N ALA C 118 38.22 10.65 -23.17
CA ALA C 118 38.32 9.21 -22.96
C ALA C 118 38.03 8.47 -24.26
N HIS C 119 36.99 8.88 -24.96
CA HIS C 119 36.58 8.20 -26.19
C HIS C 119 37.59 8.35 -27.32
N SER C 120 38.29 9.47 -27.34
CA SER C 120 39.29 9.71 -28.38
C SER C 120 40.41 8.66 -28.35
N TYR C 121 40.58 8.02 -27.20
CA TYR C 121 41.59 6.97 -27.04
C TYR C 121 40.97 5.57 -27.11
N GLY C 122 39.67 5.51 -27.32
CA GLY C 122 38.96 4.24 -27.33
C GLY C 122 38.73 3.69 -25.93
N MET C 123 38.61 4.60 -24.98
CA MET C 123 38.47 4.24 -23.56
C MET C 123 37.09 4.56 -23.01
N ARG C 124 36.53 3.65 -22.21
CA ARG C 124 35.24 3.85 -21.55
C ARG C 124 35.41 4.37 -20.13
N VAL C 125 34.41 5.10 -19.65
CA VAL C 125 34.45 5.70 -18.32
C VAL C 125 33.31 5.21 -17.44
N LEU C 126 33.67 4.78 -16.23
CA LEU C 126 32.69 4.45 -15.21
C LEU C 126 32.63 5.59 -14.21
N GLY C 127 31.44 6.15 -14.02
CA GLY C 127 31.26 7.29 -13.15
C GLY C 127 31.15 8.58 -13.95
N PRO C 128 31.77 9.68 -13.46
CA PRO C 128 32.58 9.78 -12.24
C PRO C 128 31.73 9.78 -10.97
N ASN C 129 32.32 10.17 -9.85
CA ASN C 129 31.59 10.28 -8.58
C ASN C 129 31.03 8.93 -8.15
N ILE C 130 31.92 7.96 -7.93
CA ILE C 130 31.52 6.61 -7.56
C ILE C 130 32.41 6.07 -6.45
N PHE C 131 32.02 4.97 -5.83
CA PHE C 131 32.85 4.35 -4.80
C PHE C 131 33.53 3.08 -5.32
N GLY C 132 33.47 2.89 -6.63
CA GLY C 132 34.15 1.79 -7.28
C GLY C 132 33.25 0.63 -7.63
N TYR C 133 33.83 -0.55 -7.80
CA TYR C 133 33.09 -1.75 -8.15
C TYR C 133 33.78 -3.01 -7.66
N LEU C 134 33.01 -4.08 -7.56
CA LEU C 134 33.49 -5.37 -7.08
C LEU C 134 32.94 -6.50 -7.93
N TYR C 135 33.80 -7.46 -8.27
CA TYR C 135 33.39 -8.67 -8.97
C TYR C 135 33.97 -9.87 -8.24
N ALA C 136 33.09 -10.65 -7.62
CA ALA C 136 33.50 -11.77 -6.77
C ALA C 136 34.19 -12.89 -7.55
N PRO C 137 33.65 -13.26 -8.73
CA PRO C 137 34.28 -14.35 -9.49
C PRO C 137 35.75 -14.09 -9.87
N ALA C 138 36.14 -12.82 -9.91
CA ALA C 138 37.52 -12.45 -10.22
C ALA C 138 38.25 -11.99 -8.95
N ARG C 139 37.63 -12.21 -7.80
CA ARG C 139 38.19 -11.81 -6.51
C ARG C 139 38.69 -10.37 -6.58
N LEU C 140 37.82 -9.50 -7.06
CA LEU C 140 38.17 -8.11 -7.34
C LEU C 140 37.30 -7.19 -6.50
N ASN C 141 37.91 -6.53 -5.53
CA ASN C 141 37.23 -5.52 -4.72
C ASN C 141 37.91 -4.17 -4.90
N ALA C 142 37.48 -3.45 -5.93
CA ALA C 142 38.02 -2.14 -6.23
C ALA C 142 37.08 -1.05 -5.74
N THR C 143 36.74 -1.10 -4.46
CA THR C 143 35.92 -0.08 -3.81
C THR C 143 36.61 0.37 -2.53
N PHE C 144 36.15 1.46 -1.94
CA PHE C 144 36.58 1.82 -0.59
C PHE C 144 35.44 1.55 0.39
N GLY C 145 34.68 0.49 0.11
CA GLY C 145 33.61 0.06 0.99
C GLY C 145 34.10 -1.06 1.89
N PRO C 146 33.16 -1.88 2.38
CA PRO C 146 33.54 -3.08 3.16
C PRO C 146 34.58 -3.92 2.42
N LYS C 147 35.41 -4.62 3.19
CA LYS C 147 36.49 -5.40 2.64
C LYS C 147 35.99 -6.72 2.05
N ASP C 148 34.78 -7.13 2.42
CA ASP C 148 34.28 -8.46 2.09
C ASP C 148 32.78 -8.48 1.85
N VAL C 149 32.34 -9.43 1.04
CA VAL C 149 30.92 -9.73 0.89
C VAL C 149 30.73 -11.23 0.76
N LEU C 150 29.53 -11.71 1.08
CA LEU C 150 29.21 -13.12 0.89
C LEU C 150 29.14 -13.42 -0.60
N SER C 151 29.65 -14.58 -1.00
CA SER C 151 29.64 -14.96 -2.41
C SER C 151 28.27 -15.47 -2.83
N GLY C 152 27.82 -15.08 -4.02
CA GLY C 152 26.55 -15.52 -4.55
C GLY C 152 26.28 -14.98 -5.94
N ASN C 153 25.01 -15.00 -6.35
CA ASN C 153 24.63 -14.71 -7.72
C ASN C 153 23.89 -13.39 -7.91
N VAL C 154 23.99 -12.49 -6.93
CA VAL C 154 23.27 -11.22 -6.98
C VAL C 154 24.21 -10.08 -7.37
N ALA C 155 23.85 -9.41 -8.46
CA ALA C 155 24.57 -8.24 -8.93
C ALA C 155 23.81 -6.97 -8.53
N PHE C 156 24.47 -6.11 -7.76
CA PHE C 156 23.85 -4.88 -7.27
C PHE C 156 24.45 -3.63 -7.90
N ILE C 157 23.63 -2.91 -8.65
CA ILE C 157 24.01 -1.68 -9.33
C ILE C 157 23.39 -0.51 -8.57
N SER C 158 24.20 0.50 -8.24
CA SER C 158 23.72 1.65 -7.48
C SER C 158 24.14 2.96 -8.13
N GLN C 159 23.17 3.85 -8.30
CA GLN C 159 23.43 5.20 -8.80
C GLN C 159 23.79 6.12 -7.65
N SER C 160 23.46 5.70 -6.43
CA SER C 160 23.78 6.48 -5.23
C SER C 160 25.04 5.99 -4.55
N GLY C 161 25.78 6.92 -3.95
CA GLY C 161 27.07 6.60 -3.34
C GLY C 161 26.99 6.11 -1.91
N ALA C 162 26.57 6.99 -1.02
CA ALA C 162 26.52 6.68 0.41
C ALA C 162 25.59 5.51 0.71
N LEU C 163 24.37 5.56 0.20
CA LEU C 163 23.43 4.48 0.40
C LEU C 163 23.94 3.21 -0.26
N GLY C 164 24.55 3.35 -1.43
CA GLY C 164 25.10 2.20 -2.15
C GLY C 164 26.15 1.47 -1.34
N ILE C 165 27.10 2.22 -0.80
CA ILE C 165 28.21 1.62 -0.06
C ILE C 165 27.72 1.04 1.25
N ALA C 166 26.67 1.63 1.81
CA ALA C 166 26.08 1.12 3.05
C ALA C 166 25.30 -0.17 2.79
N LEU C 167 24.59 -0.21 1.67
CA LEU C 167 23.83 -1.39 1.31
C LEU C 167 24.77 -2.55 1.00
N MET C 168 25.95 -2.23 0.49
CA MET C 168 26.99 -3.23 0.25
C MET C 168 27.24 -4.00 1.54
N GLY C 169 27.36 -3.28 2.65
CA GLY C 169 27.54 -3.91 3.95
C GLY C 169 26.29 -4.64 4.41
N TYR C 170 25.13 -4.06 4.09
CA TYR C 170 23.86 -4.62 4.53
C TYR C 170 23.59 -6.00 3.93
N THR C 171 24.14 -6.28 2.76
CA THR C 171 23.95 -7.60 2.14
C THR C 171 24.50 -8.70 3.03
N VAL C 172 25.55 -8.38 3.78
CA VAL C 172 26.16 -9.36 4.67
C VAL C 172 25.18 -9.69 5.79
N VAL C 173 24.63 -8.65 6.41
CA VAL C 173 23.71 -8.81 7.52
C VAL C 173 22.46 -9.58 7.08
N GLU C 174 22.05 -9.39 5.82
CA GLU C 174 20.85 -10.04 5.31
C GLU C 174 21.16 -11.35 4.57
N ASN C 175 22.41 -11.80 4.66
CA ASN C 175 22.81 -13.09 4.12
C ASN C 175 22.60 -13.21 2.61
N ILE C 176 22.75 -12.10 1.91
CA ILE C 176 22.60 -12.08 0.45
C ILE C 176 23.94 -12.31 -0.23
N GLY C 177 24.04 -13.38 -1.01
CA GLY C 177 25.24 -13.68 -1.76
C GLY C 177 25.38 -12.78 -2.98
N ILE C 178 26.55 -12.18 -3.11
CA ILE C 178 26.80 -11.18 -4.14
C ILE C 178 27.77 -11.69 -5.20
N SER C 179 27.41 -11.49 -6.47
CA SER C 179 28.33 -11.71 -7.57
C SER C 179 29.05 -10.41 -7.91
N SER C 180 28.34 -9.28 -7.81
CA SER C 180 28.92 -8.00 -8.19
C SER C 180 28.28 -6.79 -7.52
N ILE C 181 29.13 -5.80 -7.21
CA ILE C 181 28.69 -4.47 -6.80
C ILE C 181 29.24 -3.47 -7.81
N VAL C 182 28.39 -2.61 -8.35
CA VAL C 182 28.83 -1.58 -9.29
C VAL C 182 28.25 -0.21 -8.97
N SER C 183 29.11 0.73 -8.61
CA SER C 183 28.73 2.13 -8.44
C SER C 183 28.85 2.85 -9.78
N VAL C 184 27.76 3.44 -10.24
CA VAL C 184 27.73 4.09 -11.55
C VAL C 184 27.64 5.61 -11.43
N GLY C 185 27.27 6.09 -10.25
CA GLY C 185 27.28 7.52 -9.95
C GLY C 185 26.66 8.42 -11.00
N ASN C 186 27.50 9.27 -11.60
CA ASN C 186 27.01 10.27 -12.56
C ASN C 186 26.58 9.69 -13.91
N LYS C 187 26.96 8.44 -14.18
CA LYS C 187 26.58 7.77 -15.43
C LYS C 187 26.96 8.60 -16.65
N ALA C 188 28.15 9.17 -16.63
CA ALA C 188 28.57 10.04 -17.72
C ALA C 188 28.75 9.25 -19.02
N ASP C 189 29.05 7.97 -18.87
CA ASP C 189 29.27 7.10 -20.03
C ASP C 189 28.64 5.73 -19.81
N LEU C 190 29.39 4.77 -19.27
CA LEU C 190 28.82 3.46 -18.95
C LEU C 190 27.62 3.61 -18.03
N ASP C 191 26.51 2.94 -18.36
CA ASP C 191 25.30 3.00 -17.55
C ASP C 191 24.63 1.63 -17.38
N ASP C 192 23.39 1.66 -16.92
CA ASP C 192 22.62 0.46 -16.61
C ASP C 192 22.46 -0.47 -17.80
N VAL C 193 22.24 0.11 -18.98
CA VAL C 193 22.08 -0.66 -20.19
C VAL C 193 23.31 -1.52 -20.46
N ASP C 194 24.47 -0.88 -20.43
CA ASP C 194 25.74 -1.58 -20.68
C ASP C 194 25.96 -2.69 -19.65
N LEU C 195 25.66 -2.39 -18.39
CA LEU C 195 25.90 -3.35 -17.33
C LEU C 195 24.93 -4.52 -17.40
N LEU C 196 23.66 -4.23 -17.71
CA LEU C 196 22.67 -5.28 -17.87
C LEU C 196 23.05 -6.20 -19.01
N ASP C 197 23.61 -5.61 -20.07
CA ASP C 197 24.07 -6.39 -21.21
C ASP C 197 25.15 -7.37 -20.79
N PHE C 198 26.05 -6.94 -19.90
CA PHE C 198 27.10 -7.82 -19.41
C PHE C 198 26.57 -8.90 -18.48
N PHE C 199 25.70 -8.52 -17.55
CA PHE C 199 25.21 -9.45 -16.55
C PHE C 199 24.27 -10.48 -17.16
N ASP C 200 23.64 -10.11 -18.27
CA ASP C 200 22.83 -11.04 -19.05
C ASP C 200 23.67 -12.26 -19.42
N LYS C 201 24.89 -11.99 -19.88
CA LYS C 201 25.78 -13.04 -20.37
C LYS C 201 26.57 -13.70 -19.24
N ASP C 202 26.55 -13.08 -18.06
CA ASP C 202 27.37 -13.58 -16.96
C ASP C 202 26.75 -14.82 -16.33
N PRO C 203 27.44 -15.97 -16.41
CA PRO C 203 26.88 -17.15 -15.75
C PRO C 203 26.92 -17.09 -14.22
N ASN C 204 27.69 -16.15 -13.66
CA ASN C 204 27.81 -16.03 -12.21
C ASN C 204 26.66 -15.24 -11.60
N THR C 205 25.92 -14.51 -12.43
CA THR C 205 24.85 -13.65 -11.95
C THR C 205 23.48 -14.23 -12.30
N GLY C 206 22.61 -14.33 -11.29
CA GLY C 206 21.28 -14.89 -11.47
C GLY C 206 20.20 -13.87 -11.16
N VAL C 207 20.54 -12.85 -10.38
CA VAL C 207 19.60 -11.80 -10.02
C VAL C 207 20.27 -10.44 -10.08
N ILE C 208 19.51 -9.43 -10.51
CA ILE C 208 20.03 -8.08 -10.65
C ILE C 208 19.18 -7.06 -9.88
N MET C 209 19.79 -6.41 -8.91
CA MET C 209 19.13 -5.37 -8.13
C MET C 209 19.72 -4.01 -8.51
N ILE C 210 18.86 -3.03 -8.77
CA ILE C 210 19.30 -1.71 -9.21
C ILE C 210 18.65 -0.58 -8.41
N TYR C 211 19.48 0.25 -7.78
CA TYR C 211 19.01 1.51 -7.21
C TYR C 211 19.12 2.57 -8.29
N LEU C 212 17.98 3.03 -8.78
CA LEU C 212 17.93 3.89 -9.95
C LEU C 212 17.29 5.23 -9.64
N GLU C 213 18.02 6.30 -9.92
CA GLU C 213 17.51 7.65 -9.76
C GLU C 213 16.85 8.13 -11.04
N GLY C 214 17.52 7.85 -12.17
CA GLY C 214 16.99 8.24 -13.46
C GLY C 214 17.81 7.70 -14.61
N ILE C 215 17.24 7.73 -15.81
CA ILE C 215 17.92 7.30 -17.02
C ILE C 215 18.20 8.52 -17.89
N ALA C 216 19.27 8.43 -18.70
CA ALA C 216 19.67 9.55 -19.53
C ALA C 216 18.67 9.78 -20.65
N PRO C 217 18.41 11.05 -21.00
CA PRO C 217 17.53 11.34 -22.14
C PRO C 217 17.89 10.56 -23.40
N GLY C 218 16.88 9.93 -24.01
CA GLY C 218 17.09 9.19 -25.24
C GLY C 218 17.64 7.78 -25.03
N ARG C 219 17.72 7.34 -23.78
CA ARG C 219 18.28 6.04 -23.45
C ARG C 219 17.21 5.02 -23.03
N GLY C 220 15.99 5.52 -22.82
CA GLY C 220 14.91 4.71 -22.27
C GLY C 220 14.48 3.53 -23.13
N ARG C 221 14.37 3.74 -24.44
CA ARG C 221 13.92 2.68 -25.34
C ARG C 221 14.90 1.52 -25.30
N MET C 222 16.19 1.83 -25.34
CA MET C 222 17.22 0.80 -25.30
C MET C 222 17.20 0.11 -23.94
N PHE C 223 16.90 0.85 -22.89
CA PHE C 223 16.79 0.27 -21.57
C PHE C 223 15.71 -0.80 -21.55
N ILE C 224 14.55 -0.48 -22.13
CA ILE C 224 13.45 -1.44 -22.19
C ILE C 224 13.82 -2.65 -23.04
N ASP C 225 14.47 -2.42 -24.16
CA ASP C 225 14.85 -3.51 -25.06
C ASP C 225 15.78 -4.50 -24.37
N VAL C 226 16.75 -3.99 -23.63
CA VAL C 226 17.74 -4.84 -22.97
C VAL C 226 17.15 -5.50 -21.72
N ALA C 227 16.45 -4.71 -20.91
CA ALA C 227 15.89 -5.21 -19.66
C ALA C 227 14.86 -6.30 -19.90
N SER C 228 14.12 -6.18 -20.99
CA SER C 228 13.10 -7.17 -21.32
C SER C 228 13.72 -8.54 -21.59
N ARG C 229 14.75 -8.57 -22.44
CA ARG C 229 15.37 -9.83 -22.81
C ARG C 229 16.06 -10.42 -21.59
N VAL C 230 16.68 -9.58 -20.77
CA VAL C 230 17.29 -10.05 -19.53
C VAL C 230 16.23 -10.69 -18.64
N SER C 231 15.08 -10.03 -18.55
CA SER C 231 14.00 -10.49 -17.68
C SER C 231 13.54 -11.88 -18.04
N LEU C 232 13.73 -12.29 -19.29
CA LEU C 232 13.31 -13.62 -19.71
C LEU C 232 14.01 -14.73 -18.93
N ARG C 233 15.21 -14.45 -18.43
CA ARG C 233 16.02 -15.47 -17.77
C ARG C 233 16.43 -15.08 -16.36
N LYS C 234 16.48 -13.78 -16.08
CA LYS C 234 16.95 -13.29 -14.79
C LYS C 234 16.10 -12.16 -14.24
N PRO C 235 15.60 -12.30 -13.01
CA PRO C 235 14.78 -11.23 -12.43
C PRO C 235 15.57 -9.94 -12.19
N ILE C 236 14.91 -8.81 -12.45
CA ILE C 236 15.47 -7.49 -12.18
C ILE C 236 14.58 -6.78 -11.18
N ILE C 237 15.16 -6.39 -10.04
CA ILE C 237 14.48 -5.60 -9.03
C ILE C 237 15.03 -4.18 -9.05
N VAL C 238 14.12 -3.20 -9.16
CA VAL C 238 14.51 -1.80 -9.14
C VAL C 238 13.96 -1.09 -7.92
N ILE C 239 14.86 -0.44 -7.18
CA ILE C 239 14.48 0.53 -6.18
C ILE C 239 14.54 1.90 -6.85
N LYS C 240 13.37 2.51 -7.07
CA LYS C 240 13.31 3.76 -7.79
C LYS C 240 13.35 4.95 -6.83
N ALA C 241 14.37 5.78 -6.98
CA ALA C 241 14.45 7.02 -6.23
C ALA C 241 13.54 8.06 -6.88
N GLY C 242 12.71 8.70 -6.07
CA GLY C 242 11.75 9.66 -6.57
C GLY C 242 10.65 8.97 -7.35
N ARG C 243 9.94 8.08 -6.67
CA ARG C 243 8.82 7.36 -7.26
C ARG C 243 7.51 8.07 -6.96
N THR C 244 7.61 9.17 -6.21
CA THR C 244 6.48 10.07 -5.98
C THR C 244 6.79 11.36 -6.69
N GLU C 245 5.76 12.16 -6.96
CA GLU C 245 5.95 13.46 -7.59
C GLU C 245 6.90 14.31 -6.78
N VAL C 246 6.66 14.37 -5.46
CA VAL C 246 7.43 15.24 -4.58
C VAL C 246 8.89 14.79 -4.56
N GLY C 247 9.12 13.49 -4.45
CA GLY C 247 10.47 12.95 -4.38
C GLY C 247 11.19 13.07 -5.71
N ALA C 248 10.42 13.05 -6.78
CA ALA C 248 10.98 13.15 -8.12
C ALA C 248 11.65 14.51 -8.30
N ARG C 249 11.01 15.54 -7.75
CA ARG C 249 11.57 16.90 -7.82
C ARG C 249 12.83 16.99 -6.97
N ALA C 250 12.79 16.38 -5.80
CA ALA C 250 13.93 16.43 -4.87
C ALA C 250 15.18 15.85 -5.51
N ALA C 251 15.03 14.72 -6.20
CA ALA C 251 16.18 14.05 -6.81
C ALA C 251 16.65 14.83 -8.04
N ALA C 252 15.89 15.83 -8.45
CA ALA C 252 16.24 16.65 -9.60
C ALA C 252 17.17 17.80 -9.19
N SER C 253 17.44 17.93 -7.90
CA SER C 253 18.29 19.01 -7.40
C SER C 253 19.76 18.64 -7.45
N SER C 257 18.50 16.61 -13.71
CA SER C 257 18.32 17.79 -14.55
C SER C 257 16.86 18.23 -14.55
N ILE C 258 16.00 17.41 -15.15
CA ILE C 258 14.56 17.69 -15.20
C ILE C 258 13.79 16.52 -14.58
N ALA C 259 12.67 16.83 -13.94
CA ALA C 259 11.90 15.81 -13.25
C ALA C 259 11.29 14.84 -14.27
N GLY C 260 11.73 13.59 -14.23
CA GLY C 260 11.19 12.57 -15.11
C GLY C 260 9.80 12.10 -14.72
N SER C 261 9.06 11.60 -15.69
CA SER C 261 7.68 11.19 -15.44
C SER C 261 7.60 9.91 -14.61
N VAL C 262 6.97 10.03 -13.44
CA VAL C 262 6.76 8.87 -12.57
C VAL C 262 5.96 7.79 -13.29
N ALA C 263 4.84 8.19 -13.88
CA ALA C 263 3.92 7.25 -14.52
C ALA C 263 4.56 6.54 -15.70
N ILE C 264 5.44 7.23 -16.42
CA ILE C 264 6.07 6.64 -17.60
C ILE C 264 7.20 5.70 -17.18
N TYR C 265 7.92 6.04 -16.12
CA TYR C 265 8.94 5.15 -15.59
C TYR C 265 8.31 3.82 -15.15
N GLU C 266 7.17 3.91 -14.48
CA GLU C 266 6.46 2.72 -14.01
C GLU C 266 6.04 1.83 -15.18
N SER C 267 5.51 2.45 -16.22
CA SER C 267 5.11 1.72 -17.43
C SER C 267 6.32 1.07 -18.08
N ALA C 268 7.43 1.81 -18.13
CA ALA C 268 8.66 1.29 -18.72
C ALA C 268 9.14 0.06 -17.96
N PHE C 269 8.99 0.08 -16.64
CA PHE C 269 9.40 -1.05 -15.82
C PHE C 269 8.50 -2.26 -16.08
N LYS C 270 7.20 -2.01 -16.21
CA LYS C 270 6.24 -3.07 -16.49
C LYS C 270 6.54 -3.71 -17.85
N GLN C 271 6.84 -2.89 -18.84
CA GLN C 271 7.15 -3.40 -20.18
C GLN C 271 8.49 -4.14 -20.19
N SER C 272 9.31 -3.89 -19.18
CA SER C 272 10.61 -4.55 -19.07
C SER C 272 10.55 -5.82 -18.22
N GLY C 273 9.41 -6.05 -17.58
CA GLY C 273 9.26 -7.19 -16.70
C GLY C 273 9.96 -6.99 -15.36
N ILE C 274 10.23 -5.74 -15.03
CA ILE C 274 10.97 -5.38 -13.82
C ILE C 274 10.06 -5.25 -12.59
N LEU C 275 10.53 -5.74 -11.46
CA LEU C 275 9.82 -5.59 -10.19
C LEU C 275 10.26 -4.31 -9.48
N MET C 276 9.34 -3.39 -9.25
CA MET C 276 9.66 -2.16 -8.56
C MET C 276 9.41 -2.29 -7.06
N ALA C 277 10.47 -2.15 -6.28
CA ALA C 277 10.39 -2.16 -4.83
C ALA C 277 10.31 -0.74 -4.31
N LYS C 278 9.42 -0.51 -3.34
CA LYS C 278 9.23 0.80 -2.75
C LYS C 278 10.20 1.05 -1.59
N SER C 279 10.89 -0.01 -1.17
CA SER C 279 11.78 0.08 -0.02
C SER C 279 12.97 -0.86 -0.11
N VAL C 280 14.01 -0.54 0.64
CA VAL C 280 15.20 -1.38 0.75
C VAL C 280 14.83 -2.76 1.26
N GLU C 281 13.97 -2.80 2.27
CA GLU C 281 13.59 -4.06 2.89
C GLU C 281 12.90 -4.99 1.92
N ASP C 282 11.94 -4.45 1.16
CA ASP C 282 11.24 -5.23 0.17
C ASP C 282 12.22 -5.70 -0.89
N ALA C 283 13.08 -4.80 -1.34
CA ALA C 283 14.06 -5.15 -2.37
C ALA C 283 14.95 -6.31 -1.94
N PHE C 284 15.43 -6.27 -0.71
CA PHE C 284 16.31 -7.31 -0.21
C PHE C 284 15.55 -8.61 0.06
N ASP C 285 14.36 -8.48 0.62
CA ASP C 285 13.51 -9.63 0.90
C ASP C 285 13.18 -10.41 -0.37
N TRP C 286 12.89 -9.68 -1.45
CA TRP C 286 12.55 -10.29 -2.72
C TRP C 286 13.78 -10.89 -3.40
N THR C 287 14.88 -10.16 -3.33
CA THR C 287 16.14 -10.59 -3.92
C THR C 287 16.56 -11.93 -3.33
N LYS C 288 16.41 -12.05 -2.02
CA LYS C 288 16.74 -13.28 -1.32
C LYS C 288 15.98 -14.47 -1.91
N ALA C 289 14.65 -14.35 -2.00
CA ALA C 289 13.80 -15.42 -2.49
C ALA C 289 14.11 -15.75 -3.95
N LEU C 290 14.27 -14.73 -4.77
CA LEU C 290 14.53 -14.92 -6.20
C LEU C 290 15.92 -15.52 -6.43
N SER C 291 16.83 -15.24 -5.51
CA SER C 291 18.19 -15.74 -5.59
C SER C 291 18.25 -17.23 -5.26
N TRP C 292 17.38 -17.66 -4.36
CA TRP C 292 17.46 -19.02 -3.81
C TRP C 292 16.32 -19.95 -4.25
N ASN C 293 15.50 -19.52 -5.20
CA ASN C 293 14.37 -20.34 -5.65
C ASN C 293 14.11 -20.24 -7.15
N PRO C 294 13.61 -21.34 -7.75
CA PRO C 294 13.12 -21.25 -9.12
C PRO C 294 11.74 -20.62 -9.14
N ILE C 295 11.26 -20.17 -10.29
CA ILE C 295 9.94 -19.57 -10.35
C ILE C 295 8.86 -20.64 -10.24
N PRO C 296 7.74 -20.33 -9.56
CA PRO C 296 6.69 -21.34 -9.52
C PRO C 296 6.21 -21.71 -10.91
N GLU C 297 6.06 -23.01 -11.16
CA GLU C 297 5.62 -23.50 -12.46
C GLU C 297 4.09 -23.48 -12.59
N GLY C 298 3.41 -23.12 -11.51
CA GLY C 298 1.96 -23.01 -11.53
C GLY C 298 1.42 -22.24 -10.34
N GLU C 299 0.10 -22.18 -10.21
CA GLU C 299 -0.54 -21.30 -9.23
C GLU C 299 -1.01 -22.02 -7.97
N ARG C 300 -0.75 -23.32 -7.89
CA ARG C 300 -1.20 -24.09 -6.72
C ARG C 300 -0.25 -23.89 -5.53
N LEU C 301 -0.45 -22.79 -4.82
CA LEU C 301 0.39 -22.44 -3.67
C LEU C 301 -0.22 -22.96 -2.38
N ILE C 302 0.60 -23.62 -1.58
CA ILE C 302 0.18 -24.13 -0.28
C ILE C 302 0.82 -23.30 0.83
N VAL C 303 0.02 -23.00 1.85
CA VAL C 303 0.51 -22.37 3.07
C VAL C 303 0.31 -23.35 4.23
N LEU C 304 1.33 -23.51 5.04
CA LEU C 304 1.31 -24.42 6.19
C LEU C 304 1.53 -23.60 7.45
N THR C 305 0.75 -23.86 8.49
CA THR C 305 0.86 -23.08 9.72
C THR C 305 0.37 -23.83 10.95
N ASN C 306 1.05 -23.61 12.06
CA ASN C 306 0.61 -24.16 13.35
C ASN C 306 -0.28 -23.17 14.09
N GLY C 307 -1.06 -22.39 13.35
CA GLY C 307 -1.95 -21.42 13.94
C GLY C 307 -2.67 -20.56 12.93
N GLY C 308 -3.97 -20.39 13.12
CA GLY C 308 -4.80 -19.65 12.18
C GLY C 308 -4.42 -18.19 12.02
N GLY C 309 -3.93 -17.58 13.10
CA GLY C 309 -3.57 -16.17 13.10
C GLY C 309 -2.55 -15.81 12.02
N ALA C 310 -1.43 -16.53 12.02
CA ALA C 310 -0.39 -16.31 11.03
C ALA C 310 -0.92 -16.60 9.64
N GLY C 311 -1.74 -17.65 9.53
CA GLY C 311 -2.35 -18.02 8.27
C GLY C 311 -3.25 -16.94 7.70
N VAL C 312 -3.94 -16.21 8.57
CA VAL C 312 -4.82 -15.14 8.10
C VAL C 312 -3.99 -13.93 7.67
N GLN C 313 -2.94 -13.63 8.43
CA GLN C 313 -2.04 -12.55 8.04
C GLN C 313 -1.45 -12.85 6.67
N SER C 314 -1.14 -14.13 6.46
CA SER C 314 -0.58 -14.58 5.19
C SER C 314 -1.58 -14.43 4.05
N THR C 315 -2.81 -14.83 4.30
CA THR C 315 -3.87 -14.75 3.30
C THR C 315 -4.08 -13.30 2.88
N ASP C 316 -4.21 -12.41 3.85
CA ASP C 316 -4.40 -10.99 3.57
C ASP C 316 -3.24 -10.43 2.75
N THR C 317 -2.03 -10.80 3.14
CA THR C 317 -0.84 -10.31 2.46
C THR C 317 -0.76 -10.84 1.02
N PHE C 318 -1.10 -12.11 0.84
CA PHE C 318 -1.14 -12.69 -0.50
C PHE C 318 -2.23 -12.05 -1.33
N ALA C 319 -3.34 -11.71 -0.69
CA ALA C 319 -4.47 -11.11 -1.39
C ALA C 319 -4.11 -9.72 -1.91
N ASP C 320 -3.39 -8.95 -1.10
CA ASP C 320 -2.93 -7.63 -1.50
C ASP C 320 -2.05 -7.69 -2.75
N ASN C 321 -1.46 -8.85 -3.00
CA ASN C 321 -0.58 -9.04 -4.16
C ASN C 321 -1.25 -9.78 -5.30
N GLY C 322 -2.58 -9.85 -5.27
CA GLY C 322 -3.30 -10.53 -6.33
C GLY C 322 -2.95 -12.00 -6.38
N ILE C 323 -2.77 -12.59 -5.20
CA ILE C 323 -2.51 -14.03 -5.08
C ILE C 323 -3.57 -14.64 -4.17
N TYR C 324 -4.34 -15.57 -4.74
CA TYR C 324 -5.44 -16.18 -4.03
C TYR C 324 -5.24 -17.69 -3.88
N LEU C 325 -5.40 -18.17 -2.66
CA LEU C 325 -5.19 -19.58 -2.36
C LEU C 325 -6.43 -20.38 -2.74
N SER C 326 -6.22 -21.64 -3.11
CA SER C 326 -7.31 -22.53 -3.47
C SER C 326 -7.17 -23.81 -2.68
N LYS C 327 -8.24 -24.61 -2.64
CA LYS C 327 -8.28 -25.83 -1.85
C LYS C 327 -7.08 -26.74 -2.15
N PRO C 328 -6.50 -27.35 -1.10
CA PRO C 328 -5.38 -28.26 -1.35
C PRO C 328 -5.83 -29.53 -2.05
N PRO C 329 -4.93 -30.20 -2.79
CA PRO C 329 -5.29 -31.49 -3.38
C PRO C 329 -5.72 -32.49 -2.30
N GLU C 330 -6.74 -33.27 -2.62
CA GLU C 330 -7.31 -34.22 -1.66
C GLU C 330 -6.25 -35.22 -1.20
N SER C 331 -5.32 -35.55 -2.10
CA SER C 331 -4.25 -36.47 -1.77
C SER C 331 -3.38 -35.93 -0.65
N LEU C 332 -3.14 -34.62 -0.68
CA LEU C 332 -2.32 -33.98 0.33
C LEU C 332 -3.05 -33.98 1.67
N ILE C 333 -4.35 -33.71 1.62
CA ILE C 333 -5.16 -33.72 2.85
C ILE C 333 -5.11 -35.09 3.50
N GLN C 334 -5.16 -36.13 2.69
CA GLN C 334 -5.11 -37.50 3.20
C GLN C 334 -3.79 -37.76 3.92
N GLU C 335 -2.68 -37.42 3.25
CA GLU C 335 -1.35 -37.57 3.84
C GLU C 335 -1.28 -36.92 5.22
N ILE C 336 -1.69 -35.66 5.30
CA ILE C 336 -1.59 -34.92 6.54
C ILE C 336 -2.51 -35.49 7.62
N LYS C 337 -3.66 -36.01 7.20
CA LYS C 337 -4.63 -36.56 8.14
C LYS C 337 -4.09 -37.78 8.86
N LYS C 338 -2.99 -38.33 8.36
CA LYS C 338 -2.37 -39.46 9.04
C LYS C 338 -1.91 -39.11 10.46
N PHE C 339 -1.62 -37.83 10.73
CA PHE C 339 -1.10 -37.44 12.04
C PHE C 339 -1.75 -36.22 12.68
N VAL C 340 -2.49 -35.41 11.92
CA VAL C 340 -3.08 -34.19 12.49
C VAL C 340 -4.42 -34.48 13.18
N PRO C 341 -4.76 -33.69 14.22
CA PRO C 341 -6.02 -33.87 14.93
C PRO C 341 -7.23 -33.60 14.05
N PRO C 342 -8.43 -33.94 14.53
CA PRO C 342 -9.67 -33.74 13.76
C PRO C 342 -10.08 -32.28 13.63
N PHE C 343 -9.63 -31.45 14.57
CA PHE C 343 -10.01 -30.03 14.58
C PHE C 343 -9.03 -29.16 13.81
N ALA C 344 -8.37 -29.76 12.82
CA ALA C 344 -7.44 -29.04 11.96
C ALA C 344 -8.15 -28.56 10.69
N SER C 345 -7.79 -27.38 10.21
CA SER C 345 -8.38 -26.83 8.98
C SER C 345 -7.55 -27.19 7.76
N PHE C 346 -8.24 -27.52 6.67
CA PHE C 346 -7.59 -27.88 5.42
C PHE C 346 -8.07 -26.98 4.28
N ALA C 347 -8.56 -25.78 4.63
CA ALA C 347 -9.08 -24.85 3.63
C ALA C 347 -7.96 -24.21 2.80
N ASN C 348 -6.73 -24.36 3.26
CA ASN C 348 -5.56 -23.63 2.75
C ASN C 348 -5.65 -22.15 3.12
N PRO C 349 -4.81 -21.69 4.06
CA PRO C 349 -3.69 -22.37 4.73
C PRO C 349 -4.12 -23.63 5.50
N ILE C 350 -3.24 -24.62 5.50
CA ILE C 350 -3.46 -25.85 6.26
C ILE C 350 -3.02 -25.62 7.69
N ASP C 351 -3.98 -25.64 8.60
CA ASP C 351 -3.72 -25.33 10.00
C ASP C 351 -3.52 -26.62 10.79
N ILE C 352 -2.27 -26.96 11.07
CA ILE C 352 -1.95 -28.15 11.84
C ILE C 352 -2.01 -27.87 13.34
N THR C 353 -2.52 -26.70 13.70
CA THR C 353 -2.76 -26.28 15.09
C THR C 353 -1.47 -26.05 15.86
N GLY C 354 -1.58 -25.24 16.91
CA GLY C 354 -0.46 -24.92 17.78
C GLY C 354 0.02 -26.13 18.57
N MET C 355 -0.70 -27.23 18.48
CA MET C 355 -0.31 -28.45 19.18
C MET C 355 0.79 -29.18 18.42
N ALA C 356 1.08 -28.71 17.21
CA ALA C 356 2.04 -29.40 16.34
C ALA C 356 3.44 -29.47 16.94
N PRO C 357 3.95 -30.69 17.20
CA PRO C 357 5.36 -30.82 17.55
C PRO C 357 6.28 -30.68 16.33
N ASP C 358 7.59 -30.66 16.59
CA ASP C 358 8.59 -30.42 15.55
C ASP C 358 8.47 -31.34 14.34
N ASP C 359 8.27 -32.63 14.61
CA ASP C 359 8.31 -33.64 13.55
C ASP C 359 7.16 -33.45 12.56
N TRP C 360 6.07 -32.83 12.99
CA TRP C 360 4.95 -32.59 12.09
C TRP C 360 5.33 -31.61 11.01
N TYR C 361 6.24 -30.69 11.32
CA TYR C 361 6.69 -29.73 10.32
C TYR C 361 7.51 -30.45 9.24
N TYR C 362 8.26 -31.46 9.66
CA TYR C 362 9.00 -32.28 8.70
C TYR C 362 8.03 -33.05 7.80
N MET C 363 7.09 -33.74 8.41
CA MET C 363 6.15 -34.59 7.67
C MET C 363 5.26 -33.77 6.75
N GLY C 364 4.73 -32.66 7.26
CA GLY C 364 3.86 -31.79 6.48
C GLY C 364 4.57 -31.16 5.30
N THR C 365 5.76 -30.61 5.55
CA THR C 365 6.55 -29.98 4.50
C THR C 365 6.90 -31.00 3.42
N LEU C 366 7.30 -32.19 3.85
CA LEU C 366 7.68 -33.25 2.92
C LEU C 366 6.49 -33.67 2.04
N ALA C 367 5.35 -33.89 2.68
CA ALA C 367 4.14 -34.30 1.96
C ALA C 367 3.76 -33.27 0.92
N ALA C 368 3.83 -32.00 1.31
CA ALA C 368 3.45 -30.92 0.40
C ALA C 368 4.38 -30.89 -0.81
N LEU C 369 5.68 -30.87 -0.55
CA LEU C 369 6.66 -30.74 -1.63
C LEU C 369 6.60 -31.92 -2.59
N LYS C 370 6.41 -33.14 -2.07
CA LYS C 370 6.33 -34.30 -2.95
C LYS C 370 5.05 -34.32 -3.78
N ASN C 371 3.97 -33.75 -3.25
CA ASN C 371 2.69 -33.82 -3.96
C ASN C 371 2.81 -33.19 -5.35
N PRO C 372 2.41 -33.94 -6.40
CA PRO C 372 2.54 -33.40 -7.77
C PRO C 372 1.67 -32.18 -8.07
N ASP C 373 0.60 -31.99 -7.29
CA ASP C 373 -0.33 -30.88 -7.51
C ASP C 373 -0.02 -29.69 -6.60
N VAL C 374 1.19 -29.64 -6.07
CA VAL C 374 1.65 -28.49 -5.29
C VAL C 374 2.82 -27.82 -6.02
N ASP C 375 2.71 -26.52 -6.23
CA ASP C 375 3.69 -25.77 -7.02
C ASP C 375 4.62 -24.94 -6.14
N ALA C 376 4.15 -24.55 -4.96
CA ALA C 376 4.95 -23.72 -4.06
C ALA C 376 4.48 -23.87 -2.62
N LEU C 377 5.36 -23.60 -1.67
CA LEU C 377 5.06 -23.77 -0.25
C LEU C 377 5.59 -22.63 0.62
N THR C 378 4.70 -22.04 1.40
CA THR C 378 5.10 -21.10 2.44
C THR C 378 4.82 -21.75 3.79
N VAL C 379 5.88 -21.87 4.60
CA VAL C 379 5.77 -22.51 5.90
C VAL C 379 5.83 -21.48 7.01
N LEU C 380 4.78 -21.45 7.81
CA LEU C 380 4.64 -20.49 8.90
C LEU C 380 4.72 -21.19 10.25
N TYR C 381 5.44 -20.56 11.17
CA TYR C 381 5.66 -21.13 12.49
C TYR C 381 5.54 -20.06 13.57
N CYS C 382 4.78 -20.37 14.61
CA CYS C 382 4.65 -19.53 15.78
C CYS C 382 5.23 -20.28 16.98
N GLN C 383 6.22 -19.69 17.65
CA GLN C 383 6.89 -20.41 18.72
C GLN C 383 5.97 -20.69 19.89
N THR C 384 5.95 -21.96 20.29
CA THR C 384 5.23 -22.39 21.48
C THR C 384 6.15 -23.28 22.31
N ALA C 385 5.71 -23.62 23.52
CA ALA C 385 6.53 -24.42 24.43
C ALA C 385 6.62 -25.87 24.01
N VAL C 386 5.71 -26.32 23.14
CA VAL C 386 5.68 -27.71 22.72
C VAL C 386 6.70 -27.98 21.62
N THR C 387 7.35 -26.91 21.14
CA THR C 387 8.30 -27.01 20.04
C THR C 387 9.64 -26.36 20.35
N THR C 388 10.61 -26.61 19.47
CA THR C 388 11.86 -25.84 19.43
C THR C 388 11.98 -25.23 18.05
N PRO C 389 12.29 -23.92 17.98
CA PRO C 389 12.44 -23.28 16.67
C PRO C 389 13.49 -23.95 15.80
N ILE C 390 14.63 -24.31 16.38
CA ILE C 390 15.70 -24.93 15.62
C ILE C 390 15.27 -26.33 15.16
N GLY C 391 14.47 -27.00 15.98
CA GLY C 391 13.97 -28.31 15.61
C GLY C 391 13.04 -28.22 14.41
N VAL C 392 12.23 -27.17 14.39
CA VAL C 392 11.32 -26.94 13.27
C VAL C 392 12.12 -26.60 12.01
N ALA C 393 13.14 -25.77 12.17
CA ALA C 393 13.98 -25.38 11.05
C ALA C 393 14.69 -26.58 10.45
N LYS C 394 15.22 -27.44 11.31
CA LYS C 394 15.92 -28.64 10.87
C LYS C 394 14.98 -29.57 10.14
N GLY C 395 13.74 -29.65 10.61
CA GLY C 395 12.73 -30.46 9.96
C GLY C 395 12.43 -29.97 8.55
N ILE C 396 12.35 -28.65 8.40
CA ILE C 396 12.09 -28.06 7.09
C ILE C 396 13.26 -28.32 6.14
N VAL C 397 14.49 -28.18 6.65
CA VAL C 397 15.67 -28.43 5.84
C VAL C 397 15.69 -29.88 5.35
N ASP C 398 15.46 -30.80 6.27
CA ASP C 398 15.45 -32.22 5.95
C ASP C 398 14.36 -32.56 4.94
N ALA C 399 13.20 -31.94 5.09
CA ALA C 399 12.09 -32.16 4.19
C ALA C 399 12.43 -31.69 2.79
N ILE C 400 13.05 -30.52 2.68
CA ILE C 400 13.42 -29.97 1.39
C ILE C 400 14.42 -30.87 0.68
N LYS C 401 15.39 -31.38 1.43
CA LYS C 401 16.40 -32.24 0.84
C LYS C 401 15.80 -33.55 0.34
N GLU C 402 15.05 -34.22 1.20
CA GLU C 402 14.49 -35.52 0.87
C GLU C 402 13.42 -35.40 -0.22
N ALA C 403 12.79 -34.24 -0.31
CA ALA C 403 11.82 -33.98 -1.37
C ALA C 403 12.46 -34.23 -2.73
N GLY C 404 13.75 -33.97 -2.82
CA GLY C 404 14.51 -34.28 -4.02
C GLY C 404 14.11 -33.47 -5.23
N ASN C 405 13.38 -32.38 -5.01
CA ASN C 405 13.00 -31.48 -6.10
C ASN C 405 13.38 -30.05 -5.78
N SER C 406 13.10 -29.16 -6.73
CA SER C 406 13.30 -27.74 -6.54
C SER C 406 11.99 -27.00 -6.71
N LYS C 407 11.24 -26.85 -5.61
CA LYS C 407 10.04 -26.03 -5.60
C LYS C 407 10.23 -24.80 -4.71
N PRO C 408 9.65 -23.65 -5.10
CA PRO C 408 9.83 -22.43 -4.31
C PRO C 408 9.36 -22.61 -2.87
N VAL C 409 10.20 -22.24 -1.90
CA VAL C 409 9.81 -22.26 -0.50
C VAL C 409 10.20 -20.98 0.23
N THR C 410 9.28 -20.43 1.00
CA THR C 410 9.61 -19.36 1.93
C THR C 410 9.13 -19.73 3.34
N VAL C 411 9.82 -19.20 4.35
CA VAL C 411 9.51 -19.51 5.74
C VAL C 411 9.30 -18.25 6.56
N GLY C 412 8.25 -18.27 7.38
CA GLY C 412 7.99 -17.22 8.34
C GLY C 412 7.95 -17.77 9.76
N MET C 413 8.83 -17.26 10.61
CA MET C 413 8.91 -17.72 12.00
C MET C 413 8.74 -16.55 12.96
N VAL C 414 7.85 -16.71 13.93
CA VAL C 414 7.56 -15.70 14.93
C VAL C 414 7.89 -16.19 16.33
N GLY C 415 8.70 -15.43 17.06
CA GLY C 415 9.01 -15.75 18.44
C GLY C 415 10.22 -14.99 18.95
N GLY C 416 10.77 -15.47 20.06
CA GLY C 416 11.87 -14.80 20.72
C GLY C 416 13.24 -15.05 20.11
N PRO C 417 14.30 -14.88 20.91
CA PRO C 417 15.69 -15.02 20.44
C PRO C 417 15.97 -16.37 19.76
N GLU C 418 15.32 -17.43 20.22
CA GLU C 418 15.52 -18.75 19.63
C GLU C 418 15.01 -18.76 18.19
N VAL C 419 13.92 -18.05 17.94
CA VAL C 419 13.41 -17.92 16.58
C VAL C 419 14.36 -17.10 15.73
N ALA C 420 14.93 -16.05 16.30
CA ALA C 420 15.89 -15.23 15.57
C ALA C 420 17.08 -16.07 15.13
N GLU C 421 17.53 -16.95 16.02
CA GLU C 421 18.64 -17.84 15.70
C GLU C 421 18.25 -18.84 14.60
N ALA C 422 17.04 -19.38 14.69
CA ALA C 422 16.57 -20.36 13.72
C ALA C 422 16.45 -19.75 12.33
N VAL C 423 15.92 -18.52 12.26
CA VAL C 423 15.79 -17.81 11.00
C VAL C 423 17.17 -17.61 10.37
N SER C 424 18.14 -17.26 11.20
CA SER C 424 19.50 -17.05 10.74
C SER C 424 20.08 -18.35 10.19
N PHE C 425 19.83 -19.45 10.90
CA PHE C 425 20.26 -20.77 10.46
C PHE C 425 19.72 -21.09 9.06
N LEU C 426 18.43 -20.86 8.87
CA LEU C 426 17.79 -21.16 7.60
C LEU C 426 18.32 -20.31 6.46
N ASN C 427 18.54 -19.02 6.73
CA ASN C 427 19.04 -18.12 5.70
C ASN C 427 20.47 -18.44 5.29
N LYS C 428 21.25 -18.96 6.24
CA LYS C 428 22.62 -19.38 5.93
C LYS C 428 22.61 -20.71 5.18
N GLN C 429 21.47 -21.39 5.17
CA GLN C 429 21.28 -22.56 4.34
C GLN C 429 20.74 -22.16 2.97
N ARG C 430 20.65 -20.85 2.72
CA ARG C 430 20.04 -20.31 1.51
C ARG C 430 18.59 -20.78 1.39
N ILE C 431 17.90 -20.83 2.51
CA ILE C 431 16.45 -21.01 2.54
C ILE C 431 15.85 -19.71 3.04
N ALA C 432 15.02 -19.08 2.20
CA ALA C 432 14.49 -17.76 2.50
C ALA C 432 13.60 -17.79 3.74
N ALA C 433 14.13 -17.28 4.85
CA ALA C 433 13.40 -17.25 6.12
C ALA C 433 13.28 -15.81 6.63
N TYR C 434 12.13 -15.51 7.22
CA TYR C 434 11.82 -14.16 7.68
C TYR C 434 11.14 -14.20 9.05
N PRO C 435 11.27 -13.12 9.83
CA PRO C 435 10.75 -13.12 11.20
C PRO C 435 9.24 -12.85 11.32
N THR C 436 8.54 -12.67 10.20
CA THR C 436 7.09 -12.52 10.26
C THR C 436 6.40 -13.20 9.08
N PRO C 437 5.13 -13.61 9.26
CA PRO C 437 4.40 -14.27 8.17
C PRO C 437 4.16 -13.36 6.97
N GLU C 438 4.01 -12.06 7.21
CA GLU C 438 3.76 -11.13 6.11
C GLU C 438 4.96 -11.03 5.19
N ARG C 439 6.15 -11.01 5.77
CA ARG C 439 7.37 -10.89 4.97
C ARG C 439 7.64 -12.18 4.20
N ALA C 440 7.37 -13.32 4.82
CA ALA C 440 7.52 -14.60 4.13
C ALA C 440 6.59 -14.64 2.91
N SER C 441 5.37 -14.16 3.09
CA SER C 441 4.36 -14.22 2.04
C SER C 441 4.59 -13.14 0.98
N SER C 442 5.18 -12.02 1.38
CA SER C 442 5.54 -10.98 0.44
C SER C 442 6.70 -11.47 -0.43
N ALA C 443 7.61 -12.21 0.18
CA ALA C 443 8.74 -12.79 -0.54
C ALA C 443 8.25 -13.79 -1.59
N MET C 444 7.34 -14.69 -1.17
CA MET C 444 6.74 -15.63 -2.10
C MET C 444 5.97 -14.89 -3.19
N SER C 445 5.32 -13.78 -2.81
CA SER C 445 4.60 -12.97 -3.79
C SER C 445 5.53 -12.43 -4.85
N ALA C 446 6.76 -12.10 -4.46
CA ALA C 446 7.75 -11.59 -5.41
C ALA C 446 8.07 -12.65 -6.46
N LEU C 447 8.18 -13.90 -6.03
CA LEU C 447 8.43 -14.99 -6.96
C LEU C 447 7.32 -15.08 -8.01
N TYR C 448 6.08 -14.98 -7.56
CA TYR C 448 4.95 -15.01 -8.49
C TYR C 448 4.88 -13.75 -9.33
N ALA C 449 5.27 -12.62 -8.74
CA ALA C 449 5.28 -11.35 -9.47
C ALA C 449 6.25 -11.46 -10.63
N TYR C 450 7.38 -12.09 -10.39
CA TYR C 450 8.38 -12.26 -11.43
C TYR C 450 7.90 -13.22 -12.52
N ALA C 451 7.24 -14.31 -12.11
CA ALA C 451 6.67 -15.25 -13.08
C ALA C 451 5.69 -14.54 -14.01
N ARG C 452 4.86 -13.68 -13.44
CA ARG C 452 3.87 -12.95 -14.22
C ARG C 452 4.54 -11.88 -15.09
N ALA C 453 5.58 -11.24 -14.56
CA ALA C 453 6.34 -10.26 -15.31
C ALA C 453 7.00 -10.91 -16.52
N ARG C 454 7.54 -12.10 -16.31
CA ARG C 454 8.18 -12.87 -17.36
C ARG C 454 7.18 -13.16 -18.46
N SER C 455 5.97 -13.55 -18.05
CA SER C 455 4.90 -13.86 -18.98
C SER C 455 4.49 -12.62 -19.77
N TYR C 456 4.46 -11.46 -19.11
CA TYR C 456 4.12 -10.22 -19.79
C TYR C 456 5.09 -9.96 -20.93
N VAL C 457 6.39 -10.06 -20.63
CA VAL C 457 7.42 -9.79 -21.62
C VAL C 457 7.35 -10.80 -22.78
N MET C 458 7.15 -12.07 -22.44
CA MET C 458 7.05 -13.12 -23.45
C MET C 458 5.92 -12.83 -24.42
N LYS C 459 4.74 -12.51 -23.89
CA LYS C 459 3.59 -12.21 -24.72
C LYS C 459 3.84 -10.96 -25.58
N SER C 460 4.49 -9.95 -24.99
CA SER C 460 4.76 -8.71 -25.71
C SER C 460 5.75 -8.92 -26.86
N LEU C 461 6.60 -9.93 -26.73
CA LEU C 461 7.60 -10.23 -27.76
C LEU C 461 7.11 -11.28 -28.76
N ALA C 462 5.89 -11.76 -28.57
CA ALA C 462 5.31 -12.77 -29.45
C ALA C 462 5.30 -12.34 -30.92
N VAL C 463 5.42 -13.32 -31.81
CA VAL C 463 5.40 -13.07 -33.26
C VAL C 463 3.96 -13.02 -33.75
N SER D 2 2.54 10.62 -50.98
CA SER D 2 2.68 10.20 -49.58
C SER D 2 1.91 11.13 -48.66
N SER D 3 1.40 10.57 -47.57
CA SER D 3 0.72 11.36 -46.56
C SER D 3 1.72 12.28 -45.86
N ARG D 4 3.01 11.99 -46.01
CA ARG D 4 4.05 12.84 -45.44
C ARG D 4 4.08 14.19 -46.13
N ASP D 5 3.49 14.27 -47.32
CA ASP D 5 3.39 15.55 -48.03
C ASP D 5 2.63 16.57 -47.19
N LEU D 6 1.67 16.08 -46.41
CA LEU D 6 0.90 16.97 -45.53
C LEU D 6 1.83 17.61 -44.51
N LEU D 7 2.69 16.81 -43.90
CA LEU D 7 3.63 17.30 -42.89
C LEU D 7 4.63 18.27 -43.52
N LEU D 8 5.13 17.91 -44.70
CA LEU D 8 6.13 18.73 -45.38
C LEU D 8 5.53 20.07 -45.78
N LYS D 9 4.30 20.04 -46.26
CA LYS D 9 3.59 21.25 -46.67
C LYS D 9 3.41 22.18 -45.47
N ALA D 10 2.98 21.62 -44.34
CA ALA D 10 2.78 22.40 -43.12
C ALA D 10 4.08 23.03 -42.66
N LYS D 11 5.17 22.27 -42.75
CA LYS D 11 6.48 22.77 -42.33
C LYS D 11 6.92 23.89 -43.27
N GLU D 12 6.65 23.71 -44.57
CA GLU D 12 7.05 24.67 -45.58
C GLU D 12 6.31 25.98 -45.41
N ASN D 13 5.13 25.92 -44.80
CA ASN D 13 4.32 27.12 -44.56
C ASN D 13 4.55 27.69 -43.17
N GLY D 14 5.54 27.17 -42.46
CA GLY D 14 5.90 27.69 -41.15
C GLY D 14 4.80 27.50 -40.11
N ARG D 15 4.01 26.44 -40.30
CA ARG D 15 2.93 26.11 -39.38
C ARG D 15 3.40 25.11 -38.33
N LYS D 16 2.90 25.27 -37.11
CA LYS D 16 3.32 24.43 -35.99
C LYS D 16 2.31 23.32 -35.76
N SER D 17 1.26 23.28 -36.57
CA SER D 17 0.21 22.29 -36.40
C SER D 17 -0.44 21.99 -37.73
N LEU D 18 -1.00 20.78 -37.86
CA LEU D 18 -1.76 20.42 -39.03
C LEU D 18 -3.18 20.92 -38.85
N LEU D 19 -3.80 21.38 -39.92
CA LEU D 19 -5.20 21.78 -39.86
C LEU D 19 -6.04 20.55 -39.55
N GLU D 20 -7.28 20.77 -39.14
CA GLU D 20 -8.14 19.69 -38.68
C GLU D 20 -8.30 18.60 -39.74
N HIS D 21 -8.56 19.00 -40.97
CA HIS D 21 -8.82 18.03 -42.03
C HIS D 21 -7.55 17.30 -42.43
N GLU D 22 -6.42 18.00 -42.42
CA GLU D 22 -5.15 17.38 -42.74
C GLU D 22 -4.80 16.32 -41.71
N ALA D 23 -5.09 16.62 -40.45
CA ALA D 23 -4.80 15.69 -39.36
C ALA D 23 -5.61 14.40 -39.53
N LYS D 24 -6.89 14.55 -39.88
CA LYS D 24 -7.75 13.40 -40.08
C LYS D 24 -7.30 12.57 -41.28
N TYR D 25 -6.94 13.22 -42.37
CA TYR D 25 -6.43 12.51 -43.54
C TYR D 25 -5.19 11.69 -43.18
N PHE D 26 -4.28 12.31 -42.46
CA PHE D 26 -3.03 11.67 -42.04
C PHE D 26 -3.29 10.46 -41.16
N ILE D 27 -4.20 10.63 -40.20
CA ILE D 27 -4.59 9.54 -39.30
C ILE D 27 -5.28 8.41 -40.06
N SER D 28 -6.07 8.78 -41.05
CA SER D 28 -6.79 7.81 -41.86
C SER D 28 -5.83 6.94 -42.66
N SER D 29 -4.76 7.54 -43.15
CA SER D 29 -3.82 6.81 -44.01
C SER D 29 -3.01 5.79 -43.22
N TYR D 30 -3.03 5.89 -41.89
CA TYR D 30 -2.37 4.90 -41.04
C TYR D 30 -3.36 3.82 -40.61
N GLY D 31 -4.58 3.89 -41.12
CA GLY D 31 -5.59 2.87 -40.87
C GLY D 31 -6.40 3.07 -39.60
N ILE D 32 -6.44 4.30 -39.10
CA ILE D 32 -7.28 4.63 -37.96
C ILE D 32 -8.58 5.27 -38.47
N PRO D 33 -9.74 4.68 -38.13
CA PRO D 33 -11.00 5.23 -38.67
C PRO D 33 -11.34 6.62 -38.18
N VAL D 34 -11.88 7.45 -39.08
CA VAL D 34 -12.26 8.82 -38.75
C VAL D 34 -13.64 9.17 -39.30
N THR D 35 -14.26 10.18 -38.71
CA THR D 35 -15.50 10.72 -39.24
C THR D 35 -15.21 11.38 -40.58
N ASN D 36 -16.05 11.11 -41.58
CA ASN D 36 -15.79 11.60 -42.92
C ASN D 36 -15.87 13.13 -42.96
N ILE D 37 -14.98 13.73 -43.74
CA ILE D 37 -14.93 15.18 -43.87
C ILE D 37 -14.52 15.66 -45.26
N ARG D 38 -14.89 16.90 -45.57
CA ARG D 38 -14.48 17.56 -46.81
C ARG D 38 -14.17 19.03 -46.56
N LEU D 39 -13.17 19.55 -47.26
CA LEU D 39 -12.82 20.97 -47.14
C LEU D 39 -13.49 21.79 -48.24
N ALA D 40 -14.39 22.69 -47.83
CA ALA D 40 -15.12 23.53 -48.76
C ALA D 40 -14.38 24.84 -48.98
N LYS D 41 -14.05 25.13 -50.23
CA LYS D 41 -13.36 26.37 -50.60
C LYS D 41 -14.36 27.40 -51.11
N SER D 42 -15.57 26.94 -51.42
CA SER D 42 -16.64 27.81 -51.89
C SER D 42 -17.98 27.30 -51.40
N GLU D 43 -19.00 28.15 -51.47
CA GLU D 43 -20.35 27.75 -51.09
C GLU D 43 -20.85 26.60 -51.97
N GLU D 44 -20.51 26.67 -53.25
CA GLU D 44 -20.91 25.65 -54.21
C GLU D 44 -20.27 24.31 -53.88
N GLU D 45 -19.07 24.36 -53.32
CA GLU D 45 -18.36 23.16 -52.88
C GLU D 45 -18.92 22.66 -51.55
N ALA D 46 -19.27 23.57 -50.66
CA ALA D 46 -19.84 23.20 -49.38
C ALA D 46 -21.17 22.47 -49.56
N VAL D 47 -22.02 23.00 -50.44
CA VAL D 47 -23.29 22.37 -50.74
C VAL D 47 -23.05 21.03 -51.44
N ASN D 48 -22.16 21.07 -52.42
CA ASN D 48 -21.81 19.89 -53.20
C ASN D 48 -21.31 18.74 -52.32
N PHE D 49 -20.48 19.07 -51.34
CA PHE D 49 -19.89 18.10 -50.44
C PHE D 49 -20.88 17.64 -49.36
N SER D 50 -21.69 18.58 -48.86
CA SER D 50 -22.65 18.27 -47.81
C SER D 50 -23.68 17.25 -48.30
N ARG D 51 -24.21 17.50 -49.49
CA ARG D 51 -25.16 16.59 -50.10
C ARG D 51 -24.48 15.26 -50.43
N GLU D 52 -23.19 15.34 -50.75
CA GLU D 52 -22.44 14.15 -51.15
C GLU D 52 -22.34 13.08 -50.05
N ILE D 53 -21.91 13.49 -48.86
CA ILE D 53 -21.66 12.54 -47.78
C ILE D 53 -22.91 12.27 -46.93
N GLY D 54 -23.92 13.12 -47.07
CA GLY D 54 -25.20 12.89 -46.41
C GLY D 54 -25.42 13.64 -45.12
N PHE D 55 -26.68 14.00 -44.90
CA PHE D 55 -27.10 14.82 -43.76
C PHE D 55 -27.43 13.99 -42.53
N PRO D 56 -27.35 14.60 -41.33
CA PRO D 56 -26.94 15.99 -41.10
C PRO D 56 -25.43 16.18 -41.03
N VAL D 57 -24.98 17.39 -41.31
CA VAL D 57 -23.56 17.71 -41.25
C VAL D 57 -23.29 18.87 -40.29
N VAL D 58 -22.03 18.98 -39.87
CA VAL D 58 -21.59 20.06 -39.01
C VAL D 58 -20.59 20.94 -39.75
N LEU D 59 -20.69 22.25 -39.55
CA LEU D 59 -19.77 23.21 -40.18
C LEU D 59 -18.94 23.96 -39.15
N LYS D 60 -17.63 24.03 -39.37
CA LYS D 60 -16.74 24.82 -38.54
C LYS D 60 -15.58 25.41 -39.36
N ILE D 61 -14.99 26.48 -38.84
CA ILE D 61 -13.94 27.18 -39.55
C ILE D 61 -12.61 26.43 -39.62
N VAL D 62 -11.93 26.57 -40.76
CA VAL D 62 -10.59 26.03 -40.96
C VAL D 62 -9.65 27.17 -41.31
N SER D 63 -8.81 27.55 -40.36
CA SER D 63 -7.84 28.63 -40.56
C SER D 63 -6.67 28.54 -39.59
N PRO D 64 -5.45 28.75 -40.09
CA PRO D 64 -4.32 28.81 -39.15
C PRO D 64 -4.52 29.93 -38.13
N GLN D 65 -5.23 30.98 -38.54
CA GLN D 65 -5.46 32.13 -37.68
C GLN D 65 -6.63 31.89 -36.75
N VAL D 77 -24.21 24.31 -37.47
CA VAL D 77 -24.29 22.98 -36.87
C VAL D 77 -25.68 22.40 -37.11
N ASN D 78 -25.75 21.07 -37.25
CA ASN D 78 -27.03 20.38 -37.42
C ASN D 78 -27.78 20.84 -38.67
N LEU D 79 -27.08 20.85 -39.80
CA LEU D 79 -27.68 21.22 -41.10
C LEU D 79 -28.28 20.02 -41.81
N ARG D 80 -29.49 20.19 -42.37
CA ARG D 80 -30.23 19.06 -42.94
C ARG D 80 -30.47 19.17 -44.45
N SER D 81 -30.40 20.39 -44.99
CA SER D 81 -30.64 20.59 -46.41
C SER D 81 -29.78 21.71 -46.96
N GLU D 82 -29.62 21.75 -48.28
CA GLU D 82 -28.93 22.83 -48.96
C GLU D 82 -29.52 24.18 -48.57
N GLU D 83 -30.84 24.22 -48.39
CA GLU D 83 -31.52 25.45 -48.03
C GLU D 83 -31.03 25.93 -46.66
N GLU D 84 -30.96 25.02 -45.71
CA GLU D 84 -30.48 25.34 -44.37
C GLU D 84 -28.97 25.65 -44.33
N VAL D 85 -28.22 24.98 -45.20
CA VAL D 85 -26.76 25.09 -45.20
C VAL D 85 -26.28 26.41 -45.78
N ARG D 86 -27.00 26.92 -46.78
CA ARG D 86 -26.63 28.19 -47.40
C ARG D 86 -26.59 29.30 -46.36
N LYS D 87 -27.49 29.23 -45.38
CA LYS D 87 -27.51 30.20 -44.30
C LYS D 87 -26.27 30.06 -43.40
N ALA D 88 -25.99 28.83 -43.00
CA ALA D 88 -24.87 28.55 -42.10
C ALA D 88 -23.53 28.96 -42.69
N TYR D 89 -23.36 28.77 -43.99
CA TYR D 89 -22.12 29.13 -44.66
C TYR D 89 -21.79 30.60 -44.41
N ARG D 90 -22.76 31.47 -44.68
CA ARG D 90 -22.54 32.91 -44.53
C ARG D 90 -22.51 33.30 -43.06
N GLU D 91 -23.31 32.61 -42.24
CA GLU D 91 -23.35 32.86 -40.80
C GLU D 91 -21.98 32.61 -40.17
N ILE D 92 -21.31 31.56 -40.65
CA ILE D 92 -20.00 31.19 -40.13
C ILE D 92 -18.97 32.21 -40.58
N ILE D 93 -19.06 32.63 -41.84
CA ILE D 93 -18.17 33.65 -42.37
C ILE D 93 -18.27 34.94 -41.55
N GLU D 94 -19.49 35.35 -41.25
CA GLU D 94 -19.72 36.59 -40.49
C GLU D 94 -19.26 36.46 -39.04
N ASN D 95 -19.77 35.45 -38.35
CA ASN D 95 -19.46 35.25 -36.93
C ASN D 95 -17.96 35.08 -36.69
N GLU D 104 -8.56 35.51 -41.82
CA GLU D 104 -7.86 34.94 -42.97
C GLU D 104 -8.08 33.43 -43.00
N ILE D 105 -9.09 33.03 -43.77
CA ILE D 105 -9.58 31.65 -43.78
C ILE D 105 -8.97 30.74 -44.85
N GLU D 106 -8.74 29.49 -44.49
CA GLU D 106 -8.28 28.47 -45.44
C GLU D 106 -9.49 27.79 -46.07
N GLY D 107 -10.62 27.80 -45.36
CA GLY D 107 -11.84 27.20 -45.86
C GLY D 107 -12.81 26.83 -44.76
N ILE D 108 -13.87 26.11 -45.13
CA ILE D 108 -14.87 25.63 -44.17
C ILE D 108 -14.99 24.12 -44.23
N LEU D 109 -15.01 23.50 -43.04
CA LEU D 109 -15.03 22.04 -42.93
C LEU D 109 -16.45 21.49 -42.85
N VAL D 110 -16.75 20.53 -43.72
CA VAL D 110 -18.03 19.83 -43.69
C VAL D 110 -17.82 18.46 -43.08
N GLN D 111 -18.43 18.22 -41.91
CA GLN D 111 -18.18 16.99 -41.15
C GLN D 111 -19.42 16.13 -41.01
N GLU D 112 -19.24 14.83 -41.22
CA GLU D 112 -20.30 13.84 -41.05
C GLU D 112 -20.76 13.78 -39.59
N PHE D 113 -22.01 13.39 -39.37
CA PHE D 113 -22.53 13.25 -38.01
C PHE D 113 -22.04 11.97 -37.34
N ALA D 114 -21.69 12.10 -36.06
CA ALA D 114 -21.16 10.98 -35.27
C ALA D 114 -22.18 10.47 -34.24
N PRO D 115 -22.77 9.29 -34.49
CA PRO D 115 -23.69 8.75 -33.49
C PRO D 115 -23.05 8.66 -32.10
N PRO D 116 -23.81 8.95 -31.04
CA PRO D 116 -23.25 8.94 -29.68
C PRO D 116 -22.70 7.56 -29.28
N GLY D 117 -21.76 7.56 -28.34
CA GLY D 117 -21.17 6.33 -27.83
C GLY D 117 -20.30 6.60 -26.62
N VAL D 118 -19.42 5.65 -26.31
CA VAL D 118 -18.47 5.81 -25.21
C VAL D 118 -17.25 6.56 -25.70
N GLU D 119 -16.93 7.68 -25.08
CA GLU D 119 -15.83 8.52 -25.52
C GLU D 119 -14.48 8.04 -24.99
N LEU D 120 -13.46 8.10 -25.84
CA LEU D 120 -12.10 7.70 -25.48
C LEU D 120 -11.09 8.78 -25.85
N ILE D 121 -9.97 8.79 -25.13
CA ILE D 121 -8.80 9.59 -25.52
C ILE D 121 -7.63 8.68 -25.83
N ILE D 122 -7.05 8.89 -27.01
CA ILE D 122 -5.80 8.26 -27.39
C ILE D 122 -4.79 9.35 -27.67
N GLY D 123 -3.72 9.37 -26.89
CA GLY D 123 -2.71 10.41 -26.98
C GLY D 123 -1.36 9.87 -27.40
N LEU D 124 -0.52 10.78 -27.88
CA LEU D 124 0.86 10.48 -28.19
C LEU D 124 1.72 11.66 -27.78
N LEU D 125 2.72 11.40 -26.95
CA LEU D 125 3.65 12.42 -26.51
C LEU D 125 5.07 11.90 -26.64
N ARG D 126 6.04 12.78 -26.43
CA ARG D 126 7.45 12.39 -26.50
C ARG D 126 8.12 12.65 -25.16
N ASP D 127 8.50 11.57 -24.49
CA ASP D 127 9.17 11.66 -23.20
C ASP D 127 10.67 11.78 -23.41
N PRO D 128 11.34 12.66 -22.66
CA PRO D 128 12.80 12.85 -22.82
C PRO D 128 13.60 11.56 -22.74
N GLN D 129 13.21 10.66 -21.84
CA GLN D 129 13.91 9.39 -21.67
C GLN D 129 13.49 8.34 -22.68
N PHE D 130 12.18 8.12 -22.78
CA PHE D 130 11.66 6.94 -23.46
C PHE D 130 11.12 7.21 -24.86
N GLY D 131 11.19 8.46 -25.31
CA GLY D 131 10.73 8.81 -26.65
C GLY D 131 9.22 8.65 -26.80
N PRO D 132 8.75 8.33 -28.03
CA PRO D 132 7.30 8.28 -28.29
C PRO D 132 6.54 7.34 -27.36
N THR D 133 5.54 7.90 -26.67
CA THR D 133 4.75 7.18 -25.69
C THR D 133 3.26 7.37 -25.97
N VAL D 134 2.50 6.29 -25.84
CA VAL D 134 1.06 6.32 -26.09
C VAL D 134 0.29 6.46 -24.79
N MET D 135 -0.74 7.31 -24.82
CA MET D 135 -1.60 7.55 -23.67
C MET D 135 -3.02 7.08 -23.97
N PHE D 136 -3.66 6.45 -22.98
CA PHE D 136 -5.06 6.03 -23.12
C PHE D 136 -5.89 6.41 -21.91
N GLY D 137 -7.16 6.72 -22.16
CA GLY D 137 -8.12 6.98 -21.10
C GLY D 137 -9.51 7.19 -21.65
N LEU D 138 -10.51 7.13 -20.76
CA LEU D 138 -11.88 7.44 -21.14
C LEU D 138 -12.14 8.94 -21.05
N GLY D 139 -13.10 9.41 -21.84
CA GLY D 139 -13.35 10.83 -21.98
C GLY D 139 -14.12 11.50 -20.87
N GLY D 140 -14.49 12.75 -21.13
CA GLY D 140 -15.18 13.57 -20.16
C GLY D 140 -14.31 13.81 -18.94
N VAL D 141 -14.92 13.67 -17.78
CA VAL D 141 -14.25 13.96 -16.53
C VAL D 141 -13.12 12.98 -16.24
N PHE D 142 -13.23 11.76 -16.79
CA PHE D 142 -12.34 10.69 -16.36
C PHE D 142 -10.88 10.96 -16.66
N VAL D 143 -10.59 11.59 -17.80
CA VAL D 143 -9.23 12.07 -18.06
C VAL D 143 -9.09 13.52 -17.61
N GLU D 144 -10.03 14.35 -18.05
CA GLU D 144 -9.93 15.80 -17.86
C GLU D 144 -9.87 16.19 -16.39
N LEU D 145 -10.59 15.46 -15.55
CA LEU D 145 -10.74 15.82 -14.14
C LEU D 145 -10.02 14.85 -13.21
N PHE D 146 -10.21 13.55 -13.43
CA PHE D 146 -9.64 12.54 -12.55
C PHE D 146 -8.25 12.08 -12.99
N ARG D 147 -7.84 12.45 -14.19
CA ARG D 147 -6.54 12.07 -14.72
C ARG D 147 -6.35 10.55 -14.72
N ASP D 148 -7.44 9.82 -14.95
CA ASP D 148 -7.37 8.36 -14.99
C ASP D 148 -6.78 7.92 -16.32
N VAL D 149 -5.46 7.78 -16.35
CA VAL D 149 -4.74 7.53 -17.60
C VAL D 149 -3.71 6.40 -17.49
N SER D 150 -3.45 5.74 -18.61
CA SER D 150 -2.39 4.75 -18.69
C SER D 150 -1.39 5.12 -19.78
N PHE D 151 -0.16 4.67 -19.62
CA PHE D 151 0.92 4.95 -20.58
C PHE D 151 1.61 3.67 -21.02
N ARG D 152 2.01 3.64 -22.29
CA ARG D 152 2.88 2.59 -22.82
C ARG D 152 3.87 3.18 -23.82
N VAL D 153 5.14 2.82 -23.68
CA VAL D 153 6.19 3.31 -24.57
C VAL D 153 6.12 2.56 -25.91
N ALA D 154 6.15 3.32 -27.00
CA ALA D 154 6.02 2.74 -28.34
C ALA D 154 7.35 2.19 -28.84
N PRO D 155 7.31 1.21 -29.76
CA PRO D 155 6.12 0.62 -30.37
C PRO D 155 5.33 -0.29 -29.43
N LEU D 156 4.01 -0.33 -29.61
CA LEU D 156 3.13 -1.12 -28.76
C LEU D 156 2.89 -2.52 -29.30
N SER D 157 3.01 -3.50 -28.41
CA SER D 157 2.59 -4.86 -28.73
C SER D 157 1.09 -4.98 -28.47
N GLU D 158 0.50 -6.08 -28.90
CA GLU D 158 -0.89 -6.38 -28.61
C GLU D 158 -1.09 -6.49 -27.10
N GLN D 159 -0.10 -7.08 -26.43
CA GLN D 159 -0.11 -7.24 -24.98
C GLN D 159 -0.02 -5.88 -24.28
N ASP D 160 0.73 -4.96 -24.86
CA ASP D 160 0.83 -3.61 -24.32
C ASP D 160 -0.52 -2.90 -24.41
N ALA D 161 -1.15 -2.98 -25.57
CA ALA D 161 -2.40 -2.29 -25.82
C ALA D 161 -3.51 -2.84 -24.91
N GLU D 162 -3.62 -4.17 -24.86
CA GLU D 162 -4.67 -4.79 -24.07
C GLU D 162 -4.52 -4.43 -22.59
N SER D 163 -3.31 -4.59 -22.06
CA SER D 163 -3.07 -4.37 -20.64
C SER D 163 -3.25 -2.90 -20.24
N MET D 164 -2.87 -1.99 -21.11
CA MET D 164 -2.99 -0.57 -20.77
C MET D 164 -4.47 -0.18 -20.78
N ILE D 165 -5.27 -0.86 -21.60
CA ILE D 165 -6.71 -0.65 -21.57
C ILE D 165 -7.32 -1.17 -20.27
N LYS D 166 -6.98 -2.40 -19.90
CA LYS D 166 -7.56 -3.01 -18.71
C LYS D 166 -7.12 -2.29 -17.43
N GLU D 167 -6.06 -1.49 -17.55
CA GLU D 167 -5.41 -0.90 -16.39
C GLU D 167 -6.16 0.29 -15.78
N VAL D 168 -6.83 1.08 -16.60
CA VAL D 168 -7.46 2.30 -16.11
C VAL D 168 -8.67 2.01 -15.22
N LYS D 169 -8.90 2.88 -14.25
CA LYS D 169 -9.95 2.66 -13.25
C LYS D 169 -11.35 2.68 -13.87
N ALA D 170 -11.50 3.42 -14.97
CA ALA D 170 -12.79 3.54 -15.63
C ALA D 170 -12.94 2.49 -16.73
N TYR D 171 -12.16 1.41 -16.62
CA TYR D 171 -12.20 0.34 -17.60
C TYR D 171 -13.60 -0.22 -17.78
N LYS D 172 -14.30 -0.43 -16.67
CA LYS D 172 -15.59 -1.09 -16.70
C LYS D 172 -16.61 -0.41 -17.63
N LEU D 173 -16.35 0.85 -17.97
CA LEU D 173 -17.24 1.58 -18.88
C LEU D 173 -17.18 1.04 -20.31
N LEU D 174 -16.25 0.12 -20.58
CA LEU D 174 -16.09 -0.45 -21.90
C LEU D 174 -16.71 -1.84 -22.02
N THR D 175 -17.12 -2.41 -20.88
CA THR D 175 -17.57 -3.79 -20.82
C THR D 175 -19.05 -3.91 -20.51
N GLY D 176 -19.78 -2.81 -20.66
CA GLY D 176 -21.22 -2.83 -20.51
C GLY D 176 -21.69 -2.35 -19.15
N PHE D 177 -22.56 -1.35 -19.16
CA PHE D 177 -23.16 -0.83 -17.94
C PHE D 177 -24.56 -0.31 -18.27
N ARG D 178 -25.26 0.20 -17.27
CA ARG D 178 -26.65 0.61 -17.41
C ARG D 178 -26.86 1.49 -18.65
N GLY D 179 -27.54 0.93 -19.65
CA GLY D 179 -27.93 1.68 -20.83
C GLY D 179 -26.84 1.80 -21.87
N MET D 180 -25.87 0.89 -21.84
CA MET D 180 -24.76 0.93 -22.78
C MET D 180 -24.14 -0.45 -22.95
N GLU D 181 -24.09 -0.93 -24.18
CA GLU D 181 -23.51 -2.24 -24.48
C GLU D 181 -21.98 -2.20 -24.47
N PRO D 182 -21.34 -3.37 -24.36
CA PRO D 182 -19.88 -3.44 -24.48
C PRO D 182 -19.39 -2.94 -25.83
N VAL D 183 -18.20 -2.35 -25.86
CA VAL D 183 -17.65 -1.79 -27.10
C VAL D 183 -16.52 -2.67 -27.64
N ASP D 184 -16.08 -2.35 -28.85
CA ASP D 184 -15.08 -3.15 -29.56
C ASP D 184 -13.67 -2.91 -29.01
N ILE D 185 -13.27 -3.72 -28.03
CA ILE D 185 -11.97 -3.59 -27.41
C ILE D 185 -10.83 -3.78 -28.42
N GLU D 186 -11.04 -4.70 -29.35
CA GLU D 186 -10.04 -4.99 -30.37
C GLU D 186 -9.79 -3.79 -31.26
N ALA D 187 -10.86 -3.06 -31.57
CA ALA D 187 -10.75 -1.85 -32.37
C ALA D 187 -9.90 -0.82 -31.62
N ILE D 188 -10.09 -0.73 -30.32
CA ILE D 188 -9.33 0.20 -29.50
C ILE D 188 -7.85 -0.18 -29.46
N LYS D 189 -7.58 -1.47 -29.27
CA LYS D 189 -6.20 -1.97 -29.24
C LYS D 189 -5.50 -1.65 -30.54
N ASP D 190 -6.22 -1.88 -31.63
CA ASP D 190 -5.72 -1.64 -32.97
C ASP D 190 -5.29 -0.20 -33.16
N ALA D 191 -6.15 0.72 -32.68
CA ALA D 191 -5.88 2.15 -32.83
C ALA D 191 -4.71 2.58 -31.96
N LEU D 192 -4.60 2.01 -30.76
CA LEU D 192 -3.50 2.34 -29.87
C LEU D 192 -2.17 1.94 -30.49
N ILE D 193 -2.13 0.76 -31.08
CA ILE D 193 -0.92 0.24 -31.70
C ILE D 193 -0.51 1.12 -32.88
N ARG D 194 -1.48 1.56 -33.66
CA ARG D 194 -1.20 2.40 -34.82
C ARG D 194 -0.78 3.81 -34.41
N ALA D 195 -1.33 4.29 -33.29
CA ALA D 195 -0.93 5.58 -32.75
C ALA D 195 0.55 5.56 -32.39
N GLY D 196 0.98 4.45 -31.78
CA GLY D 196 2.38 4.28 -31.44
C GLY D 196 3.27 4.29 -32.67
N ARG D 197 2.81 3.64 -33.73
CA ARG D 197 3.56 3.57 -34.98
C ARG D 197 3.74 4.95 -35.61
N ILE D 198 2.70 5.76 -35.56
CA ILE D 198 2.77 7.14 -36.02
C ILE D 198 3.89 7.88 -35.30
N GLY D 199 3.96 7.70 -33.99
CA GLY D 199 4.95 8.38 -33.19
C GLY D 199 6.37 7.90 -33.45
N VAL D 200 6.52 6.61 -33.71
CA VAL D 200 7.86 6.06 -33.93
C VAL D 200 8.40 6.50 -35.28
N GLU D 201 7.55 6.49 -36.30
CA GLU D 201 7.99 6.71 -37.67
C GLU D 201 8.13 8.18 -38.07
N ASN D 202 7.33 9.04 -37.45
CA ASN D 202 7.30 10.46 -37.83
C ASN D 202 7.96 11.34 -36.77
N GLU D 203 9.26 11.57 -36.94
CA GLU D 203 10.05 12.34 -35.99
C GLU D 203 9.50 13.74 -35.79
N GLU D 204 8.98 14.33 -36.86
CA GLU D 204 8.57 15.73 -36.83
C GLU D 204 7.23 15.92 -36.10
N ILE D 205 6.58 14.83 -35.73
CA ILE D 205 5.37 14.92 -34.91
C ILE D 205 5.74 14.94 -33.44
N ALA D 206 5.49 16.07 -32.79
CA ALA D 206 5.85 16.26 -31.39
C ALA D 206 4.79 15.71 -30.45
N GLU D 207 3.53 15.81 -30.86
CA GLU D 207 2.41 15.46 -30.00
C GLU D 207 1.17 15.22 -30.85
N MET D 208 0.35 14.27 -30.42
CA MET D 208 -0.91 13.98 -31.10
C MET D 208 -2.01 13.70 -30.09
N ASP D 209 -3.18 14.29 -30.34
CA ASP D 209 -4.33 14.13 -29.47
C ASP D 209 -5.53 13.69 -30.27
N LEU D 210 -5.96 12.45 -30.05
CA LEU D 210 -7.20 11.94 -30.63
C LEU D 210 -8.28 12.05 -29.58
N ASN D 211 -9.11 13.08 -29.70
CA ASN D 211 -10.05 13.42 -28.65
C ASN D 211 -11.12 14.40 -29.12
N PRO D 212 -12.40 13.99 -29.08
CA PRO D 212 -12.89 12.69 -28.63
C PRO D 212 -12.77 11.60 -29.68
N VAL D 213 -12.65 10.35 -29.20
CA VAL D 213 -12.77 9.16 -30.01
C VAL D 213 -14.00 8.41 -29.51
N ILE D 214 -14.82 7.92 -30.44
CA ILE D 214 -16.08 7.27 -30.05
C ILE D 214 -15.99 5.78 -30.30
N ALA D 215 -16.21 5.01 -29.23
CA ALA D 215 -16.23 3.56 -29.30
C ALA D 215 -17.66 3.05 -29.39
N TYR D 216 -17.88 2.13 -30.33
CA TYR D 216 -19.19 1.51 -30.53
C TYR D 216 -19.06 0.02 -30.27
N PRO D 217 -20.20 -0.69 -30.21
CA PRO D 217 -20.14 -2.15 -30.11
C PRO D 217 -19.32 -2.77 -31.25
N LYS D 218 -19.18 -2.02 -32.35
CA LYS D 218 -18.36 -2.45 -33.47
C LYS D 218 -17.59 -1.28 -34.05
N GLY D 219 -16.26 -1.32 -33.90
CA GLY D 219 -15.39 -0.30 -34.45
C GLY D 219 -15.34 0.97 -33.62
N ILE D 220 -14.46 1.89 -34.01
CA ILE D 220 -14.34 3.20 -33.36
C ILE D 220 -14.24 4.28 -34.42
N LYS D 221 -14.46 5.53 -34.03
CA LYS D 221 -14.30 6.66 -34.95
C LYS D 221 -13.70 7.89 -34.28
N VAL D 222 -12.52 8.30 -34.72
CA VAL D 222 -11.94 9.54 -34.23
C VAL D 222 -12.77 10.72 -34.73
N VAL D 223 -13.34 11.47 -33.80
CA VAL D 223 -14.17 12.63 -34.17
C VAL D 223 -13.32 13.87 -34.35
N ASP D 224 -12.35 14.07 -33.45
CA ASP D 224 -11.47 15.23 -33.55
C ASP D 224 -10.01 14.82 -33.35
N ALA D 225 -9.13 15.41 -34.14
CA ALA D 225 -7.70 15.08 -34.11
C ALA D 225 -6.83 16.31 -34.11
N ARG D 226 -5.82 16.32 -33.23
CA ARG D 226 -4.86 17.41 -33.16
C ARG D 226 -3.44 16.86 -33.25
N ILE D 227 -2.67 17.39 -34.19
CA ILE D 227 -1.28 16.99 -34.40
C ILE D 227 -0.39 18.23 -34.36
N ILE D 228 0.60 18.20 -33.48
CA ILE D 228 1.56 19.28 -33.33
C ILE D 228 2.91 18.90 -33.93
N LEU D 229 3.52 19.84 -34.62
CA LEU D 229 4.80 19.62 -35.31
C LEU D 229 5.96 20.21 -34.54
N ARG D 230 7.18 19.79 -34.89
CA ARG D 230 8.38 20.36 -34.32
C ARG D 230 9.48 20.48 -35.39
NA NA E . 8.20 -29.08 45.23
NA NA F . -48.04 5.06 6.59
#